data_1UMI
# 
_entry.id   1UMI 
# 
_audit_conform.dict_name       mmcif_pdbx.dic 
_audit_conform.dict_version    5.383 
_audit_conform.dict_location   http://mmcif.pdb.org/dictionaries/ascii/mmcif_pdbx.dic 
# 
loop_
_database_2.database_id 
_database_2.database_code 
_database_2.pdbx_database_accession 
_database_2.pdbx_DOI 
PDB   1UMI         pdb_00001umi 10.2210/pdb1umi/pdb 
RCSB  RCSB005991   ?            ?                   
WWPDB D_1000005991 ?            ?                   
# 
loop_
_pdbx_audit_revision_history.ordinal 
_pdbx_audit_revision_history.data_content_type 
_pdbx_audit_revision_history.major_revision 
_pdbx_audit_revision_history.minor_revision 
_pdbx_audit_revision_history.revision_date 
1 'Structure model' 1 0 2004-04-06 
2 'Structure model' 1 1 2009-01-19 
3 'Structure model' 1 2 2011-07-13 
4 'Structure model' 1 3 2019-11-06 
5 'Structure model' 2 0 2020-07-29 
6 'Structure model' 2 1 2021-11-10 
7 'Structure model' 2 2 2023-12-27 
# 
loop_
_pdbx_audit_revision_details.ordinal 
_pdbx_audit_revision_details.revision_ordinal 
_pdbx_audit_revision_details.data_content_type 
_pdbx_audit_revision_details.provider 
_pdbx_audit_revision_details.type 
_pdbx_audit_revision_details.description 
_pdbx_audit_revision_details.details 
1 1 'Structure model' repository 'Initial release' ?                          ? 
2 5 'Structure model' repository Remediation       'Carbohydrate remediation' ? 
# 
loop_
_pdbx_audit_revision_group.ordinal 
_pdbx_audit_revision_group.revision_ordinal 
_pdbx_audit_revision_group.data_content_type 
_pdbx_audit_revision_group.group 
1  2 'Structure model' 'Version format compliance' 
2  3 'Structure model' 'Non-polymer description'   
3  3 'Structure model' 'Version format compliance' 
4  4 'Structure model' 'Data collection'           
5  4 'Structure model' 'Database references'       
6  4 'Structure model' 'Derived calculations'      
7  5 'Structure model' 'Atomic model'              
8  5 'Structure model' 'Data collection'           
9  5 'Structure model' 'Derived calculations'      
10 5 'Structure model' 'Structure summary'         
11 6 'Structure model' 'Database references'       
12 6 'Structure model' 'Derived calculations'      
13 6 'Structure model' 'Structure summary'         
14 7 'Structure model' 'Data collection'           
# 
loop_
_pdbx_audit_revision_category.ordinal 
_pdbx_audit_revision_category.revision_ordinal 
_pdbx_audit_revision_category.data_content_type 
_pdbx_audit_revision_category.category 
1  4 'Structure model' citation                      
2  4 'Structure model' struct_conn                   
3  4 'Structure model' struct_ref_seq_dif            
4  5 'Structure model' atom_site                     
5  5 'Structure model' chem_comp                     
6  5 'Structure model' entity                        
7  5 'Structure model' pdbx_branch_scheme            
8  5 'Structure model' pdbx_chem_comp_identifier     
9  5 'Structure model' pdbx_entity_branch            
10 5 'Structure model' pdbx_entity_branch_descriptor 
11 5 'Structure model' pdbx_entity_branch_link       
12 5 'Structure model' pdbx_entity_branch_list       
13 5 'Structure model' pdbx_entity_nonpoly           
14 5 'Structure model' pdbx_nonpoly_scheme           
15 5 'Structure model' pdbx_struct_assembly_gen      
16 5 'Structure model' struct_asym                   
17 5 'Structure model' struct_conn                   
18 5 'Structure model' struct_site                   
19 5 'Structure model' struct_site_gen               
20 6 'Structure model' chem_comp                     
21 6 'Structure model' database_2                    
22 6 'Structure model' struct_conn                   
23 6 'Structure model' struct_ref_seq_dif            
24 7 'Structure model' chem_comp_atom                
25 7 'Structure model' chem_comp_bond                
# 
loop_
_pdbx_audit_revision_item.ordinal 
_pdbx_audit_revision_item.revision_ordinal 
_pdbx_audit_revision_item.data_content_type 
_pdbx_audit_revision_item.item 
1  4 'Structure model' '_citation.journal_abbrev'               
2  4 'Structure model' '_citation.pdbx_database_id_DOI'         
3  4 'Structure model' '_citation.title'                        
4  4 'Structure model' '_struct_conn.pdbx_leaving_atom_flag'    
5  4 'Structure model' '_struct_ref_seq_dif.details'            
6  5 'Structure model' '_atom_site.auth_asym_id'                
7  5 'Structure model' '_atom_site.auth_atom_id'                
8  5 'Structure model' '_atom_site.auth_seq_id'                 
9  5 'Structure model' '_atom_site.label_asym_id'               
10 5 'Structure model' '_atom_site.label_atom_id'               
11 5 'Structure model' '_atom_site.label_entity_id'             
12 5 'Structure model' '_chem_comp.name'                        
13 5 'Structure model' '_chem_comp.type'                        
14 5 'Structure model' '_pdbx_struct_assembly_gen.asym_id_list' 
15 5 'Structure model' '_struct_conn.ptnr1_auth_asym_id'        
16 5 'Structure model' '_struct_conn.ptnr1_auth_seq_id'         
17 5 'Structure model' '_struct_conn.ptnr2_auth_asym_id'        
18 5 'Structure model' '_struct_conn.ptnr2_auth_seq_id'         
19 5 'Structure model' '_struct_conn.ptnr2_label_asym_id'       
20 6 'Structure model' '_chem_comp.pdbx_synonyms'               
21 6 'Structure model' '_database_2.pdbx_DOI'                   
22 6 'Structure model' '_database_2.pdbx_database_accession'    
23 6 'Structure model' '_struct_conn.pdbx_leaving_atom_flag'    
24 6 'Structure model' '_struct_ref_seq_dif.details'            
# 
_pdbx_database_status.status_code                     REL 
_pdbx_database_status.entry_id                        1UMI 
_pdbx_database_status.recvd_initial_deposition_date   2003-10-01 
_pdbx_database_status.deposit_site                    PDBJ 
_pdbx_database_status.process_site                    PDBJ 
_pdbx_database_status.SG_entry                        . 
_pdbx_database_status.pdb_format_compatible           Y 
_pdbx_database_status.status_code_mr                  ? 
_pdbx_database_status.status_code_sf                  ? 
_pdbx_database_status.status_code_cs                  ? 
_pdbx_database_status.methods_development_category    ? 
_pdbx_database_status.status_code_nmr_data            ? 
# 
_pdbx_database_related.db_name        PDB 
_pdbx_database_related.db_id          1UMH 
_pdbx_database_related.details        '1UMH contains the same protein' 
_pdbx_database_related.content_type   unspecified 
# 
loop_
_audit_author.name 
_audit_author.pdbx_ordinal 
'Mizushima, T.' 1  
'Hirao, T.'     2  
'Yoshida, Y.'   3  
'Lee, S.J.'     4  
'Chiba, T.'     5  
'Iwai, K.'      6  
'Yamaguchi, Y.' 7  
'Kato, K.'      8  
'Tsukihara, T.' 9  
'Tanaka, K.'    10 
# 
_citation.id                        primary 
_citation.title                     'Structural basis of sugar-recognizing ubiquitin ligase.' 
_citation.journal_abbrev            Nat.Struct.Mol.Biol. 
_citation.journal_volume            11 
_citation.page_first                365 
_citation.page_last                 370 
_citation.year                      2004 
_citation.journal_id_ASTM           ? 
_citation.country                   US 
_citation.journal_id_ISSN           1545-9993 
_citation.journal_id_CSD            ? 
_citation.book_publisher            ? 
_citation.pdbx_database_id_PubMed   14990996 
_citation.pdbx_database_id_DOI      10.1038/nsmb732 
# 
loop_
_citation_author.citation_id 
_citation_author.name 
_citation_author.ordinal 
_citation_author.identifier_ORCID 
primary 'Mizushima, T.' 1  ? 
primary 'Hirao, T.'     2  ? 
primary 'Yoshida, Y.'   3  ? 
primary 'Lee, S.J.'     4  ? 
primary 'Chiba, T.'     5  ? 
primary 'Iwai, K.'      6  ? 
primary 'Yamaguchi, Y.' 7  ? 
primary 'Kato, K.'      8  ? 
primary 'Tsukihara, T.' 9  ? 
primary 'Tanaka, K.'    10 ? 
# 
loop_
_entity.id 
_entity.type 
_entity.src_method 
_entity.pdbx_description 
_entity.formula_weight 
_entity.pdbx_number_of_molecules 
_entity.pdbx_ec 
_entity.pdbx_mutation 
_entity.pdbx_fragment 
_entity.details 
1 polymer  man 'F-box only protein 2'                                                                     20988.945 1  6.3.2.19 
C132A 'SBD DOMAIN' ? 
2 branched man '2-acetamido-2-deoxy-beta-D-glucopyranose-(1-4)-2-acetamido-2-deoxy-alpha-D-glucopyranose' 424.401   1  ?        ? 
?            ? 
3 water    nat water                                                                                      18.015    45 ?        ? 
?            ? 
# 
_entity_name_com.entity_id   1 
_entity_name_com.name        Fbs1 
# 
_entity_poly.entity_id                      1 
_entity_poly.type                           'polypeptide(L)' 
_entity_poly.nstd_linkage                   no 
_entity_poly.nstd_monomer                   no 
_entity_poly.pdbx_seq_one_letter_code       
;GSHFYFLSKRRRNLLRNPAGEEDLEGWSDVEHGGDGWKVEELPGDNGVEFTQDDSVKKYFASSFEWCRKAQVIDLQAEGY
WEELLDTTQPAIVVKDWYSGRTDAGSLYELTVRLLSENEDVLAEFATGQVAVPEDGSWMEISHTFIDYGPGVRFVRFEHG
GQDSVYWKGWFGARVTNSSVWVEP
;
_entity_poly.pdbx_seq_one_letter_code_can   
;GSHFYFLSKRRRNLLRNPAGEEDLEGWSDVEHGGDGWKVEELPGDNGVEFTQDDSVKKYFASSFEWCRKAQVIDLQAEGY
WEELLDTTQPAIVVKDWYSGRTDAGSLYELTVRLLSENEDVLAEFATGQVAVPEDGSWMEISHTFIDYGPGVRFVRFEHG
GQDSVYWKGWFGARVTNSSVWVEP
;
_entity_poly.pdbx_strand_id                 A 
_entity_poly.pdbx_target_identifier         ? 
# 
_pdbx_entity_nonpoly.entity_id   3 
_pdbx_entity_nonpoly.name        water 
_pdbx_entity_nonpoly.comp_id     HOH 
# 
loop_
_entity_poly_seq.entity_id 
_entity_poly_seq.num 
_entity_poly_seq.mon_id 
_entity_poly_seq.hetero 
1 1   GLY n 
1 2   SER n 
1 3   HIS n 
1 4   PHE n 
1 5   TYR n 
1 6   PHE n 
1 7   LEU n 
1 8   SER n 
1 9   LYS n 
1 10  ARG n 
1 11  ARG n 
1 12  ARG n 
1 13  ASN n 
1 14  LEU n 
1 15  LEU n 
1 16  ARG n 
1 17  ASN n 
1 18  PRO n 
1 19  ALA n 
1 20  GLY n 
1 21  GLU n 
1 22  GLU n 
1 23  ASP n 
1 24  LEU n 
1 25  GLU n 
1 26  GLY n 
1 27  TRP n 
1 28  SER n 
1 29  ASP n 
1 30  VAL n 
1 31  GLU n 
1 32  HIS n 
1 33  GLY n 
1 34  GLY n 
1 35  ASP n 
1 36  GLY n 
1 37  TRP n 
1 38  LYS n 
1 39  VAL n 
1 40  GLU n 
1 41  GLU n 
1 42  LEU n 
1 43  PRO n 
1 44  GLY n 
1 45  ASP n 
1 46  ASN n 
1 47  GLY n 
1 48  VAL n 
1 49  GLU n 
1 50  PHE n 
1 51  THR n 
1 52  GLN n 
1 53  ASP n 
1 54  ASP n 
1 55  SER n 
1 56  VAL n 
1 57  LYS n 
1 58  LYS n 
1 59  TYR n 
1 60  PHE n 
1 61  ALA n 
1 62  SER n 
1 63  SER n 
1 64  PHE n 
1 65  GLU n 
1 66  TRP n 
1 67  CYS n 
1 68  ARG n 
1 69  LYS n 
1 70  ALA n 
1 71  GLN n 
1 72  VAL n 
1 73  ILE n 
1 74  ASP n 
1 75  LEU n 
1 76  GLN n 
1 77  ALA n 
1 78  GLU n 
1 79  GLY n 
1 80  TYR n 
1 81  TRP n 
1 82  GLU n 
1 83  GLU n 
1 84  LEU n 
1 85  LEU n 
1 86  ASP n 
1 87  THR n 
1 88  THR n 
1 89  GLN n 
1 90  PRO n 
1 91  ALA n 
1 92  ILE n 
1 93  VAL n 
1 94  VAL n 
1 95  LYS n 
1 96  ASP n 
1 97  TRP n 
1 98  TYR n 
1 99  SER n 
1 100 GLY n 
1 101 ARG n 
1 102 THR n 
1 103 ASP n 
1 104 ALA n 
1 105 GLY n 
1 106 SER n 
1 107 LEU n 
1 108 TYR n 
1 109 GLU n 
1 110 LEU n 
1 111 THR n 
1 112 VAL n 
1 113 ARG n 
1 114 LEU n 
1 115 LEU n 
1 116 SER n 
1 117 GLU n 
1 118 ASN n 
1 119 GLU n 
1 120 ASP n 
1 121 VAL n 
1 122 LEU n 
1 123 ALA n 
1 124 GLU n 
1 125 PHE n 
1 126 ALA n 
1 127 THR n 
1 128 GLY n 
1 129 GLN n 
1 130 VAL n 
1 131 ALA n 
1 132 VAL n 
1 133 PRO n 
1 134 GLU n 
1 135 ASP n 
1 136 GLY n 
1 137 SER n 
1 138 TRP n 
1 139 MET n 
1 140 GLU n 
1 141 ILE n 
1 142 SER n 
1 143 HIS n 
1 144 THR n 
1 145 PHE n 
1 146 ILE n 
1 147 ASP n 
1 148 TYR n 
1 149 GLY n 
1 150 PRO n 
1 151 GLY n 
1 152 VAL n 
1 153 ARG n 
1 154 PHE n 
1 155 VAL n 
1 156 ARG n 
1 157 PHE n 
1 158 GLU n 
1 159 HIS n 
1 160 GLY n 
1 161 GLY n 
1 162 GLN n 
1 163 ASP n 
1 164 SER n 
1 165 VAL n 
1 166 TYR n 
1 167 TRP n 
1 168 LYS n 
1 169 GLY n 
1 170 TRP n 
1 171 PHE n 
1 172 GLY n 
1 173 ALA n 
1 174 ARG n 
1 175 VAL n 
1 176 THR n 
1 177 ASN n 
1 178 SER n 
1 179 SER n 
1 180 VAL n 
1 181 TRP n 
1 182 VAL n 
1 183 GLU n 
1 184 PRO n 
# 
_entity_src_gen.entity_id                          1 
_entity_src_gen.pdbx_src_id                        1 
_entity_src_gen.pdbx_alt_source_flag               sample 
_entity_src_gen.pdbx_seq_type                      ? 
_entity_src_gen.pdbx_beg_seq_num                   ? 
_entity_src_gen.pdbx_end_seq_num                   ? 
_entity_src_gen.gene_src_common_name               mouse 
_entity_src_gen.gene_src_genus                     ? 
_entity_src_gen.pdbx_gene_src_gene                 mouse 
_entity_src_gen.gene_src_species                   ? 
_entity_src_gen.gene_src_strain                    ? 
_entity_src_gen.gene_src_tissue                    ? 
_entity_src_gen.gene_src_tissue_fraction           ? 
_entity_src_gen.gene_src_details                   ? 
_entity_src_gen.pdbx_gene_src_fragment             ? 
_entity_src_gen.pdbx_gene_src_scientific_name      'Mus musculus' 
_entity_src_gen.pdbx_gene_src_ncbi_taxonomy_id     10090 
_entity_src_gen.pdbx_gene_src_variant              ? 
_entity_src_gen.pdbx_gene_src_cell_line            ? 
_entity_src_gen.pdbx_gene_src_atcc                 ? 
_entity_src_gen.pdbx_gene_src_organ                ? 
_entity_src_gen.pdbx_gene_src_organelle            ? 
_entity_src_gen.pdbx_gene_src_cell                 ? 
_entity_src_gen.pdbx_gene_src_cellular_location    ? 
_entity_src_gen.host_org_common_name               ? 
_entity_src_gen.pdbx_host_org_scientific_name      'Escherichia coli' 
_entity_src_gen.pdbx_host_org_ncbi_taxonomy_id     562 
_entity_src_gen.host_org_genus                     ? 
_entity_src_gen.pdbx_host_org_gene                 ? 
_entity_src_gen.pdbx_host_org_organ                ? 
_entity_src_gen.host_org_species                   ? 
_entity_src_gen.pdbx_host_org_tissue               ? 
_entity_src_gen.pdbx_host_org_tissue_fraction      ? 
_entity_src_gen.pdbx_host_org_strain               'BL21(DE3)' 
_entity_src_gen.pdbx_host_org_variant              ? 
_entity_src_gen.pdbx_host_org_cell_line            ? 
_entity_src_gen.pdbx_host_org_atcc                 ? 
_entity_src_gen.pdbx_host_org_culture_collection   ? 
_entity_src_gen.pdbx_host_org_cell                 ? 
_entity_src_gen.pdbx_host_org_organelle            ? 
_entity_src_gen.pdbx_host_org_cellular_location    ? 
_entity_src_gen.pdbx_host_org_vector_type          PLASMID 
_entity_src_gen.pdbx_host_org_vector               ? 
_entity_src_gen.host_org_details                   ? 
_entity_src_gen.expression_system_id               ? 
_entity_src_gen.plasmid_name                       pET15b 
_entity_src_gen.plasmid_details                    ? 
_entity_src_gen.pdbx_description                   ? 
# 
_pdbx_entity_branch.entity_id   2 
_pdbx_entity_branch.type        oligosaccharide 
# 
loop_
_pdbx_entity_branch_descriptor.ordinal 
_pdbx_entity_branch_descriptor.entity_id 
_pdbx_entity_branch_descriptor.descriptor 
_pdbx_entity_branch_descriptor.type 
_pdbx_entity_branch_descriptor.program 
_pdbx_entity_branch_descriptor.program_version 
1 2 DGlcpNAcb1-4DGlcpNAca1-ROH                                                     'Glycam Condensed Sequence' GMML       1.0   
2 2 'WURCS=2.0/2,2,1/[a2122h-1a_1-5_2*NCC/3=O][a2122h-1b_1-5_2*NCC/3=O]/1-2/a4-b1' WURCS                       PDB2Glycan 1.1.0 
3 2 '[][a-D-GlcpNAc]{[(4+1)][b-D-GlcpNAc]{}}'                                      LINUCS                      PDB-CARE   ?     
# 
_pdbx_entity_branch_link.link_id                    1 
_pdbx_entity_branch_link.entity_id                  2 
_pdbx_entity_branch_link.entity_branch_list_num_1   2 
_pdbx_entity_branch_link.comp_id_1                  NAG 
_pdbx_entity_branch_link.atom_id_1                  C1 
_pdbx_entity_branch_link.leaving_atom_id_1          O1 
_pdbx_entity_branch_link.entity_branch_list_num_2   1 
_pdbx_entity_branch_link.comp_id_2                  NDG 
_pdbx_entity_branch_link.atom_id_2                  O4 
_pdbx_entity_branch_link.leaving_atom_id_2          HO4 
_pdbx_entity_branch_link.value_order                sing 
_pdbx_entity_branch_link.details                    ? 
# 
loop_
_chem_comp.id 
_chem_comp.type 
_chem_comp.mon_nstd_flag 
_chem_comp.name 
_chem_comp.pdbx_synonyms 
_chem_comp.formula 
_chem_comp.formula_weight 
ALA 'L-peptide linking'           y ALANINE                                   ? 'C3 H7 N O2'     89.093  
ARG 'L-peptide linking'           y ARGININE                                  ? 'C6 H15 N4 O2 1' 175.209 
ASN 'L-peptide linking'           y ASPARAGINE                                ? 'C4 H8 N2 O3'    132.118 
ASP 'L-peptide linking'           y 'ASPARTIC ACID'                           ? 'C4 H7 N O4'     133.103 
CYS 'L-peptide linking'           y CYSTEINE                                  ? 'C3 H7 N O2 S'   121.158 
GLN 'L-peptide linking'           y GLUTAMINE                                 ? 'C5 H10 N2 O3'   146.144 
GLU 'L-peptide linking'           y 'GLUTAMIC ACID'                           ? 'C5 H9 N O4'     147.129 
GLY 'peptide linking'             y GLYCINE                                   ? 'C2 H5 N O2'     75.067  
HIS 'L-peptide linking'           y HISTIDINE                                 ? 'C6 H10 N3 O2 1' 156.162 
HOH non-polymer                   . WATER                                     ? 'H2 O'           18.015  
ILE 'L-peptide linking'           y ISOLEUCINE                                ? 'C6 H13 N O2'    131.173 
LEU 'L-peptide linking'           y LEUCINE                                   ? 'C6 H13 N O2'    131.173 
LYS 'L-peptide linking'           y LYSINE                                    ? 'C6 H15 N2 O2 1' 147.195 
MET 'L-peptide linking'           y METHIONINE                                ? 'C5 H11 N O2 S'  149.211 
NAG 'D-saccharide, beta linking'  . 2-acetamido-2-deoxy-beta-D-glucopyranose  
;N-acetyl-beta-D-glucosamine; 2-acetamido-2-deoxy-beta-D-glucose; 2-acetamido-2-deoxy-D-glucose; 2-acetamido-2-deoxy-glucose; N-ACETYL-D-GLUCOSAMINE
;
'C8 H15 N O6'    221.208 
NDG 'D-saccharide, alpha linking' . 2-acetamido-2-deoxy-alpha-D-glucopyranose 
;N-acetyl-alpha-D-glucosamine; 2-acetamido-2-deoxy-alpha-D-glucose; 2-acetamido-2-deoxy-D-glucose; 2-acetamido-2-deoxy-glucose; 2-(ACETYLAMINO)-2-DEOXY-A-D-GLUCOPYRANOSE
;
'C8 H15 N O6'    221.208 
PHE 'L-peptide linking'           y PHENYLALANINE                             ? 'C9 H11 N O2'    165.189 
PRO 'L-peptide linking'           y PROLINE                                   ? 'C5 H9 N O2'     115.130 
SER 'L-peptide linking'           y SERINE                                    ? 'C3 H7 N O3'     105.093 
THR 'L-peptide linking'           y THREONINE                                 ? 'C4 H9 N O3'     119.119 
TRP 'L-peptide linking'           y TRYPTOPHAN                                ? 'C11 H12 N2 O2'  204.225 
TYR 'L-peptide linking'           y TYROSINE                                  ? 'C9 H11 N O3'    181.189 
VAL 'L-peptide linking'           y VALINE                                    ? 'C5 H11 N O2'    117.146 
# 
loop_
_pdbx_chem_comp_identifier.comp_id 
_pdbx_chem_comp_identifier.type 
_pdbx_chem_comp_identifier.program 
_pdbx_chem_comp_identifier.program_version 
_pdbx_chem_comp_identifier.identifier 
NAG 'CONDENSED IUPAC CARBOHYDRATE SYMBOL' GMML     1.0 DGlcpNAcb                      
NAG 'COMMON NAME'                         GMML     1.0 N-acetyl-b-D-glucopyranosamine 
NAG 'IUPAC CARBOHYDRATE SYMBOL'           PDB-CARE 1.0 b-D-GlcpNAc                    
NAG 'SNFG CARBOHYDRATE SYMBOL'            GMML     1.0 GlcNAc                         
NDG 'CONDENSED IUPAC CARBOHYDRATE SYMBOL' GMML     1.0 DGlcpNAca                      
NDG 'COMMON NAME'                         GMML     1.0 N-acetyl-a-D-glucopyranosamine 
NDG 'IUPAC CARBOHYDRATE SYMBOL'           PDB-CARE 1.0 a-D-GlcpNAc                    
NDG 'SNFG CARBOHYDRATE SYMBOL'            GMML     1.0 GlcNAc                         
# 
loop_
_pdbx_poly_seq_scheme.asym_id 
_pdbx_poly_seq_scheme.entity_id 
_pdbx_poly_seq_scheme.seq_id 
_pdbx_poly_seq_scheme.mon_id 
_pdbx_poly_seq_scheme.ndb_seq_num 
_pdbx_poly_seq_scheme.pdb_seq_num 
_pdbx_poly_seq_scheme.auth_seq_num 
_pdbx_poly_seq_scheme.pdb_mon_id 
_pdbx_poly_seq_scheme.auth_mon_id 
_pdbx_poly_seq_scheme.pdb_strand_id 
_pdbx_poly_seq_scheme.pdb_ins_code 
_pdbx_poly_seq_scheme.hetero 
A 1 1   GLY 1   114 114 GLY GLY A . n 
A 1 2   SER 2   115 115 SER SER A . n 
A 1 3   HIS 3   116 116 HIS HIS A . n 
A 1 4   PHE 4   117 117 PHE PHE A . n 
A 1 5   TYR 5   118 118 TYR TYR A . n 
A 1 6   PHE 6   119 119 PHE PHE A . n 
A 1 7   LEU 7   120 120 LEU LEU A . n 
A 1 8   SER 8   121 121 SER SER A . n 
A 1 9   LYS 9   122 122 LYS LYS A . n 
A 1 10  ARG 10  123 123 ARG ARG A . n 
A 1 11  ARG 11  124 124 ARG ARG A . n 
A 1 12  ARG 12  125 125 ARG ARG A . n 
A 1 13  ASN 13  126 126 ASN ASN A . n 
A 1 14  LEU 14  127 127 LEU LEU A . n 
A 1 15  LEU 15  128 128 LEU LEU A . n 
A 1 16  ARG 16  129 129 ARG ARG A . n 
A 1 17  ASN 17  130 130 ASN ASN A . n 
A 1 18  PRO 18  131 131 PRO PRO A . n 
A 1 19  ALA 19  132 132 ALA ALA A . n 
A 1 20  GLY 20  133 133 GLY GLY A . n 
A 1 21  GLU 21  134 134 GLU GLU A . n 
A 1 22  GLU 22  135 135 GLU GLU A . n 
A 1 23  ASP 23  136 136 ASP ASP A . n 
A 1 24  LEU 24  137 137 LEU LEU A . n 
A 1 25  GLU 25  138 138 GLU GLU A . n 
A 1 26  GLY 26  139 139 GLY GLY A . n 
A 1 27  TRP 27  140 140 TRP TRP A . n 
A 1 28  SER 28  141 141 SER SER A . n 
A 1 29  ASP 29  142 142 ASP ASP A . n 
A 1 30  VAL 30  143 143 VAL VAL A . n 
A 1 31  GLU 31  144 144 GLU GLU A . n 
A 1 32  HIS 32  145 145 HIS HIS A . n 
A 1 33  GLY 33  146 146 GLY GLY A . n 
A 1 34  GLY 34  147 147 GLY GLY A . n 
A 1 35  ASP 35  148 148 ASP ASP A . n 
A 1 36  GLY 36  149 149 GLY GLY A . n 
A 1 37  TRP 37  150 150 TRP TRP A . n 
A 1 38  LYS 38  151 151 LYS LYS A . n 
A 1 39  VAL 39  152 152 VAL VAL A . n 
A 1 40  GLU 40  153 153 GLU GLU A . n 
A 1 41  GLU 41  154 154 GLU GLU A . n 
A 1 42  LEU 42  155 155 LEU LEU A . n 
A 1 43  PRO 43  156 156 PRO PRO A . n 
A 1 44  GLY 44  157 157 GLY GLY A . n 
A 1 45  ASP 45  158 158 ASP ASP A . n 
A 1 46  ASN 46  159 159 ASN ASN A . n 
A 1 47  GLY 47  160 160 GLY GLY A . n 
A 1 48  VAL 48  161 161 VAL VAL A . n 
A 1 49  GLU 49  162 162 GLU GLU A . n 
A 1 50  PHE 50  163 163 PHE PHE A . n 
A 1 51  THR 51  164 164 THR THR A . n 
A 1 52  GLN 52  165 165 GLN GLN A . n 
A 1 53  ASP 53  166 166 ASP ASP A . n 
A 1 54  ASP 54  167 167 ASP ASP A . n 
A 1 55  SER 55  168 168 SER SER A . n 
A 1 56  VAL 56  169 169 VAL VAL A . n 
A 1 57  LYS 57  170 170 LYS LYS A . n 
A 1 58  LYS 58  171 171 LYS LYS A . n 
A 1 59  TYR 59  172 172 TYR TYR A . n 
A 1 60  PHE 60  173 173 PHE PHE A . n 
A 1 61  ALA 61  174 174 ALA ALA A . n 
A 1 62  SER 62  175 175 SER SER A . n 
A 1 63  SER 63  176 176 SER SER A . n 
A 1 64  PHE 64  177 177 PHE PHE A . n 
A 1 65  GLU 65  178 178 GLU GLU A . n 
A 1 66  TRP 66  179 179 TRP TRP A . n 
A 1 67  CYS 67  180 180 CYS CYS A . n 
A 1 68  ARG 68  181 181 ARG ARG A . n 
A 1 69  LYS 69  182 182 LYS LYS A . n 
A 1 70  ALA 70  183 183 ALA ALA A . n 
A 1 71  GLN 71  184 184 GLN GLN A . n 
A 1 72  VAL 72  185 185 VAL VAL A . n 
A 1 73  ILE 73  186 186 ILE ILE A . n 
A 1 74  ASP 74  187 187 ASP ASP A . n 
A 1 75  LEU 75  188 188 LEU LEU A . n 
A 1 76  GLN 76  189 189 GLN GLN A . n 
A 1 77  ALA 77  190 190 ALA ALA A . n 
A 1 78  GLU 78  191 191 GLU GLU A . n 
A 1 79  GLY 79  192 192 GLY GLY A . n 
A 1 80  TYR 80  193 193 TYR TYR A . n 
A 1 81  TRP 81  194 194 TRP TRP A . n 
A 1 82  GLU 82  195 195 GLU GLU A . n 
A 1 83  GLU 83  196 196 GLU GLU A . n 
A 1 84  LEU 84  197 197 LEU LEU A . n 
A 1 85  LEU 85  198 198 LEU LEU A . n 
A 1 86  ASP 86  199 199 ASP ASP A . n 
A 1 87  THR 87  200 200 THR THR A . n 
A 1 88  THR 88  201 201 THR THR A . n 
A 1 89  GLN 89  202 202 GLN GLN A . n 
A 1 90  PRO 90  203 203 PRO PRO A . n 
A 1 91  ALA 91  204 204 ALA ALA A . n 
A 1 92  ILE 92  205 205 ILE ILE A . n 
A 1 93  VAL 93  206 206 VAL VAL A . n 
A 1 94  VAL 94  207 207 VAL VAL A . n 
A 1 95  LYS 95  208 208 LYS LYS A . n 
A 1 96  ASP 96  209 209 ASP ASP A . n 
A 1 97  TRP 97  210 210 TRP TRP A . n 
A 1 98  TYR 98  211 211 TYR TYR A . n 
A 1 99  SER 99  212 212 SER SER A . n 
A 1 100 GLY 100 213 213 GLY GLY A . n 
A 1 101 ARG 101 214 214 ARG ARG A . n 
A 1 102 THR 102 215 215 THR THR A . n 
A 1 103 ASP 103 216 216 ASP ASP A . n 
A 1 104 ALA 104 217 217 ALA ALA A . n 
A 1 105 GLY 105 218 218 GLY GLY A . n 
A 1 106 SER 106 219 219 SER SER A . n 
A 1 107 LEU 107 220 220 LEU LEU A . n 
A 1 108 TYR 108 221 221 TYR TYR A . n 
A 1 109 GLU 109 222 222 GLU GLU A . n 
A 1 110 LEU 110 223 223 LEU LEU A . n 
A 1 111 THR 111 224 224 THR THR A . n 
A 1 112 VAL 112 225 225 VAL VAL A . n 
A 1 113 ARG 113 226 226 ARG ARG A . n 
A 1 114 LEU 114 227 227 LEU LEU A . n 
A 1 115 LEU 115 228 228 LEU LEU A . n 
A 1 116 SER 116 229 229 SER SER A . n 
A 1 117 GLU 117 230 230 GLU GLU A . n 
A 1 118 ASN 118 231 231 ASN ASN A . n 
A 1 119 GLU 119 232 232 GLU GLU A . n 
A 1 120 ASP 120 233 233 ASP ASP A . n 
A 1 121 VAL 121 234 234 VAL VAL A . n 
A 1 122 LEU 122 235 235 LEU LEU A . n 
A 1 123 ALA 123 236 236 ALA ALA A . n 
A 1 124 GLU 124 237 237 GLU GLU A . n 
A 1 125 PHE 125 238 238 PHE PHE A . n 
A 1 126 ALA 126 239 239 ALA ALA A . n 
A 1 127 THR 127 240 240 THR THR A . n 
A 1 128 GLY 128 241 241 GLY GLY A . n 
A 1 129 GLN 129 242 242 GLN GLN A . n 
A 1 130 VAL 130 243 243 VAL VAL A . n 
A 1 131 ALA 131 244 244 ALA ALA A . n 
A 1 132 VAL 132 245 245 VAL VAL A . n 
A 1 133 PRO 133 246 246 PRO PRO A . n 
A 1 134 GLU 134 247 247 GLU GLU A . n 
A 1 135 ASP 135 248 248 ASP ASP A . n 
A 1 136 GLY 136 249 249 GLY GLY A . n 
A 1 137 SER 137 250 250 SER SER A . n 
A 1 138 TRP 138 251 251 TRP TRP A . n 
A 1 139 MET 139 252 252 MET MET A . n 
A 1 140 GLU 140 253 253 GLU GLU A . n 
A 1 141 ILE 141 254 254 ILE ILE A . n 
A 1 142 SER 142 255 255 SER SER A . n 
A 1 143 HIS 143 256 256 HIS HIS A . n 
A 1 144 THR 144 257 257 THR THR A . n 
A 1 145 PHE 145 258 258 PHE PHE A . n 
A 1 146 ILE 146 259 259 ILE ILE A . n 
A 1 147 ASP 147 260 260 ASP ASP A . n 
A 1 148 TYR 148 261 261 TYR TYR A . n 
A 1 149 GLY 149 262 262 GLY GLY A . n 
A 1 150 PRO 150 263 263 PRO PRO A . n 
A 1 151 GLY 151 264 264 GLY GLY A . n 
A 1 152 VAL 152 265 265 VAL VAL A . n 
A 1 153 ARG 153 266 266 ARG ARG A . n 
A 1 154 PHE 154 267 267 PHE PHE A . n 
A 1 155 VAL 155 268 268 VAL VAL A . n 
A 1 156 ARG 156 269 269 ARG ARG A . n 
A 1 157 PHE 157 270 270 PHE PHE A . n 
A 1 158 GLU 158 271 271 GLU GLU A . n 
A 1 159 HIS 159 272 272 HIS HIS A . n 
A 1 160 GLY 160 273 273 GLY GLY A . n 
A 1 161 GLY 161 274 274 GLY GLY A . n 
A 1 162 GLN 162 275 275 GLN GLN A . n 
A 1 163 ASP 163 276 276 ASP ASP A . n 
A 1 164 SER 164 277 277 SER SER A . n 
A 1 165 VAL 165 278 278 VAL VAL A . n 
A 1 166 TYR 166 279 279 TYR TYR A . n 
A 1 167 TRP 167 280 280 TRP TRP A . n 
A 1 168 LYS 168 281 281 LYS LYS A . n 
A 1 169 GLY 169 282 282 GLY GLY A . n 
A 1 170 TRP 170 283 283 TRP TRP A . n 
A 1 171 PHE 171 284 284 PHE PHE A . n 
A 1 172 GLY 172 285 285 GLY GLY A . n 
A 1 173 ALA 173 286 286 ALA ALA A . n 
A 1 174 ARG 174 287 287 ARG ARG A . n 
A 1 175 VAL 175 288 288 VAL VAL A . n 
A 1 176 THR 176 289 289 THR THR A . n 
A 1 177 ASN 177 290 290 ASN ASN A . n 
A 1 178 SER 178 291 291 SER SER A . n 
A 1 179 SER 179 292 292 SER SER A . n 
A 1 180 VAL 180 293 293 VAL VAL A . n 
A 1 181 TRP 181 294 294 TRP TRP A . n 
A 1 182 VAL 182 295 295 VAL VAL A . n 
A 1 183 GLU 183 296 296 GLU GLU A . n 
A 1 184 PRO 184 297 297 PRO PRO A . n 
# 
loop_
_pdbx_branch_scheme.asym_id 
_pdbx_branch_scheme.entity_id 
_pdbx_branch_scheme.mon_id 
_pdbx_branch_scheme.num 
_pdbx_branch_scheme.pdb_asym_id 
_pdbx_branch_scheme.pdb_mon_id 
_pdbx_branch_scheme.pdb_seq_num 
_pdbx_branch_scheme.auth_asym_id 
_pdbx_branch_scheme.auth_mon_id 
_pdbx_branch_scheme.auth_seq_num 
_pdbx_branch_scheme.hetero 
B 2 NDG 1 B NDG 1 A NDG 298 n 
B 2 NAG 2 B NAG 2 A NAG 299 n 
# 
loop_
_pdbx_nonpoly_scheme.asym_id 
_pdbx_nonpoly_scheme.entity_id 
_pdbx_nonpoly_scheme.mon_id 
_pdbx_nonpoly_scheme.ndb_seq_num 
_pdbx_nonpoly_scheme.pdb_seq_num 
_pdbx_nonpoly_scheme.auth_seq_num 
_pdbx_nonpoly_scheme.pdb_mon_id 
_pdbx_nonpoly_scheme.auth_mon_id 
_pdbx_nonpoly_scheme.pdb_strand_id 
_pdbx_nonpoly_scheme.pdb_ins_code 
C 3 HOH 1  1  1  HOH HOH A . 
C 3 HOH 2  2  2  HOH HOH A . 
C 3 HOH 3  3  3  HOH HOH A . 
C 3 HOH 4  4  4  HOH HOH A . 
C 3 HOH 5  5  5  HOH HOH A . 
C 3 HOH 6  6  6  HOH HOH A . 
C 3 HOH 7  7  7  HOH HOH A . 
C 3 HOH 8  8  8  HOH HOH A . 
C 3 HOH 9  9  9  HOH HOH A . 
C 3 HOH 10 10 10 HOH HOH A . 
C 3 HOH 11 11 11 HOH HOH A . 
C 3 HOH 12 12 12 HOH HOH A . 
C 3 HOH 13 13 13 HOH HOH A . 
C 3 HOH 14 14 14 HOH HOH A . 
C 3 HOH 15 15 15 HOH HOH A . 
C 3 HOH 16 16 16 HOH HOH A . 
C 3 HOH 17 17 17 HOH HOH A . 
C 3 HOH 18 18 18 HOH HOH A . 
C 3 HOH 19 19 19 HOH HOH A . 
C 3 HOH 20 20 20 HOH HOH A . 
C 3 HOH 21 21 21 HOH HOH A . 
C 3 HOH 22 22 22 HOH HOH A . 
C 3 HOH 23 23 23 HOH HOH A . 
C 3 HOH 24 24 24 HOH HOH A . 
C 3 HOH 25 25 25 HOH HOH A . 
C 3 HOH 26 26 26 HOH HOH A . 
C 3 HOH 27 27 27 HOH HOH A . 
C 3 HOH 28 28 28 HOH HOH A . 
C 3 HOH 29 29 29 HOH HOH A . 
C 3 HOH 30 30 30 HOH HOH A . 
C 3 HOH 31 31 31 HOH HOH A . 
C 3 HOH 32 32 32 HOH HOH A . 
C 3 HOH 33 33 33 HOH HOH A . 
C 3 HOH 34 34 34 HOH HOH A . 
C 3 HOH 35 35 35 HOH HOH A . 
C 3 HOH 36 36 36 HOH HOH A . 
C 3 HOH 37 37 37 HOH HOH A . 
C 3 HOH 38 38 38 HOH HOH A . 
C 3 HOH 39 39 39 HOH HOH A . 
C 3 HOH 40 40 40 HOH HOH A . 
C 3 HOH 41 41 41 HOH HOH A . 
C 3 HOH 42 42 42 HOH HOH A . 
C 3 HOH 43 43 43 HOH HOH A . 
C 3 HOH 44 44 44 HOH HOH A . 
C 3 HOH 45 45 45 HOH HOH A . 
# 
loop_
_software.name 
_software.classification 
_software.version 
_software.citation_id 
_software.pdbx_ordinal 
REFMAC refinement       5.1.24 ? 1 
MOSFLM 'data reduction' .      ? 2 
SCALA  'data scaling'   .      ? 3 
AMoRE  phasing          .      ? 4 
# 
_cell.entry_id           1UMI 
_cell.length_a           63.806 
_cell.length_b           63.806 
_cell.length_c           147.780 
_cell.angle_alpha        90.00 
_cell.angle_beta         90.00 
_cell.angle_gamma        90.00 
_cell.Z_PDB              8 
_cell.pdbx_unique_axis   ? 
# 
_symmetry.entry_id                         1UMI 
_symmetry.space_group_name_H-M             'P 43 21 2' 
_symmetry.pdbx_full_space_group_name_H-M   ? 
_symmetry.cell_setting                     ? 
_symmetry.Int_Tables_number                96 
# 
_exptl.entry_id          1UMI 
_exptl.method            'X-RAY DIFFRACTION' 
_exptl.crystals_number   ? 
# 
_exptl_crystal.id                    1 
_exptl_crystal.density_meas          ? 
_exptl_crystal.density_Matthews      3.58 
_exptl_crystal.density_percent_sol   65.67 
_exptl_crystal.description           ? 
# 
_exptl_crystal_grow.crystal_id      1 
_exptl_crystal_grow.method          'VAPOR DIFFUSION, HANGING DROP' 
_exptl_crystal_grow.temp            293 
_exptl_crystal_grow.temp_details    ? 
_exptl_crystal_grow.pH              7.0 
_exptl_crystal_grow.pdbx_details    
'sodium chloride, ammonium sulphate, PIPES, pH 7.0, VAPOR DIFFUSION, HANGING DROP, temperature 293K' 
_exptl_crystal_grow.pdbx_pH_range   . 
# 
_diffrn.id                     1 
_diffrn.ambient_temp           100 
_diffrn.ambient_temp_details   ? 
_diffrn.crystal_id             1 
# 
_diffrn_detector.diffrn_id              1 
_diffrn_detector.detector               'IMAGE PLATE' 
_diffrn_detector.type                   'RIGAKU RAXIS IV' 
_diffrn_detector.pdbx_collection_date   2002-12-05 
_diffrn_detector.details                mirrors 
# 
_diffrn_radiation.diffrn_id                        1 
_diffrn_radiation.wavelength_id                    1 
_diffrn_radiation.pdbx_monochromatic_or_laue_m_l   M 
_diffrn_radiation.monochromator                    MIRRORS 
_diffrn_radiation.pdbx_diffrn_protocol             'SINGLE WAVELENGTH' 
_diffrn_radiation.pdbx_scattering_type             x-ray 
# 
_diffrn_radiation_wavelength.id           1 
_diffrn_radiation_wavelength.wavelength   1.5418 
_diffrn_radiation_wavelength.wt           1.0 
# 
_diffrn_source.diffrn_id                   1 
_diffrn_source.source                      'ROTATING ANODE' 
_diffrn_source.type                        RIGAKU 
_diffrn_source.pdbx_synchrotron_site       ? 
_diffrn_source.pdbx_synchrotron_beamline   ? 
_diffrn_source.pdbx_wavelength             ? 
_diffrn_source.pdbx_wavelength_list        1.5418 
# 
_reflns.entry_id                     1UMI 
_reflns.observed_criterion_sigma_F   ? 
_reflns.observed_criterion_sigma_I   ? 
_reflns.d_resolution_high            2.4 
_reflns.d_resolution_low             58.72 
_reflns.number_all                   11950 
_reflns.number_obs                   11950 
_reflns.percent_possible_obs         99.8 
_reflns.pdbx_Rmerge_I_obs            ? 
_reflns.pdbx_Rsym_value              0.085 
_reflns.pdbx_netI_over_sigmaI        ? 
_reflns.B_iso_Wilson_estimate        ? 
_reflns.pdbx_redundancy              7.5 
_reflns.R_free_details               ? 
_reflns.limit_h_max                  ? 
_reflns.limit_h_min                  ? 
_reflns.limit_k_max                  ? 
_reflns.limit_k_min                  ? 
_reflns.limit_l_max                  ? 
_reflns.limit_l_min                  ? 
_reflns.observed_criterion_F_max     ? 
_reflns.observed_criterion_F_min     ? 
_reflns.pdbx_ordinal                 1 
_reflns.pdbx_diffrn_id               1 
# 
_reflns_shell.d_res_high             2.4 
_reflns_shell.d_res_low              2.53 
_reflns_shell.percent_possible_all   99.8 
_reflns_shell.Rmerge_I_obs           ? 
_reflns_shell.pdbx_Rsym_value        0.184 
_reflns_shell.meanI_over_sigI_obs    ? 
_reflns_shell.pdbx_redundancy        7.2 
_reflns_shell.percent_possible_obs   ? 
_reflns_shell.number_unique_all      ? 
_reflns_shell.pdbx_ordinal           1 
_reflns_shell.pdbx_diffrn_id         1 
# 
_refine.entry_id                                 1UMI 
_refine.ls_number_reflns_obs                     11950 
_refine.ls_number_reflns_all                     ? 
_refine.pdbx_ls_sigma_I                          ? 
_refine.pdbx_ls_sigma_F                          0 
_refine.pdbx_data_cutoff_high_absF               ? 
_refine.pdbx_data_cutoff_low_absF                ? 
_refine.pdbx_data_cutoff_high_rms_absF           ? 
_refine.ls_d_res_low                             58.72 
_refine.ls_d_res_high                            2.40 
_refine.ls_percent_reflns_obs                    99.70 
_refine.ls_R_factor_obs                          0.19968 
_refine.ls_R_factor_all                          0.19968 
_refine.ls_R_factor_R_work                       0.19693 
_refine.ls_R_factor_R_free                       0.2562 
_refine.ls_R_factor_R_free_error                 ? 
_refine.ls_R_factor_R_free_error_details         ? 
_refine.ls_percent_reflns_R_free                 4.9 
_refine.ls_number_reflns_R_free                  611 
_refine.ls_number_parameters                     ? 
_refine.ls_number_restraints                     ? 
_refine.occupancy_min                            ? 
_refine.occupancy_max                            ? 
_refine.correlation_coeff_Fo_to_Fc               0.936 
_refine.correlation_coeff_Fo_to_Fc_free          0.907 
_refine.B_iso_mean                               35.120 
_refine.aniso_B[1][1]                            -0.71 
_refine.aniso_B[2][2]                            -0.71 
_refine.aniso_B[3][3]                            1.43 
_refine.aniso_B[1][2]                            0.00 
_refine.aniso_B[1][3]                            0.00 
_refine.aniso_B[2][3]                            0.00 
_refine.solvent_model_details                    'BABINET MODEL WITH MASK' 
_refine.solvent_model_param_ksol                 ? 
_refine.solvent_model_param_bsol                 ? 
_refine.pdbx_solvent_vdw_probe_radii             1.40 
_refine.pdbx_solvent_ion_probe_radii             0.80 
_refine.pdbx_solvent_shrinkage_radii             0.80 
_refine.pdbx_ls_cross_valid_method               THROUGHOUT 
_refine.details                                  'HYDROGENS HAVE BEEN ADDED IN THE RIDING POSITIONS' 
_refine.pdbx_starting_model                      ? 
_refine.pdbx_method_to_determine_struct          'MOLECULAR REPLACEMENT' 
_refine.pdbx_isotropic_thermal_model             ? 
_refine.pdbx_stereochemistry_target_values       'MAXIMUM LIKELIHOOD' 
_refine.pdbx_stereochem_target_val_spec_case     ? 
_refine.pdbx_R_Free_selection_details            RANDOM 
_refine.pdbx_overall_ESU_R                       0.252 
_refine.pdbx_overall_ESU_R_Free                  0.226 
_refine.overall_SU_ML                            0.156 
_refine.overall_SU_B                             6.722 
_refine.ls_redundancy_reflns_obs                 ? 
_refine.B_iso_min                                ? 
_refine.B_iso_max                                ? 
_refine.overall_SU_R_Cruickshank_DPI             ? 
_refine.overall_SU_R_free                        ? 
_refine.pdbx_refine_id                           'X-RAY DIFFRACTION' 
_refine.pdbx_diffrn_id                           1 
_refine.pdbx_TLS_residual_ADP_flag               ? 
_refine.pdbx_overall_phase_error                 ? 
_refine.pdbx_overall_SU_R_free_Cruickshank_DPI   ? 
_refine.pdbx_overall_SU_R_Blow_DPI               ? 
_refine.pdbx_overall_SU_R_free_Blow_DPI          ? 
# 
_refine_hist.pdbx_refine_id                   'X-RAY DIFFRACTION' 
_refine_hist.cycle_id                         LAST 
_refine_hist.pdbx_number_atoms_protein        1488 
_refine_hist.pdbx_number_atoms_nucleic_acid   0 
_refine_hist.pdbx_number_atoms_ligand         29 
_refine_hist.number_atoms_solvent             45 
_refine_hist.number_atoms_total               1562 
_refine_hist.d_res_high                       2.40 
_refine_hist.d_res_low                        58.72 
# 
loop_
_refine_ls_restr.type 
_refine_ls_restr.dev_ideal 
_refine_ls_restr.dev_ideal_target 
_refine_ls_restr.weight 
_refine_ls_restr.number 
_refine_ls_restr.pdbx_refine_id 
_refine_ls_restr.pdbx_restraint_function 
r_bond_refined_d         0.043 0.021 ? 1562 'X-RAY DIFFRACTION' ? 
r_bond_other_d           0.002 0.020 ? 1312 'X-RAY DIFFRACTION' ? 
r_angle_refined_deg      3.319 1.934 ? 2124 'X-RAY DIFFRACTION' ? 
r_angle_other_deg        1.561 3.000 ? 3051 'X-RAY DIFFRACTION' ? 
r_dihedral_angle_1_deg   9.215 5.000 ? 183  'X-RAY DIFFRACTION' ? 
r_dihedral_angle_2_deg   ?     ?     ? ?    'X-RAY DIFFRACTION' ? 
r_dihedral_angle_3_deg   ?     ?     ? ?    'X-RAY DIFFRACTION' ? 
r_dihedral_angle_4_deg   ?     ?     ? ?    'X-RAY DIFFRACTION' ? 
r_chiral_restr           0.281 0.200 ? 217  'X-RAY DIFFRACTION' ? 
r_gen_planes_refined     0.019 0.020 ? 1781 'X-RAY DIFFRACTION' ? 
r_gen_planes_other       0.003 0.020 ? 350  'X-RAY DIFFRACTION' ? 
r_nbd_refined            0.240 0.200 ? 260  'X-RAY DIFFRACTION' ? 
r_nbd_other              0.279 0.200 ? 1444 'X-RAY DIFFRACTION' ? 
r_nbtor_refined          ?     ?     ? ?    'X-RAY DIFFRACTION' ? 
r_nbtor_other            0.110 0.200 ? 870  'X-RAY DIFFRACTION' ? 
r_xyhbond_nbd_refined    0.155 0.200 ? 44   'X-RAY DIFFRACTION' ? 
r_xyhbond_nbd_other      ?     ?     ? ?    'X-RAY DIFFRACTION' ? 
r_metal_ion_refined      ?     ?     ? ?    'X-RAY DIFFRACTION' ? 
r_metal_ion_other        ?     ?     ? ?    'X-RAY DIFFRACTION' ? 
r_symmetry_vdw_refined   0.429 0.200 ? 5    'X-RAY DIFFRACTION' ? 
r_symmetry_vdw_other     0.345 0.200 ? 32   'X-RAY DIFFRACTION' ? 
r_symmetry_hbond_refined 0.151 0.200 ? 1    'X-RAY DIFFRACTION' ? 
r_symmetry_hbond_other   ?     ?     ? ?    'X-RAY DIFFRACTION' ? 
r_mcbond_it              1.541 1.500 ? 907  'X-RAY DIFFRACTION' ? 
r_mcangle_it             2.657 2.000 ? 1450 'X-RAY DIFFRACTION' ? 
r_scbond_it              4.198 3.000 ? 655  'X-RAY DIFFRACTION' ? 
r_scangle_it             6.281 4.500 ? 674  'X-RAY DIFFRACTION' ? 
r_rigid_bond_restr       ?     ?     ? ?    'X-RAY DIFFRACTION' ? 
r_sphericity_free        ?     ?     ? ?    'X-RAY DIFFRACTION' ? 
r_sphericity_bonded      ?     ?     ? ?    'X-RAY DIFFRACTION' ? 
# 
_refine_ls_shell.pdbx_total_number_of_bins_used   20 
_refine_ls_shell.d_res_high                       2.400 
_refine_ls_shell.d_res_low                        2.462 
_refine_ls_shell.number_reflns_R_work             847 
_refine_ls_shell.R_factor_R_work                  0.226 
_refine_ls_shell.percent_reflns_obs               ? 
_refine_ls_shell.R_factor_R_free                  0.316 
_refine_ls_shell.R_factor_R_free_error            ? 
_refine_ls_shell.percent_reflns_R_free            ? 
_refine_ls_shell.number_reflns_R_free             57 
_refine_ls_shell.number_reflns_obs                ? 
_refine_ls_shell.redundancy_reflns_obs            ? 
_refine_ls_shell.number_reflns_all                ? 
_refine_ls_shell.pdbx_refine_id                   'X-RAY DIFFRACTION' 
_refine_ls_shell.R_factor_all                     ? 
# 
_struct.entry_id                  1UMI 
_struct.title                     'Structural basis of sugar-recognizing ubiquitin ligase' 
_struct.pdbx_model_details        ? 
_struct.pdbx_CASP_flag            ? 
_struct.pdbx_model_type_details   ? 
# 
_struct_keywords.entry_id        1UMI 
_struct_keywords.pdbx_keywords   LIGASE 
_struct_keywords.text            'UBIQUITIN, SCF, UBIQUITIN LIGASE, LECTIN, LIGASE' 
# 
loop_
_struct_asym.id 
_struct_asym.pdbx_blank_PDB_chainid_flag 
_struct_asym.pdbx_modified 
_struct_asym.entity_id 
_struct_asym.details 
A N N 1 ? 
B N N 2 ? 
C N N 3 ? 
# 
_struct_ref.id                         1 
_struct_ref.db_name                    GB 
_struct_ref.db_code                    AAH46586 
_struct_ref.pdbx_db_accession          28436805 
_struct_ref.entity_id                  1 
_struct_ref.pdbx_seq_one_letter_code   
;FYFLSKRRRNLLRNPCGEEDLEGWSDVEHGGDGWRVEELPGDNGVEFTQDDSVKKYFASSFEWCRKAQVIDLQAEGYWEE
LLDTTQPAIVVKDWYSGRTDAGSLYELTVRLLSENEDVLAEFATGQVAVPEDGSWMEISHTFIDYGPGVRFVRFEHGGQD
SVYWKGWFGARVTNSSVWVEP
;
_struct_ref.pdbx_align_begin           117 
_struct_ref.pdbx_db_isoform            ? 
# 
_struct_ref_seq.align_id                      1 
_struct_ref_seq.ref_id                        1 
_struct_ref_seq.pdbx_PDB_id_code              1UMI 
_struct_ref_seq.pdbx_strand_id                A 
_struct_ref_seq.seq_align_beg                 4 
_struct_ref_seq.pdbx_seq_align_beg_ins_code   ? 
_struct_ref_seq.seq_align_end                 184 
_struct_ref_seq.pdbx_seq_align_end_ins_code   ? 
_struct_ref_seq.pdbx_db_accession             28436805 
_struct_ref_seq.db_align_beg                  117 
_struct_ref_seq.pdbx_db_align_beg_ins_code    ? 
_struct_ref_seq.db_align_end                  297 
_struct_ref_seq.pdbx_db_align_end_ins_code    ? 
_struct_ref_seq.pdbx_auth_seq_align_beg       117 
_struct_ref_seq.pdbx_auth_seq_align_end       297 
# 
loop_
_struct_ref_seq_dif.align_id 
_struct_ref_seq_dif.pdbx_pdb_id_code 
_struct_ref_seq_dif.mon_id 
_struct_ref_seq_dif.pdbx_pdb_strand_id 
_struct_ref_seq_dif.seq_num 
_struct_ref_seq_dif.pdbx_pdb_ins_code 
_struct_ref_seq_dif.pdbx_seq_db_name 
_struct_ref_seq_dif.pdbx_seq_db_accession_code 
_struct_ref_seq_dif.db_mon_id 
_struct_ref_seq_dif.pdbx_seq_db_seq_num 
_struct_ref_seq_dif.details 
_struct_ref_seq_dif.pdbx_auth_seq_num 
_struct_ref_seq_dif.pdbx_ordinal 
1 1UMI GLY A 1  ? GB 28436805 ?   ?   'cloning artifact'    114 1 
1 1UMI SER A 2  ? GB 28436805 ?   ?   'cloning artifact'    115 2 
1 1UMI HIS A 3  ? GB 28436805 ?   ?   'cloning artifact'    116 3 
1 1UMI ALA A 19 ? GB 28436805 CYS 132 'engineered mutation' 132 4 
1 1UMI LYS A 38 ? GB 28436805 ARG 151 'SEE REMARK 999'      151 5 
# 
_pdbx_struct_assembly.id                   1 
_pdbx_struct_assembly.details              author_defined_assembly 
_pdbx_struct_assembly.method_details       ? 
_pdbx_struct_assembly.oligomeric_details   monomeric 
_pdbx_struct_assembly.oligomeric_count     1 
# 
_pdbx_struct_assembly_gen.assembly_id       1 
_pdbx_struct_assembly_gen.oper_expression   1 
_pdbx_struct_assembly_gen.asym_id_list      A,B,C 
# 
_pdbx_struct_oper_list.id                   1 
_pdbx_struct_oper_list.type                 'identity operation' 
_pdbx_struct_oper_list.name                 1_555 
_pdbx_struct_oper_list.symmetry_operation   x,y,z 
_pdbx_struct_oper_list.matrix[1][1]         1.0000000000 
_pdbx_struct_oper_list.matrix[1][2]         0.0000000000 
_pdbx_struct_oper_list.matrix[1][3]         0.0000000000 
_pdbx_struct_oper_list.vector[1]            0.0000000000 
_pdbx_struct_oper_list.matrix[2][1]         0.0000000000 
_pdbx_struct_oper_list.matrix[2][2]         1.0000000000 
_pdbx_struct_oper_list.matrix[2][3]         0.0000000000 
_pdbx_struct_oper_list.vector[2]            0.0000000000 
_pdbx_struct_oper_list.matrix[3][1]         0.0000000000 
_pdbx_struct_oper_list.matrix[3][2]         0.0000000000 
_pdbx_struct_oper_list.matrix[3][3]         1.0000000000 
_pdbx_struct_oper_list.vector[3]            0.0000000000 
# 
_struct_biol.id   1 
# 
loop_
_struct_conf.conf_type_id 
_struct_conf.id 
_struct_conf.pdbx_PDB_helix_id 
_struct_conf.beg_label_comp_id 
_struct_conf.beg_label_asym_id 
_struct_conf.beg_label_seq_id 
_struct_conf.pdbx_beg_PDB_ins_code 
_struct_conf.end_label_comp_id 
_struct_conf.end_label_asym_id 
_struct_conf.end_label_seq_id 
_struct_conf.pdbx_end_PDB_ins_code 
_struct_conf.beg_auth_comp_id 
_struct_conf.beg_auth_asym_id 
_struct_conf.beg_auth_seq_id 
_struct_conf.end_auth_comp_id 
_struct_conf.end_auth_asym_id 
_struct_conf.end_auth_seq_id 
_struct_conf.pdbx_PDB_helix_class 
_struct_conf.details 
_struct_conf.pdbx_PDB_helix_length 
HELX_P HELX_P1 1 HIS A 3  ? ARG A 11 ? HIS A 116 ARG A 124 1 ? 9 
HELX_P HELX_P2 2 TRP A 81 ? THR A 88 ? TRP A 194 THR A 201 1 ? 8 
# 
_struct_conf_type.id          HELX_P 
_struct_conf_type.criteria    ? 
_struct_conf_type.reference   ? 
# 
_struct_conn.id                            covale1 
_struct_conn.conn_type_id                  covale 
_struct_conn.pdbx_leaving_atom_flag        both 
_struct_conn.pdbx_PDB_id                   ? 
_struct_conn.ptnr1_label_asym_id           B 
_struct_conn.ptnr1_label_comp_id           NDG 
_struct_conn.ptnr1_label_seq_id            . 
_struct_conn.ptnr1_label_atom_id           O4 
_struct_conn.pdbx_ptnr1_label_alt_id       ? 
_struct_conn.pdbx_ptnr1_PDB_ins_code       ? 
_struct_conn.pdbx_ptnr1_standard_comp_id   ? 
_struct_conn.ptnr1_symmetry                1_555 
_struct_conn.ptnr2_label_asym_id           B 
_struct_conn.ptnr2_label_comp_id           NAG 
_struct_conn.ptnr2_label_seq_id            . 
_struct_conn.ptnr2_label_atom_id           C1 
_struct_conn.pdbx_ptnr2_label_alt_id       ? 
_struct_conn.pdbx_ptnr2_PDB_ins_code       ? 
_struct_conn.ptnr1_auth_asym_id            B 
_struct_conn.ptnr1_auth_comp_id            NDG 
_struct_conn.ptnr1_auth_seq_id             1 
_struct_conn.ptnr2_auth_asym_id            B 
_struct_conn.ptnr2_auth_comp_id            NAG 
_struct_conn.ptnr2_auth_seq_id             2 
_struct_conn.ptnr2_symmetry                1_555 
_struct_conn.pdbx_ptnr3_label_atom_id      ? 
_struct_conn.pdbx_ptnr3_label_seq_id       ? 
_struct_conn.pdbx_ptnr3_label_comp_id      ? 
_struct_conn.pdbx_ptnr3_label_asym_id      ? 
_struct_conn.pdbx_ptnr3_label_alt_id       ? 
_struct_conn.pdbx_ptnr3_PDB_ins_code       ? 
_struct_conn.details                       ? 
_struct_conn.pdbx_dist_value               1.433 
_struct_conn.pdbx_value_order              ? 
_struct_conn.pdbx_role                     ? 
# 
_struct_conn_type.id          covale 
_struct_conn_type.criteria    ? 
_struct_conn_type.reference   ? 
# 
loop_
_struct_sheet.id 
_struct_sheet.type 
_struct_sheet.number_strands 
_struct_sheet.details 
A ? 5 ? 
B ? 5 ? 
C ? 5 ? 
# 
loop_
_struct_sheet_order.sheet_id 
_struct_sheet_order.range_id_1 
_struct_sheet_order.range_id_2 
_struct_sheet_order.offset 
_struct_sheet_order.sense 
A 1 2 ? anti-parallel 
A 2 3 ? anti-parallel 
A 3 4 ? anti-parallel 
A 4 5 ? anti-parallel 
B 1 2 ? anti-parallel 
B 2 3 ? anti-parallel 
B 3 4 ? anti-parallel 
B 4 5 ? anti-parallel 
C 1 2 ? anti-parallel 
C 2 3 ? anti-parallel 
C 3 4 ? anti-parallel 
C 4 5 ? anti-parallel 
# 
loop_
_struct_sheet_range.sheet_id 
_struct_sheet_range.id 
_struct_sheet_range.beg_label_comp_id 
_struct_sheet_range.beg_label_asym_id 
_struct_sheet_range.beg_label_seq_id 
_struct_sheet_range.pdbx_beg_PDB_ins_code 
_struct_sheet_range.end_label_comp_id 
_struct_sheet_range.end_label_asym_id 
_struct_sheet_range.end_label_seq_id 
_struct_sheet_range.pdbx_end_PDB_ins_code 
_struct_sheet_range.beg_auth_comp_id 
_struct_sheet_range.beg_auth_asym_id 
_struct_sheet_range.beg_auth_seq_id 
_struct_sheet_range.end_auth_comp_id 
_struct_sheet_range.end_auth_asym_id 
_struct_sheet_range.end_auth_seq_id 
A 1 SER A 28  ? HIS A 32  ? SER A 141 HIS A 145 
A 2 CYS A 67  ? ASP A 74  ? CYS A 180 ASP A 187 
A 3 PHE A 154 ? ASP A 163 ? PHE A 267 ASP A 276 
A 4 SER A 106 ? LEU A 115 ? SER A 219 LEU A 228 
A 5 VAL A 121 ? ALA A 126 ? VAL A 234 ALA A 239 
B 1 SER A 28  ? HIS A 32  ? SER A 141 HIS A 145 
B 2 CYS A 67  ? ASP A 74  ? CYS A 180 ASP A 187 
B 3 PHE A 154 ? ASP A 163 ? PHE A 267 ASP A 276 
B 4 SER A 106 ? LEU A 115 ? SER A 219 LEU A 228 
B 5 VAL A 130 ? ALA A 131 ? VAL A 243 ALA A 244 
C 1 LYS A 38  ? GLU A 41  ? LYS A 151 GLU A 154 
C 2 LYS A 58  ? ALA A 61  ? LYS A 171 ALA A 174 
C 3 ARG A 174 ? GLU A 183 ? ARG A 287 GLU A 296 
C 4 ALA A 91  ? SER A 99  ? ALA A 204 SER A 212 
C 5 MET A 139 ? PHE A 145 ? MET A 252 PHE A 258 
# 
loop_
_pdbx_struct_sheet_hbond.sheet_id 
_pdbx_struct_sheet_hbond.range_id_1 
_pdbx_struct_sheet_hbond.range_id_2 
_pdbx_struct_sheet_hbond.range_1_label_atom_id 
_pdbx_struct_sheet_hbond.range_1_label_comp_id 
_pdbx_struct_sheet_hbond.range_1_label_asym_id 
_pdbx_struct_sheet_hbond.range_1_label_seq_id 
_pdbx_struct_sheet_hbond.range_1_PDB_ins_code 
_pdbx_struct_sheet_hbond.range_1_auth_atom_id 
_pdbx_struct_sheet_hbond.range_1_auth_comp_id 
_pdbx_struct_sheet_hbond.range_1_auth_asym_id 
_pdbx_struct_sheet_hbond.range_1_auth_seq_id 
_pdbx_struct_sheet_hbond.range_2_label_atom_id 
_pdbx_struct_sheet_hbond.range_2_label_comp_id 
_pdbx_struct_sheet_hbond.range_2_label_asym_id 
_pdbx_struct_sheet_hbond.range_2_label_seq_id 
_pdbx_struct_sheet_hbond.range_2_PDB_ins_code 
_pdbx_struct_sheet_hbond.range_2_auth_atom_id 
_pdbx_struct_sheet_hbond.range_2_auth_comp_id 
_pdbx_struct_sheet_hbond.range_2_auth_asym_id 
_pdbx_struct_sheet_hbond.range_2_auth_seq_id 
A 1 2 N SER A 28  ? N SER A 141 O ALA A 70  ? O ALA A 183 
A 2 3 N GLN A 71  ? N GLN A 184 O PHE A 157 ? O PHE A 270 
A 3 4 O PHE A 154 ? O PHE A 267 N LEU A 115 ? N LEU A 228 
A 4 5 N LEU A 114 ? N LEU A 227 O LEU A 122 ? O LEU A 235 
B 1 2 N SER A 28  ? N SER A 141 O ALA A 70  ? O ALA A 183 
B 2 3 N GLN A 71  ? N GLN A 184 O PHE A 157 ? O PHE A 270 
B 3 4 O PHE A 154 ? O PHE A 267 N LEU A 115 ? N LEU A 228 
B 4 5 N TYR A 108 ? N TYR A 221 O VAL A 130 ? O VAL A 243 
C 1 2 N LYS A 38  ? N LYS A 151 O ALA A 61  ? O ALA A 174 
C 2 3 N PHE A 60  ? N PHE A 173 O VAL A 175 ? O VAL A 288 
C 3 4 O ARG A 174 ? O ARG A 287 N SER A 99  ? N SER A 212 
C 4 5 N VAL A 94  ? N VAL A 207 O HIS A 143 ? O HIS A 256 
# 
loop_
_pdbx_validate_rmsd_bond.id 
_pdbx_validate_rmsd_bond.PDB_model_num 
_pdbx_validate_rmsd_bond.auth_atom_id_1 
_pdbx_validate_rmsd_bond.auth_asym_id_1 
_pdbx_validate_rmsd_bond.auth_comp_id_1 
_pdbx_validate_rmsd_bond.auth_seq_id_1 
_pdbx_validate_rmsd_bond.PDB_ins_code_1 
_pdbx_validate_rmsd_bond.label_alt_id_1 
_pdbx_validate_rmsd_bond.auth_atom_id_2 
_pdbx_validate_rmsd_bond.auth_asym_id_2 
_pdbx_validate_rmsd_bond.auth_comp_id_2 
_pdbx_validate_rmsd_bond.auth_seq_id_2 
_pdbx_validate_rmsd_bond.PDB_ins_code_2 
_pdbx_validate_rmsd_bond.label_alt_id_2 
_pdbx_validate_rmsd_bond.bond_value 
_pdbx_validate_rmsd_bond.bond_target_value 
_pdbx_validate_rmsd_bond.bond_deviation 
_pdbx_validate_rmsd_bond.bond_standard_deviation 
_pdbx_validate_rmsd_bond.linker_flag 
1  1 N   A GLY 114 ? ? CA  A GLY 114 ? ? 1.572 1.456 0.116  0.015 N 
2  1 C   A GLY 114 ? ? O   A GLY 114 ? ? 1.118 1.232 -0.114 0.016 N 
3  1 N   A HIS 116 ? ? CA  A HIS 116 ? ? 1.580 1.459 0.121  0.020 N 
4  1 CG  A PHE 119 ? ? CD1 A PHE 119 ? ? 1.482 1.383 0.099  0.015 N 
5  1 CE1 A PHE 119 ? ? CZ  A PHE 119 ? ? 1.485 1.369 0.116  0.019 N 
6  1 CG  A LYS 122 ? ? CD  A LYS 122 ? ? 1.759 1.520 0.239  0.034 N 
7  1 CD  A LYS 122 ? ? CE  A LYS 122 ? ? 1.680 1.508 0.172  0.025 N 
8  1 CE  A LYS 122 ? ? NZ  A LYS 122 ? ? 1.662 1.486 0.176  0.025 N 
9  1 NE  A ARG 125 ? ? CZ  A ARG 125 ? ? 1.420 1.326 0.094  0.013 N 
10 1 CG  A GLU 135 ? ? CD  A GLU 135 ? ? 1.724 1.515 0.209  0.015 N 
11 1 CD  A GLU 135 ? ? OE1 A GLU 135 ? ? 1.318 1.252 0.066  0.011 N 
12 1 CD  A GLU 135 ? ? OE2 A GLU 135 ? ? 1.404 1.252 0.152  0.011 N 
13 1 CG  A GLU 162 ? ? CD  A GLU 162 ? ? 1.633 1.515 0.118  0.015 N 
14 1 CD  A GLU 162 ? ? OE1 A GLU 162 ? ? 1.330 1.252 0.078  0.011 N 
15 1 CB  A SER 168 ? ? OG  A SER 168 ? ? 1.339 1.418 -0.079 0.013 N 
16 1 CB  A VAL 169 ? ? CG2 A VAL 169 ? ? 1.651 1.524 0.127  0.021 N 
17 1 CB  A CYS 180 ? ? SG  A CYS 180 ? ? 1.715 1.812 -0.097 0.016 N 
18 1 CZ  A ARG 181 ? ? NH1 A ARG 181 ? ? 1.419 1.326 0.093  0.013 N 
19 1 CG  A GLN 189 ? ? CD  A GLN 189 ? ? 1.675 1.506 0.169  0.023 N 
20 1 CE2 A TYR 193 ? ? CD2 A TYR 193 ? ? 1.498 1.389 0.109  0.015 N 
21 1 CD  A GLU 195 ? ? OE2 A GLU 195 ? ? 1.320 1.252 0.068  0.011 N 
22 1 CB  A VAL 207 ? ? CG1 A VAL 207 ? ? 1.307 1.524 -0.217 0.021 N 
23 1 CE3 A TRP 210 ? ? CZ3 A TRP 210 ? ? 1.497 1.380 0.117  0.017 N 
24 1 CE2 A TYR 211 ? ? CD2 A TYR 211 ? ? 1.502 1.389 0.113  0.015 N 
25 1 CB  A GLU 230 ? ? CG  A GLU 230 ? ? 1.654 1.517 0.137  0.019 N 
26 1 CG  A GLU 230 ? ? CD  A GLU 230 ? ? 1.708 1.515 0.193  0.015 N 
27 1 CD  A GLU 230 ? ? OE2 A GLU 230 ? ? 1.328 1.252 0.076  0.011 N 
28 1 CB  A GLN 242 ? ? CG  A GLN 242 ? ? 1.747 1.521 0.226  0.027 N 
29 1 CG  A GLN 242 ? ? CD  A GLN 242 ? ? 1.733 1.506 0.227  0.023 N 
30 1 CB  A SER 277 ? ? OG  A SER 277 ? ? 1.324 1.418 -0.094 0.013 N 
31 1 CE2 A TYR 279 ? ? CD2 A TYR 279 ? ? 1.543 1.389 0.154  0.015 N 
32 1 CE3 A TRP 280 ? ? CZ3 A TRP 280 ? ? 1.485 1.380 0.105  0.017 N 
33 1 CB  A LYS 281 ? ? CG  A LYS 281 ? ? 1.835 1.521 0.314  0.027 N 
34 1 CD  A LYS 281 ? ? CE  A LYS 281 ? ? 1.721 1.508 0.213  0.025 N 
35 1 CE  A LYS 281 ? ? NZ  A LYS 281 ? ? 1.821 1.486 0.335  0.025 N 
36 1 CD  A GLU 296 ? ? OE1 A GLU 296 ? ? 1.349 1.252 0.097  0.011 N 
# 
loop_
_pdbx_validate_rmsd_angle.id 
_pdbx_validate_rmsd_angle.PDB_model_num 
_pdbx_validate_rmsd_angle.auth_atom_id_1 
_pdbx_validate_rmsd_angle.auth_asym_id_1 
_pdbx_validate_rmsd_angle.auth_comp_id_1 
_pdbx_validate_rmsd_angle.auth_seq_id_1 
_pdbx_validate_rmsd_angle.PDB_ins_code_1 
_pdbx_validate_rmsd_angle.label_alt_id_1 
_pdbx_validate_rmsd_angle.auth_atom_id_2 
_pdbx_validate_rmsd_angle.auth_asym_id_2 
_pdbx_validate_rmsd_angle.auth_comp_id_2 
_pdbx_validate_rmsd_angle.auth_seq_id_2 
_pdbx_validate_rmsd_angle.PDB_ins_code_2 
_pdbx_validate_rmsd_angle.label_alt_id_2 
_pdbx_validate_rmsd_angle.auth_atom_id_3 
_pdbx_validate_rmsd_angle.auth_asym_id_3 
_pdbx_validate_rmsd_angle.auth_comp_id_3 
_pdbx_validate_rmsd_angle.auth_seq_id_3 
_pdbx_validate_rmsd_angle.PDB_ins_code_3 
_pdbx_validate_rmsd_angle.label_alt_id_3 
_pdbx_validate_rmsd_angle.angle_value 
_pdbx_validate_rmsd_angle.angle_target_value 
_pdbx_validate_rmsd_angle.angle_deviation 
_pdbx_validate_rmsd_angle.angle_standard_deviation 
_pdbx_validate_rmsd_angle.linker_flag 
1  1 N   A HIS 116 ? ? CA A HIS 116 ? ? C   A HIS 116 ? ? 130.77 111.00 19.77  2.70 N 
2  1 CA  A LYS 122 ? ? CB A LYS 122 ? ? CG  A LYS 122 ? ? 129.56 113.40 16.16  2.20 N 
3  1 CD  A LYS 122 ? ? CE A LYS 122 ? ? NZ  A LYS 122 ? ? 125.65 111.70 13.95  2.30 N 
4  1 NE  A ARG 125 ? ? CZ A ARG 125 ? ? NH1 A ARG 125 ? ? 128.05 120.30 7.75   0.50 N 
5  1 NE  A ARG 125 ? ? CZ A ARG 125 ? ? NH2 A ARG 125 ? ? 117.02 120.30 -3.28  0.50 N 
6  1 OE1 A GLU 135 ? ? CD A GLU 135 ? ? OE2 A GLU 135 ? ? 114.86 123.30 -8.44  1.20 N 
7  1 N   A LEU 155 ? ? CA A LEU 155 ? ? C   A LEU 155 ? ? 132.92 111.00 21.92  2.70 N 
8  1 CA  A LEU 155 ? ? C  A LEU 155 ? ? O   A LEU 155 ? ? 103.90 120.10 -16.20 2.10 N 
9  1 CA  A LEU 155 ? ? C  A LEU 155 ? ? N   A PRO 156 ? ? 147.63 117.10 30.53  2.80 Y 
10 1 O   A LEU 155 ? ? C  A LEU 155 ? ? N   A PRO 156 ? ? 108.18 121.10 -12.92 1.90 Y 
11 1 C   A LEU 155 ? ? N  A PRO 156 ? ? CA  A PRO 156 ? ? 92.18  119.30 -27.12 1.50 Y 
12 1 C   A LEU 155 ? ? N  A PRO 156 ? ? CD  A PRO 156 ? ? 151.03 128.40 22.63  2.10 Y 
13 1 CB  A ASP 158 ? ? CG A ASP 158 ? ? OD1 A ASP 158 ? ? 111.93 118.30 -6.37  0.90 N 
14 1 CB  A ASP 158 ? ? CG A ASP 158 ? ? OD2 A ASP 158 ? ? 125.35 118.30 7.05   0.90 N 
15 1 CB  A ASP 166 ? ? CG A ASP 166 ? ? OD2 A ASP 166 ? ? 125.61 118.30 7.31   0.90 N 
16 1 NE  A ARG 181 ? ? CZ A ARG 181 ? ? NH1 A ARG 181 ? ? 123.70 120.30 3.40   0.50 N 
17 1 NE  A ARG 181 ? ? CZ A ARG 181 ? ? NH2 A ARG 181 ? ? 115.13 120.30 -5.17  0.50 N 
18 1 CA  A GLU 195 ? ? CB A GLU 195 ? ? CG  A GLU 195 ? ? 128.09 113.40 14.69  2.20 N 
19 1 CB  A ASP 199 ? ? CG A ASP 199 ? ? OD1 A ASP 199 ? ? 124.10 118.30 5.80   0.90 N 
20 1 CB  A ASP 216 ? ? CG A ASP 216 ? ? OD1 A ASP 216 ? ? 125.06 118.30 6.76   0.90 N 
21 1 CB  A ASP 233 ? ? CG A ASP 233 ? ? OD1 A ASP 233 ? ? 112.03 118.30 -6.27  0.90 N 
22 1 CB  A ASP 233 ? ? CG A ASP 233 ? ? OD2 A ASP 233 ? ? 125.32 118.30 7.02   0.90 N 
23 1 CB  A ASP 248 ? ? CG A ASP 248 ? ? OD1 A ASP 248 ? ? 125.33 118.30 7.03   0.90 N 
24 1 CG  A MET 252 ? ? SD A MET 252 ? ? CE  A MET 252 ? ? 111.87 100.20 11.67  1.60 N 
25 1 NE  A ARG 269 ? ? CZ A ARG 269 ? ? NH1 A ARG 269 ? ? 116.99 120.30 -3.31  0.50 N 
26 1 CB  A ASP 276 ? ? CG A ASP 276 ? ? OD1 A ASP 276 ? ? 123.75 118.30 5.45   0.90 N 
27 1 CD  A LYS 281 ? ? CE A LYS 281 ? ? NZ  A LYS 281 ? ? 126.60 111.70 14.90  2.30 N 
# 
loop_
_pdbx_validate_torsion.id 
_pdbx_validate_torsion.PDB_model_num 
_pdbx_validate_torsion.auth_comp_id 
_pdbx_validate_torsion.auth_asym_id 
_pdbx_validate_torsion.auth_seq_id 
_pdbx_validate_torsion.PDB_ins_code 
_pdbx_validate_torsion.label_alt_id 
_pdbx_validate_torsion.phi 
_pdbx_validate_torsion.psi 
1 1 HIS A 116 ? ? 121.76  -69.41  
2 1 ASP A 136 ? ? 55.50   -121.14 
3 1 ASN A 159 ? ? 30.74   48.48   
4 1 GLN A 165 ? ? -179.97 -46.36  
5 1 ASP A 167 ? ? -43.51  -17.27  
6 1 SER A 176 ? ? -119.90 -144.53 
7 1 THR A 200 ? ? -94.88  -68.77  
8 1 ALA A 217 ? ? -174.67 146.80  
9 1 TRP A 283 ? ? -119.12 75.26   
# 
loop_
_pdbx_validate_peptide_omega.id 
_pdbx_validate_peptide_omega.PDB_model_num 
_pdbx_validate_peptide_omega.auth_comp_id_1 
_pdbx_validate_peptide_omega.auth_asym_id_1 
_pdbx_validate_peptide_omega.auth_seq_id_1 
_pdbx_validate_peptide_omega.PDB_ins_code_1 
_pdbx_validate_peptide_omega.label_alt_id_1 
_pdbx_validate_peptide_omega.auth_comp_id_2 
_pdbx_validate_peptide_omega.auth_asym_id_2 
_pdbx_validate_peptide_omega.auth_seq_id_2 
_pdbx_validate_peptide_omega.PDB_ins_code_2 
_pdbx_validate_peptide_omega.label_alt_id_2 
_pdbx_validate_peptide_omega.omega 
1 1 SER A 115 ? ? HIS A 116 ? ? -37.72 
2 1 HIS A 116 ? ? PHE A 117 ? ? 146.69 
3 1 LEU A 155 ? ? PRO A 156 ? ? 144.88 
# 
_pdbx_entry_details.entry_id                 1UMI 
_pdbx_entry_details.compound_details         ? 
_pdbx_entry_details.source_details           ? 
_pdbx_entry_details.nonpolymer_details       ? 
_pdbx_entry_details.sequence_details         
;THERE IS A DIFFERENCE BETWEEN THE SEQRES
AND THE SEQUENCE DATABASE.
THE DEPOSITORS BELIEVE THAT THIS RESIDUE
IS VALIANT AT THIS POSITION.
;
_pdbx_entry_details.has_ligand_of_interest   ? 
# 
loop_
_chem_comp_atom.comp_id 
_chem_comp_atom.atom_id 
_chem_comp_atom.type_symbol 
_chem_comp_atom.pdbx_aromatic_flag 
_chem_comp_atom.pdbx_stereo_config 
_chem_comp_atom.pdbx_ordinal 
ALA N    N N N 1   
ALA CA   C N S 2   
ALA C    C N N 3   
ALA O    O N N 4   
ALA CB   C N N 5   
ALA OXT  O N N 6   
ALA H    H N N 7   
ALA H2   H N N 8   
ALA HA   H N N 9   
ALA HB1  H N N 10  
ALA HB2  H N N 11  
ALA HB3  H N N 12  
ALA HXT  H N N 13  
ARG N    N N N 14  
ARG CA   C N S 15  
ARG C    C N N 16  
ARG O    O N N 17  
ARG CB   C N N 18  
ARG CG   C N N 19  
ARG CD   C N N 20  
ARG NE   N N N 21  
ARG CZ   C N N 22  
ARG NH1  N N N 23  
ARG NH2  N N N 24  
ARG OXT  O N N 25  
ARG H    H N N 26  
ARG H2   H N N 27  
ARG HA   H N N 28  
ARG HB2  H N N 29  
ARG HB3  H N N 30  
ARG HG2  H N N 31  
ARG HG3  H N N 32  
ARG HD2  H N N 33  
ARG HD3  H N N 34  
ARG HE   H N N 35  
ARG HH11 H N N 36  
ARG HH12 H N N 37  
ARG HH21 H N N 38  
ARG HH22 H N N 39  
ARG HXT  H N N 40  
ASN N    N N N 41  
ASN CA   C N S 42  
ASN C    C N N 43  
ASN O    O N N 44  
ASN CB   C N N 45  
ASN CG   C N N 46  
ASN OD1  O N N 47  
ASN ND2  N N N 48  
ASN OXT  O N N 49  
ASN H    H N N 50  
ASN H2   H N N 51  
ASN HA   H N N 52  
ASN HB2  H N N 53  
ASN HB3  H N N 54  
ASN HD21 H N N 55  
ASN HD22 H N N 56  
ASN HXT  H N N 57  
ASP N    N N N 58  
ASP CA   C N S 59  
ASP C    C N N 60  
ASP O    O N N 61  
ASP CB   C N N 62  
ASP CG   C N N 63  
ASP OD1  O N N 64  
ASP OD2  O N N 65  
ASP OXT  O N N 66  
ASP H    H N N 67  
ASP H2   H N N 68  
ASP HA   H N N 69  
ASP HB2  H N N 70  
ASP HB3  H N N 71  
ASP HD2  H N N 72  
ASP HXT  H N N 73  
CYS N    N N N 74  
CYS CA   C N R 75  
CYS C    C N N 76  
CYS O    O N N 77  
CYS CB   C N N 78  
CYS SG   S N N 79  
CYS OXT  O N N 80  
CYS H    H N N 81  
CYS H2   H N N 82  
CYS HA   H N N 83  
CYS HB2  H N N 84  
CYS HB3  H N N 85  
CYS HG   H N N 86  
CYS HXT  H N N 87  
GLN N    N N N 88  
GLN CA   C N S 89  
GLN C    C N N 90  
GLN O    O N N 91  
GLN CB   C N N 92  
GLN CG   C N N 93  
GLN CD   C N N 94  
GLN OE1  O N N 95  
GLN NE2  N N N 96  
GLN OXT  O N N 97  
GLN H    H N N 98  
GLN H2   H N N 99  
GLN HA   H N N 100 
GLN HB2  H N N 101 
GLN HB3  H N N 102 
GLN HG2  H N N 103 
GLN HG3  H N N 104 
GLN HE21 H N N 105 
GLN HE22 H N N 106 
GLN HXT  H N N 107 
GLU N    N N N 108 
GLU CA   C N S 109 
GLU C    C N N 110 
GLU O    O N N 111 
GLU CB   C N N 112 
GLU CG   C N N 113 
GLU CD   C N N 114 
GLU OE1  O N N 115 
GLU OE2  O N N 116 
GLU OXT  O N N 117 
GLU H    H N N 118 
GLU H2   H N N 119 
GLU HA   H N N 120 
GLU HB2  H N N 121 
GLU HB3  H N N 122 
GLU HG2  H N N 123 
GLU HG3  H N N 124 
GLU HE2  H N N 125 
GLU HXT  H N N 126 
GLY N    N N N 127 
GLY CA   C N N 128 
GLY C    C N N 129 
GLY O    O N N 130 
GLY OXT  O N N 131 
GLY H    H N N 132 
GLY H2   H N N 133 
GLY HA2  H N N 134 
GLY HA3  H N N 135 
GLY HXT  H N N 136 
HIS N    N N N 137 
HIS CA   C N S 138 
HIS C    C N N 139 
HIS O    O N N 140 
HIS CB   C N N 141 
HIS CG   C Y N 142 
HIS ND1  N Y N 143 
HIS CD2  C Y N 144 
HIS CE1  C Y N 145 
HIS NE2  N Y N 146 
HIS OXT  O N N 147 
HIS H    H N N 148 
HIS H2   H N N 149 
HIS HA   H N N 150 
HIS HB2  H N N 151 
HIS HB3  H N N 152 
HIS HD1  H N N 153 
HIS HD2  H N N 154 
HIS HE1  H N N 155 
HIS HE2  H N N 156 
HIS HXT  H N N 157 
HOH O    O N N 158 
HOH H1   H N N 159 
HOH H2   H N N 160 
ILE N    N N N 161 
ILE CA   C N S 162 
ILE C    C N N 163 
ILE O    O N N 164 
ILE CB   C N S 165 
ILE CG1  C N N 166 
ILE CG2  C N N 167 
ILE CD1  C N N 168 
ILE OXT  O N N 169 
ILE H    H N N 170 
ILE H2   H N N 171 
ILE HA   H N N 172 
ILE HB   H N N 173 
ILE HG12 H N N 174 
ILE HG13 H N N 175 
ILE HG21 H N N 176 
ILE HG22 H N N 177 
ILE HG23 H N N 178 
ILE HD11 H N N 179 
ILE HD12 H N N 180 
ILE HD13 H N N 181 
ILE HXT  H N N 182 
LEU N    N N N 183 
LEU CA   C N S 184 
LEU C    C N N 185 
LEU O    O N N 186 
LEU CB   C N N 187 
LEU CG   C N N 188 
LEU CD1  C N N 189 
LEU CD2  C N N 190 
LEU OXT  O N N 191 
LEU H    H N N 192 
LEU H2   H N N 193 
LEU HA   H N N 194 
LEU HB2  H N N 195 
LEU HB3  H N N 196 
LEU HG   H N N 197 
LEU HD11 H N N 198 
LEU HD12 H N N 199 
LEU HD13 H N N 200 
LEU HD21 H N N 201 
LEU HD22 H N N 202 
LEU HD23 H N N 203 
LEU HXT  H N N 204 
LYS N    N N N 205 
LYS CA   C N S 206 
LYS C    C N N 207 
LYS O    O N N 208 
LYS CB   C N N 209 
LYS CG   C N N 210 
LYS CD   C N N 211 
LYS CE   C N N 212 
LYS NZ   N N N 213 
LYS OXT  O N N 214 
LYS H    H N N 215 
LYS H2   H N N 216 
LYS HA   H N N 217 
LYS HB2  H N N 218 
LYS HB3  H N N 219 
LYS HG2  H N N 220 
LYS HG3  H N N 221 
LYS HD2  H N N 222 
LYS HD3  H N N 223 
LYS HE2  H N N 224 
LYS HE3  H N N 225 
LYS HZ1  H N N 226 
LYS HZ2  H N N 227 
LYS HZ3  H N N 228 
LYS HXT  H N N 229 
MET N    N N N 230 
MET CA   C N S 231 
MET C    C N N 232 
MET O    O N N 233 
MET CB   C N N 234 
MET CG   C N N 235 
MET SD   S N N 236 
MET CE   C N N 237 
MET OXT  O N N 238 
MET H    H N N 239 
MET H2   H N N 240 
MET HA   H N N 241 
MET HB2  H N N 242 
MET HB3  H N N 243 
MET HG2  H N N 244 
MET HG3  H N N 245 
MET HE1  H N N 246 
MET HE2  H N N 247 
MET HE3  H N N 248 
MET HXT  H N N 249 
NAG C1   C N R 250 
NAG C2   C N R 251 
NAG C3   C N R 252 
NAG C4   C N S 253 
NAG C5   C N R 254 
NAG C6   C N N 255 
NAG C7   C N N 256 
NAG C8   C N N 257 
NAG N2   N N N 258 
NAG O1   O N N 259 
NAG O3   O N N 260 
NAG O4   O N N 261 
NAG O5   O N N 262 
NAG O6   O N N 263 
NAG O7   O N N 264 
NAG H1   H N N 265 
NAG H2   H N N 266 
NAG H3   H N N 267 
NAG H4   H N N 268 
NAG H5   H N N 269 
NAG H61  H N N 270 
NAG H62  H N N 271 
NAG H81  H N N 272 
NAG H82  H N N 273 
NAG H83  H N N 274 
NAG HN2  H N N 275 
NAG HO1  H N N 276 
NAG HO3  H N N 277 
NAG HO4  H N N 278 
NAG HO6  H N N 279 
NDG C1   C N S 280 
NDG C2   C N R 281 
NDG C3   C N R 282 
NDG C4   C N S 283 
NDG C5   C N R 284 
NDG C6   C N N 285 
NDG C7   C N N 286 
NDG C8   C N N 287 
NDG O5   O N N 288 
NDG O3   O N N 289 
NDG O4   O N N 290 
NDG O6   O N N 291 
NDG O7   O N N 292 
NDG N2   N N N 293 
NDG O1   O N N 294 
NDG H1   H N N 295 
NDG H2   H N N 296 
NDG H3   H N N 297 
NDG H4   H N N 298 
NDG H5   H N N 299 
NDG H61  H N N 300 
NDG H62  H N N 301 
NDG H81  H N N 302 
NDG H82  H N N 303 
NDG H83  H N N 304 
NDG HO3  H N N 305 
NDG HO4  H N N 306 
NDG HO6  H N N 307 
NDG HN2  H N N 308 
NDG HO1  H N N 309 
PHE N    N N N 310 
PHE CA   C N S 311 
PHE C    C N N 312 
PHE O    O N N 313 
PHE CB   C N N 314 
PHE CG   C Y N 315 
PHE CD1  C Y N 316 
PHE CD2  C Y N 317 
PHE CE1  C Y N 318 
PHE CE2  C Y N 319 
PHE CZ   C Y N 320 
PHE OXT  O N N 321 
PHE H    H N N 322 
PHE H2   H N N 323 
PHE HA   H N N 324 
PHE HB2  H N N 325 
PHE HB3  H N N 326 
PHE HD1  H N N 327 
PHE HD2  H N N 328 
PHE HE1  H N N 329 
PHE HE2  H N N 330 
PHE HZ   H N N 331 
PHE HXT  H N N 332 
PRO N    N N N 333 
PRO CA   C N S 334 
PRO C    C N N 335 
PRO O    O N N 336 
PRO CB   C N N 337 
PRO CG   C N N 338 
PRO CD   C N N 339 
PRO OXT  O N N 340 
PRO H    H N N 341 
PRO HA   H N N 342 
PRO HB2  H N N 343 
PRO HB3  H N N 344 
PRO HG2  H N N 345 
PRO HG3  H N N 346 
PRO HD2  H N N 347 
PRO HD3  H N N 348 
PRO HXT  H N N 349 
SER N    N N N 350 
SER CA   C N S 351 
SER C    C N N 352 
SER O    O N N 353 
SER CB   C N N 354 
SER OG   O N N 355 
SER OXT  O N N 356 
SER H    H N N 357 
SER H2   H N N 358 
SER HA   H N N 359 
SER HB2  H N N 360 
SER HB3  H N N 361 
SER HG   H N N 362 
SER HXT  H N N 363 
THR N    N N N 364 
THR CA   C N S 365 
THR C    C N N 366 
THR O    O N N 367 
THR CB   C N R 368 
THR OG1  O N N 369 
THR CG2  C N N 370 
THR OXT  O N N 371 
THR H    H N N 372 
THR H2   H N N 373 
THR HA   H N N 374 
THR HB   H N N 375 
THR HG1  H N N 376 
THR HG21 H N N 377 
THR HG22 H N N 378 
THR HG23 H N N 379 
THR HXT  H N N 380 
TRP N    N N N 381 
TRP CA   C N S 382 
TRP C    C N N 383 
TRP O    O N N 384 
TRP CB   C N N 385 
TRP CG   C Y N 386 
TRP CD1  C Y N 387 
TRP CD2  C Y N 388 
TRP NE1  N Y N 389 
TRP CE2  C Y N 390 
TRP CE3  C Y N 391 
TRP CZ2  C Y N 392 
TRP CZ3  C Y N 393 
TRP CH2  C Y N 394 
TRP OXT  O N N 395 
TRP H    H N N 396 
TRP H2   H N N 397 
TRP HA   H N N 398 
TRP HB2  H N N 399 
TRP HB3  H N N 400 
TRP HD1  H N N 401 
TRP HE1  H N N 402 
TRP HE3  H N N 403 
TRP HZ2  H N N 404 
TRP HZ3  H N N 405 
TRP HH2  H N N 406 
TRP HXT  H N N 407 
TYR N    N N N 408 
TYR CA   C N S 409 
TYR C    C N N 410 
TYR O    O N N 411 
TYR CB   C N N 412 
TYR CG   C Y N 413 
TYR CD1  C Y N 414 
TYR CD2  C Y N 415 
TYR CE1  C Y N 416 
TYR CE2  C Y N 417 
TYR CZ   C Y N 418 
TYR OH   O N N 419 
TYR OXT  O N N 420 
TYR H    H N N 421 
TYR H2   H N N 422 
TYR HA   H N N 423 
TYR HB2  H N N 424 
TYR HB3  H N N 425 
TYR HD1  H N N 426 
TYR HD2  H N N 427 
TYR HE1  H N N 428 
TYR HE2  H N N 429 
TYR HH   H N N 430 
TYR HXT  H N N 431 
VAL N    N N N 432 
VAL CA   C N S 433 
VAL C    C N N 434 
VAL O    O N N 435 
VAL CB   C N N 436 
VAL CG1  C N N 437 
VAL CG2  C N N 438 
VAL OXT  O N N 439 
VAL H    H N N 440 
VAL H2   H N N 441 
VAL HA   H N N 442 
VAL HB   H N N 443 
VAL HG11 H N N 444 
VAL HG12 H N N 445 
VAL HG13 H N N 446 
VAL HG21 H N N 447 
VAL HG22 H N N 448 
VAL HG23 H N N 449 
VAL HXT  H N N 450 
# 
loop_
_chem_comp_bond.comp_id 
_chem_comp_bond.atom_id_1 
_chem_comp_bond.atom_id_2 
_chem_comp_bond.value_order 
_chem_comp_bond.pdbx_aromatic_flag 
_chem_comp_bond.pdbx_stereo_config 
_chem_comp_bond.pdbx_ordinal 
ALA N   CA   sing N N 1   
ALA N   H    sing N N 2   
ALA N   H2   sing N N 3   
ALA CA  C    sing N N 4   
ALA CA  CB   sing N N 5   
ALA CA  HA   sing N N 6   
ALA C   O    doub N N 7   
ALA C   OXT  sing N N 8   
ALA CB  HB1  sing N N 9   
ALA CB  HB2  sing N N 10  
ALA CB  HB3  sing N N 11  
ALA OXT HXT  sing N N 12  
ARG N   CA   sing N N 13  
ARG N   H    sing N N 14  
ARG N   H2   sing N N 15  
ARG CA  C    sing N N 16  
ARG CA  CB   sing N N 17  
ARG CA  HA   sing N N 18  
ARG C   O    doub N N 19  
ARG C   OXT  sing N N 20  
ARG CB  CG   sing N N 21  
ARG CB  HB2  sing N N 22  
ARG CB  HB3  sing N N 23  
ARG CG  CD   sing N N 24  
ARG CG  HG2  sing N N 25  
ARG CG  HG3  sing N N 26  
ARG CD  NE   sing N N 27  
ARG CD  HD2  sing N N 28  
ARG CD  HD3  sing N N 29  
ARG NE  CZ   sing N N 30  
ARG NE  HE   sing N N 31  
ARG CZ  NH1  sing N N 32  
ARG CZ  NH2  doub N N 33  
ARG NH1 HH11 sing N N 34  
ARG NH1 HH12 sing N N 35  
ARG NH2 HH21 sing N N 36  
ARG NH2 HH22 sing N N 37  
ARG OXT HXT  sing N N 38  
ASN N   CA   sing N N 39  
ASN N   H    sing N N 40  
ASN N   H2   sing N N 41  
ASN CA  C    sing N N 42  
ASN CA  CB   sing N N 43  
ASN CA  HA   sing N N 44  
ASN C   O    doub N N 45  
ASN C   OXT  sing N N 46  
ASN CB  CG   sing N N 47  
ASN CB  HB2  sing N N 48  
ASN CB  HB3  sing N N 49  
ASN CG  OD1  doub N N 50  
ASN CG  ND2  sing N N 51  
ASN ND2 HD21 sing N N 52  
ASN ND2 HD22 sing N N 53  
ASN OXT HXT  sing N N 54  
ASP N   CA   sing N N 55  
ASP N   H    sing N N 56  
ASP N   H2   sing N N 57  
ASP CA  C    sing N N 58  
ASP CA  CB   sing N N 59  
ASP CA  HA   sing N N 60  
ASP C   O    doub N N 61  
ASP C   OXT  sing N N 62  
ASP CB  CG   sing N N 63  
ASP CB  HB2  sing N N 64  
ASP CB  HB3  sing N N 65  
ASP CG  OD1  doub N N 66  
ASP CG  OD2  sing N N 67  
ASP OD2 HD2  sing N N 68  
ASP OXT HXT  sing N N 69  
CYS N   CA   sing N N 70  
CYS N   H    sing N N 71  
CYS N   H2   sing N N 72  
CYS CA  C    sing N N 73  
CYS CA  CB   sing N N 74  
CYS CA  HA   sing N N 75  
CYS C   O    doub N N 76  
CYS C   OXT  sing N N 77  
CYS CB  SG   sing N N 78  
CYS CB  HB2  sing N N 79  
CYS CB  HB3  sing N N 80  
CYS SG  HG   sing N N 81  
CYS OXT HXT  sing N N 82  
GLN N   CA   sing N N 83  
GLN N   H    sing N N 84  
GLN N   H2   sing N N 85  
GLN CA  C    sing N N 86  
GLN CA  CB   sing N N 87  
GLN CA  HA   sing N N 88  
GLN C   O    doub N N 89  
GLN C   OXT  sing N N 90  
GLN CB  CG   sing N N 91  
GLN CB  HB2  sing N N 92  
GLN CB  HB3  sing N N 93  
GLN CG  CD   sing N N 94  
GLN CG  HG2  sing N N 95  
GLN CG  HG3  sing N N 96  
GLN CD  OE1  doub N N 97  
GLN CD  NE2  sing N N 98  
GLN NE2 HE21 sing N N 99  
GLN NE2 HE22 sing N N 100 
GLN OXT HXT  sing N N 101 
GLU N   CA   sing N N 102 
GLU N   H    sing N N 103 
GLU N   H2   sing N N 104 
GLU CA  C    sing N N 105 
GLU CA  CB   sing N N 106 
GLU CA  HA   sing N N 107 
GLU C   O    doub N N 108 
GLU C   OXT  sing N N 109 
GLU CB  CG   sing N N 110 
GLU CB  HB2  sing N N 111 
GLU CB  HB3  sing N N 112 
GLU CG  CD   sing N N 113 
GLU CG  HG2  sing N N 114 
GLU CG  HG3  sing N N 115 
GLU CD  OE1  doub N N 116 
GLU CD  OE2  sing N N 117 
GLU OE2 HE2  sing N N 118 
GLU OXT HXT  sing N N 119 
GLY N   CA   sing N N 120 
GLY N   H    sing N N 121 
GLY N   H2   sing N N 122 
GLY CA  C    sing N N 123 
GLY CA  HA2  sing N N 124 
GLY CA  HA3  sing N N 125 
GLY C   O    doub N N 126 
GLY C   OXT  sing N N 127 
GLY OXT HXT  sing N N 128 
HIS N   CA   sing N N 129 
HIS N   H    sing N N 130 
HIS N   H2   sing N N 131 
HIS CA  C    sing N N 132 
HIS CA  CB   sing N N 133 
HIS CA  HA   sing N N 134 
HIS C   O    doub N N 135 
HIS C   OXT  sing N N 136 
HIS CB  CG   sing N N 137 
HIS CB  HB2  sing N N 138 
HIS CB  HB3  sing N N 139 
HIS CG  ND1  sing Y N 140 
HIS CG  CD2  doub Y N 141 
HIS ND1 CE1  doub Y N 142 
HIS ND1 HD1  sing N N 143 
HIS CD2 NE2  sing Y N 144 
HIS CD2 HD2  sing N N 145 
HIS CE1 NE2  sing Y N 146 
HIS CE1 HE1  sing N N 147 
HIS NE2 HE2  sing N N 148 
HIS OXT HXT  sing N N 149 
HOH O   H1   sing N N 150 
HOH O   H2   sing N N 151 
ILE N   CA   sing N N 152 
ILE N   H    sing N N 153 
ILE N   H2   sing N N 154 
ILE CA  C    sing N N 155 
ILE CA  CB   sing N N 156 
ILE CA  HA   sing N N 157 
ILE C   O    doub N N 158 
ILE C   OXT  sing N N 159 
ILE CB  CG1  sing N N 160 
ILE CB  CG2  sing N N 161 
ILE CB  HB   sing N N 162 
ILE CG1 CD1  sing N N 163 
ILE CG1 HG12 sing N N 164 
ILE CG1 HG13 sing N N 165 
ILE CG2 HG21 sing N N 166 
ILE CG2 HG22 sing N N 167 
ILE CG2 HG23 sing N N 168 
ILE CD1 HD11 sing N N 169 
ILE CD1 HD12 sing N N 170 
ILE CD1 HD13 sing N N 171 
ILE OXT HXT  sing N N 172 
LEU N   CA   sing N N 173 
LEU N   H    sing N N 174 
LEU N   H2   sing N N 175 
LEU CA  C    sing N N 176 
LEU CA  CB   sing N N 177 
LEU CA  HA   sing N N 178 
LEU C   O    doub N N 179 
LEU C   OXT  sing N N 180 
LEU CB  CG   sing N N 181 
LEU CB  HB2  sing N N 182 
LEU CB  HB3  sing N N 183 
LEU CG  CD1  sing N N 184 
LEU CG  CD2  sing N N 185 
LEU CG  HG   sing N N 186 
LEU CD1 HD11 sing N N 187 
LEU CD1 HD12 sing N N 188 
LEU CD1 HD13 sing N N 189 
LEU CD2 HD21 sing N N 190 
LEU CD2 HD22 sing N N 191 
LEU CD2 HD23 sing N N 192 
LEU OXT HXT  sing N N 193 
LYS N   CA   sing N N 194 
LYS N   H    sing N N 195 
LYS N   H2   sing N N 196 
LYS CA  C    sing N N 197 
LYS CA  CB   sing N N 198 
LYS CA  HA   sing N N 199 
LYS C   O    doub N N 200 
LYS C   OXT  sing N N 201 
LYS CB  CG   sing N N 202 
LYS CB  HB2  sing N N 203 
LYS CB  HB3  sing N N 204 
LYS CG  CD   sing N N 205 
LYS CG  HG2  sing N N 206 
LYS CG  HG3  sing N N 207 
LYS CD  CE   sing N N 208 
LYS CD  HD2  sing N N 209 
LYS CD  HD3  sing N N 210 
LYS CE  NZ   sing N N 211 
LYS CE  HE2  sing N N 212 
LYS CE  HE3  sing N N 213 
LYS NZ  HZ1  sing N N 214 
LYS NZ  HZ2  sing N N 215 
LYS NZ  HZ3  sing N N 216 
LYS OXT HXT  sing N N 217 
MET N   CA   sing N N 218 
MET N   H    sing N N 219 
MET N   H2   sing N N 220 
MET CA  C    sing N N 221 
MET CA  CB   sing N N 222 
MET CA  HA   sing N N 223 
MET C   O    doub N N 224 
MET C   OXT  sing N N 225 
MET CB  CG   sing N N 226 
MET CB  HB2  sing N N 227 
MET CB  HB3  sing N N 228 
MET CG  SD   sing N N 229 
MET CG  HG2  sing N N 230 
MET CG  HG3  sing N N 231 
MET SD  CE   sing N N 232 
MET CE  HE1  sing N N 233 
MET CE  HE2  sing N N 234 
MET CE  HE3  sing N N 235 
MET OXT HXT  sing N N 236 
NAG C1  C2   sing N N 237 
NAG C1  O1   sing N N 238 
NAG C1  O5   sing N N 239 
NAG C1  H1   sing N N 240 
NAG C2  C3   sing N N 241 
NAG C2  N2   sing N N 242 
NAG C2  H2   sing N N 243 
NAG C3  C4   sing N N 244 
NAG C3  O3   sing N N 245 
NAG C3  H3   sing N N 246 
NAG C4  C5   sing N N 247 
NAG C4  O4   sing N N 248 
NAG C4  H4   sing N N 249 
NAG C5  C6   sing N N 250 
NAG C5  O5   sing N N 251 
NAG C5  H5   sing N N 252 
NAG C6  O6   sing N N 253 
NAG C6  H61  sing N N 254 
NAG C6  H62  sing N N 255 
NAG C7  C8   sing N N 256 
NAG C7  N2   sing N N 257 
NAG C7  O7   doub N N 258 
NAG C8  H81  sing N N 259 
NAG C8  H82  sing N N 260 
NAG C8  H83  sing N N 261 
NAG N2  HN2  sing N N 262 
NAG O1  HO1  sing N N 263 
NAG O3  HO3  sing N N 264 
NAG O4  HO4  sing N N 265 
NAG O6  HO6  sing N N 266 
NDG C1  C2   sing N N 267 
NDG C1  O5   sing N N 268 
NDG C1  O1   sing N N 269 
NDG C1  H1   sing N N 270 
NDG C2  C3   sing N N 271 
NDG C2  N2   sing N N 272 
NDG C2  H2   sing N N 273 
NDG C3  C4   sing N N 274 
NDG C3  O3   sing N N 275 
NDG C3  H3   sing N N 276 
NDG C4  C5   sing N N 277 
NDG C4  O4   sing N N 278 
NDG C4  H4   sing N N 279 
NDG C5  C6   sing N N 280 
NDG C5  O5   sing N N 281 
NDG C5  H5   sing N N 282 
NDG C6  O6   sing N N 283 
NDG C6  H61  sing N N 284 
NDG C6  H62  sing N N 285 
NDG C7  C8   sing N N 286 
NDG C7  O7   doub N N 287 
NDG C7  N2   sing N N 288 
NDG C8  H81  sing N N 289 
NDG C8  H82  sing N N 290 
NDG C8  H83  sing N N 291 
NDG O3  HO3  sing N N 292 
NDG O4  HO4  sing N N 293 
NDG O6  HO6  sing N N 294 
NDG N2  HN2  sing N N 295 
NDG O1  HO1  sing N N 296 
PHE N   CA   sing N N 297 
PHE N   H    sing N N 298 
PHE N   H2   sing N N 299 
PHE CA  C    sing N N 300 
PHE CA  CB   sing N N 301 
PHE CA  HA   sing N N 302 
PHE C   O    doub N N 303 
PHE C   OXT  sing N N 304 
PHE CB  CG   sing N N 305 
PHE CB  HB2  sing N N 306 
PHE CB  HB3  sing N N 307 
PHE CG  CD1  doub Y N 308 
PHE CG  CD2  sing Y N 309 
PHE CD1 CE1  sing Y N 310 
PHE CD1 HD1  sing N N 311 
PHE CD2 CE2  doub Y N 312 
PHE CD2 HD2  sing N N 313 
PHE CE1 CZ   doub Y N 314 
PHE CE1 HE1  sing N N 315 
PHE CE2 CZ   sing Y N 316 
PHE CE2 HE2  sing N N 317 
PHE CZ  HZ   sing N N 318 
PHE OXT HXT  sing N N 319 
PRO N   CA   sing N N 320 
PRO N   CD   sing N N 321 
PRO N   H    sing N N 322 
PRO CA  C    sing N N 323 
PRO CA  CB   sing N N 324 
PRO CA  HA   sing N N 325 
PRO C   O    doub N N 326 
PRO C   OXT  sing N N 327 
PRO CB  CG   sing N N 328 
PRO CB  HB2  sing N N 329 
PRO CB  HB3  sing N N 330 
PRO CG  CD   sing N N 331 
PRO CG  HG2  sing N N 332 
PRO CG  HG3  sing N N 333 
PRO CD  HD2  sing N N 334 
PRO CD  HD3  sing N N 335 
PRO OXT HXT  sing N N 336 
SER N   CA   sing N N 337 
SER N   H    sing N N 338 
SER N   H2   sing N N 339 
SER CA  C    sing N N 340 
SER CA  CB   sing N N 341 
SER CA  HA   sing N N 342 
SER C   O    doub N N 343 
SER C   OXT  sing N N 344 
SER CB  OG   sing N N 345 
SER CB  HB2  sing N N 346 
SER CB  HB3  sing N N 347 
SER OG  HG   sing N N 348 
SER OXT HXT  sing N N 349 
THR N   CA   sing N N 350 
THR N   H    sing N N 351 
THR N   H2   sing N N 352 
THR CA  C    sing N N 353 
THR CA  CB   sing N N 354 
THR CA  HA   sing N N 355 
THR C   O    doub N N 356 
THR C   OXT  sing N N 357 
THR CB  OG1  sing N N 358 
THR CB  CG2  sing N N 359 
THR CB  HB   sing N N 360 
THR OG1 HG1  sing N N 361 
THR CG2 HG21 sing N N 362 
THR CG2 HG22 sing N N 363 
THR CG2 HG23 sing N N 364 
THR OXT HXT  sing N N 365 
TRP N   CA   sing N N 366 
TRP N   H    sing N N 367 
TRP N   H2   sing N N 368 
TRP CA  C    sing N N 369 
TRP CA  CB   sing N N 370 
TRP CA  HA   sing N N 371 
TRP C   O    doub N N 372 
TRP C   OXT  sing N N 373 
TRP CB  CG   sing N N 374 
TRP CB  HB2  sing N N 375 
TRP CB  HB3  sing N N 376 
TRP CG  CD1  doub Y N 377 
TRP CG  CD2  sing Y N 378 
TRP CD1 NE1  sing Y N 379 
TRP CD1 HD1  sing N N 380 
TRP CD2 CE2  doub Y N 381 
TRP CD2 CE3  sing Y N 382 
TRP NE1 CE2  sing Y N 383 
TRP NE1 HE1  sing N N 384 
TRP CE2 CZ2  sing Y N 385 
TRP CE3 CZ3  doub Y N 386 
TRP CE3 HE3  sing N N 387 
TRP CZ2 CH2  doub Y N 388 
TRP CZ2 HZ2  sing N N 389 
TRP CZ3 CH2  sing Y N 390 
TRP CZ3 HZ3  sing N N 391 
TRP CH2 HH2  sing N N 392 
TRP OXT HXT  sing N N 393 
TYR N   CA   sing N N 394 
TYR N   H    sing N N 395 
TYR N   H2   sing N N 396 
TYR CA  C    sing N N 397 
TYR CA  CB   sing N N 398 
TYR CA  HA   sing N N 399 
TYR C   O    doub N N 400 
TYR C   OXT  sing N N 401 
TYR CB  CG   sing N N 402 
TYR CB  HB2  sing N N 403 
TYR CB  HB3  sing N N 404 
TYR CG  CD1  doub Y N 405 
TYR CG  CD2  sing Y N 406 
TYR CD1 CE1  sing Y N 407 
TYR CD1 HD1  sing N N 408 
TYR CD2 CE2  doub Y N 409 
TYR CD2 HD2  sing N N 410 
TYR CE1 CZ   doub Y N 411 
TYR CE1 HE1  sing N N 412 
TYR CE2 CZ   sing Y N 413 
TYR CE2 HE2  sing N N 414 
TYR CZ  OH   sing N N 415 
TYR OH  HH   sing N N 416 
TYR OXT HXT  sing N N 417 
VAL N   CA   sing N N 418 
VAL N   H    sing N N 419 
VAL N   H2   sing N N 420 
VAL CA  C    sing N N 421 
VAL CA  CB   sing N N 422 
VAL CA  HA   sing N N 423 
VAL C   O    doub N N 424 
VAL C   OXT  sing N N 425 
VAL CB  CG1  sing N N 426 
VAL CB  CG2  sing N N 427 
VAL CB  HB   sing N N 428 
VAL CG1 HG11 sing N N 429 
VAL CG1 HG12 sing N N 430 
VAL CG1 HG13 sing N N 431 
VAL CG2 HG21 sing N N 432 
VAL CG2 HG22 sing N N 433 
VAL CG2 HG23 sing N N 434 
VAL OXT HXT  sing N N 435 
# 
loop_
_pdbx_entity_branch_list.entity_id 
_pdbx_entity_branch_list.comp_id 
_pdbx_entity_branch_list.num 
_pdbx_entity_branch_list.hetero 
2 NDG 1 n 
2 NAG 2 n 
# 
_atom_sites.entry_id                    1UMI 
_atom_sites.fract_transf_matrix[1][1]   0.00915686 
_atom_sites.fract_transf_matrix[1][2]   -0.00735616 
_atom_sites.fract_transf_matrix[1][3]   -0.01037698 
_atom_sites.fract_transf_matrix[2][1]   -0.01219652 
_atom_sites.fract_transf_matrix[2][2]   -0.00144784 
_atom_sites.fract_transf_matrix[2][3]   -0.00973610 
_atom_sites.fract_transf_matrix[3][1]   0.00155912 
_atom_sites.fract_transf_matrix[3][2]   0.00594255 
_atom_sites.fract_transf_matrix[3][3]   -0.00283683 
_atom_sites.fract_transf_vector[1]      0.782174 
_atom_sites.fract_transf_vector[2]      0.695632 
_atom_sites.fract_transf_vector[3]      0.285937 
# 
loop_
_atom_type.symbol 
C 
N 
O 
S 
# 
loop_
_atom_site.group_PDB 
_atom_site.id 
_atom_site.type_symbol 
_atom_site.label_atom_id 
_atom_site.label_alt_id 
_atom_site.label_comp_id 
_atom_site.label_asym_id 
_atom_site.label_entity_id 
_atom_site.label_seq_id 
_atom_site.pdbx_PDB_ins_code 
_atom_site.Cartn_x 
_atom_site.Cartn_y 
_atom_site.Cartn_z 
_atom_site.occupancy 
_atom_site.B_iso_or_equiv 
_atom_site.pdbx_formal_charge 
_atom_site.auth_seq_id 
_atom_site.auth_comp_id 
_atom_site.auth_asym_id 
_atom_site.auth_atom_id 
_atom_site.pdbx_PDB_model_num 
ATOM   1    N N   . GLY A 1 1   ? 28.048  -5.193  15.267  1.00 44.04 ? 114 GLY A N   1 
ATOM   2    C CA  . GLY A 1 1   ? 27.114  -3.939  15.106  1.00 47.70 ? 114 GLY A CA  1 
ATOM   3    C C   . GLY A 1 1   ? 25.783  -4.294  15.683  1.00 44.48 ? 114 GLY A C   1 
ATOM   4    O O   . GLY A 1 1   ? 25.140  -3.635  16.318  1.00 41.05 ? 114 GLY A O   1 
ATOM   5    N N   . SER A 1 2   ? 25.612  -5.592  15.529  1.00 48.15 ? 115 SER A N   1 
ATOM   6    C CA  . SER A 1 2   ? 24.337  -6.458  15.623  1.00 47.01 ? 115 SER A CA  1 
ATOM   7    C C   . SER A 1 2   ? 23.392  -6.544  16.837  1.00 47.47 ? 115 SER A C   1 
ATOM   8    O O   . SER A 1 2   ? 23.934  -6.485  17.973  1.00 47.89 ? 115 SER A O   1 
ATOM   9    C CB  . SER A 1 2   ? 24.722  -7.838  15.140  1.00 43.63 ? 115 SER A CB  1 
ATOM   10   O OG  . SER A 1 2   ? 25.280  -7.698  13.826  1.00 42.28 ? 115 SER A OG  1 
ATOM   11   N N   . HIS A 1 3   ? 22.033  -6.504  16.586  1.00 45.44 ? 116 HIS A N   1 
ATOM   12   C CA  . HIS A 1 3   ? 21.379  -5.595  15.472  1.00 45.11 ? 116 HIS A CA  1 
ATOM   13   C C   . HIS A 1 3   ? 20.493  -5.968  14.238  1.00 41.64 ? 116 HIS A C   1 
ATOM   14   O O   . HIS A 1 3   ? 19.296  -5.696  14.170  1.00 39.11 ? 116 HIS A O   1 
ATOM   15   C CB  . HIS A 1 3   ? 22.176  -4.452  14.931  1.00 48.09 ? 116 HIS A CB  1 
ATOM   16   C CG  . HIS A 1 3   ? 21.308  -3.242  14.831  1.00 56.98 ? 116 HIS A CG  1 
ATOM   17   N ND1 . HIS A 1 3   ? 21.280  -2.283  15.850  1.00 67.06 ? 116 HIS A ND1 1 
ATOM   18   C CD2 . HIS A 1 3   ? 20.205  -3.010  14.070  1.00 62.68 ? 116 HIS A CD2 1 
ATOM   19   C CE1 . HIS A 1 3   ? 20.273  -1.441  15.621  1.00 67.41 ? 116 HIS A CE1 1 
ATOM   20   N NE2 . HIS A 1 3   ? 19.571  -1.892  14.583  1.00 60.37 ? 116 HIS A NE2 1 
ATOM   21   N N   . PHE A 1 4   ? 21.102  -6.608  13.279  1.00 38.53 ? 117 PHE A N   1 
ATOM   22   C CA  . PHE A 1 4   ? 20.418  -7.577  12.502  1.00 36.17 ? 117 PHE A CA  1 
ATOM   23   C C   . PHE A 1 4   ? 19.392  -8.325  13.342  1.00 34.98 ? 117 PHE A C   1 
ATOM   24   O O   . PHE A 1 4   ? 18.263  -8.680  12.888  1.00 35.16 ? 117 PHE A O   1 
ATOM   25   C CB  . PHE A 1 4   ? 21.437  -8.542  11.871  1.00 33.91 ? 117 PHE A CB  1 
ATOM   26   C CG  . PHE A 1 4   ? 20.801  -9.549  10.898  1.00 36.72 ? 117 PHE A CG  1 
ATOM   27   C CD1 . PHE A 1 4   ? 20.300  -9.130  9.692   1.00 35.26 ? 117 PHE A CD1 1 
ATOM   28   C CD2 . PHE A 1 4   ? 20.719  -10.909 11.196  1.00 37.05 ? 117 PHE A CD2 1 
ATOM   29   C CE1 . PHE A 1 4   ? 19.661  -10.043 8.762   1.00 37.50 ? 117 PHE A CE1 1 
ATOM   30   C CE2 . PHE A 1 4   ? 20.064  -11.810 10.323  1.00 39.29 ? 117 PHE A CE2 1 
ATOM   31   C CZ  . PHE A 1 4   ? 19.569  -11.376 9.061   1.00 39.64 ? 117 PHE A CZ  1 
ATOM   32   N N   . TYR A 1 5   ? 19.801  -8.673  14.547  1.00 35.08 ? 118 TYR A N   1 
ATOM   33   C CA  . TYR A 1 5   ? 18.949  -9.485  15.463  1.00 33.91 ? 118 TYR A CA  1 
ATOM   34   C C   . TYR A 1 5   ? 17.662  -8.708  15.865  1.00 34.56 ? 118 TYR A C   1 
ATOM   35   O O   . TYR A 1 5   ? 16.550  -9.203  15.723  1.00 33.65 ? 118 TYR A O   1 
ATOM   36   C CB  . TYR A 1 5   ? 19.775  -9.818  16.766  1.00 33.23 ? 118 TYR A CB  1 
ATOM   37   C CG  . TYR A 1 5   ? 18.897  -10.452 17.829  1.00 33.06 ? 118 TYR A CG  1 
ATOM   38   C CD1 . TYR A 1 5   ? 18.269  -11.721 17.592  1.00 25.05 ? 118 TYR A CD1 1 
ATOM   39   C CD2 . TYR A 1 5   ? 18.565  -9.755  18.989  1.00 34.95 ? 118 TYR A CD2 1 
ATOM   40   C CE1 . TYR A 1 5   ? 17.414  -12.358 18.574  1.00 34.63 ? 118 TYR A CE1 1 
ATOM   41   C CE2 . TYR A 1 5   ? 17.705  -10.332 19.940  1.00 40.32 ? 118 TYR A CE2 1 
ATOM   42   C CZ  . TYR A 1 5   ? 17.142  -11.645 19.748  1.00 38.69 ? 118 TYR A CZ  1 
ATOM   43   O OH  . TYR A 1 5   ? 16.339  -12.194 20.701  1.00 36.61 ? 118 TYR A OH  1 
ATOM   44   N N   . PHE A 1 6   ? 17.852  -7.501  16.411  1.00 34.67 ? 119 PHE A N   1 
ATOM   45   C CA  . PHE A 1 6   ? 16.739  -6.691  16.824  1.00 36.45 ? 119 PHE A CA  1 
ATOM   46   C C   . PHE A 1 6   ? 15.794  -6.520  15.614  1.00 35.73 ? 119 PHE A C   1 
ATOM   47   O O   . PHE A 1 6   ? 14.615  -6.510  15.779  1.00 33.74 ? 119 PHE A O   1 
ATOM   48   C CB  . PHE A 1 6   ? 17.207  -5.271  17.279  1.00 37.67 ? 119 PHE A CB  1 
ATOM   49   C CG  . PHE A 1 6   ? 18.124  -5.220  18.542  1.00 40.74 ? 119 PHE A CG  1 
ATOM   50   C CD1 . PHE A 1 6   ? 19.336  -4.367  18.539  1.00 48.99 ? 119 PHE A CD1 1 
ATOM   51   C CD2 . PHE A 1 6   ? 17.822  -5.948  19.693  1.00 42.57 ? 119 PHE A CD2 1 
ATOM   52   C CE1 . PHE A 1 6   ? 20.224  -4.250  19.672  1.00 50.11 ? 119 PHE A CE1 1 
ATOM   53   C CE2 . PHE A 1 6   ? 18.702  -5.884  20.874  1.00 44.34 ? 119 PHE A CE2 1 
ATOM   54   C CZ  . PHE A 1 6   ? 19.873  -5.013  20.897  1.00 50.71 ? 119 PHE A CZ  1 
ATOM   55   N N   . LEU A 1 7   ? 16.321  -6.399  14.380  1.00 36.28 ? 120 LEU A N   1 
ATOM   56   C CA  . LEU A 1 7   ? 15.463  -6.115  13.237  1.00 35.51 ? 120 LEU A CA  1 
ATOM   57   C C   . LEU A 1 7   ? 14.739  -7.389  12.742  1.00 36.82 ? 120 LEU A C   1 
ATOM   58   O O   . LEU A 1 7   ? 13.609  -7.356  12.295  1.00 32.13 ? 120 LEU A O   1 
ATOM   59   C CB  . LEU A 1 7   ? 16.225  -5.409  12.127  1.00 36.00 ? 120 LEU A CB  1 
ATOM   60   C CG  . LEU A 1 7   ? 16.976  -4.061  12.261  1.00 35.79 ? 120 LEU A CG  1 
ATOM   61   C CD1 . LEU A 1 7   ? 17.780  -3.779  11.068  1.00 37.57 ? 120 LEU A CD1 1 
ATOM   62   C CD2 . LEU A 1 7   ? 16.092  -2.941  12.438  1.00 37.99 ? 120 LEU A CD2 1 
ATOM   63   N N   . SER A 1 8   ? 15.373  -8.517  12.949  1.00 38.03 ? 121 SER A N   1 
ATOM   64   C CA  . SER A 1 8   ? 14.779  -9.825  12.595  1.00 39.49 ? 121 SER A CA  1 
ATOM   65   C C   . SER A 1 8   ? 13.694  -10.227 13.536  1.00 40.22 ? 121 SER A C   1 
ATOM   66   O O   . SER A 1 8   ? 12.698  -10.743 13.066  1.00 38.80 ? 121 SER A O   1 
ATOM   67   C CB  . SER A 1 8   ? 15.805  -10.980 12.599  1.00 39.44 ? 121 SER A CB  1 
ATOM   68   O OG  . SER A 1 8   ? 16.717  -10.929 11.535  1.00 43.35 ? 121 SER A OG  1 
ATOM   69   N N   . LYS A 1 9   ? 13.874  -10.049 14.847  1.00 41.89 ? 122 LYS A N   1 
ATOM   70   C CA  . LYS A 1 9   ? 12.741  -10.338 15.654  1.00 42.68 ? 122 LYS A CA  1 
ATOM   71   C C   . LYS A 1 9   ? 11.540  -9.371  15.417  1.00 40.34 ? 122 LYS A C   1 
ATOM   72   O O   . LYS A 1 9   ? 10.429  -9.804  15.501  1.00 35.46 ? 122 LYS A O   1 
ATOM   73   C CB  . LYS A 1 9   ? 13.005  -10.883 17.098  1.00 45.77 ? 122 LYS A CB  1 
ATOM   74   C CG  . LYS A 1 9   ? 13.776  -10.243 18.256  1.00 51.04 ? 122 LYS A CG  1 
ATOM   75   C CD  . LYS A 1 9   ? 13.213  -11.103 19.683  1.00 52.75 ? 122 LYS A CD  1 
ATOM   76   C CE  . LYS A 1 9   ? 13.573  -10.430 21.180  1.00 51.60 ? 122 LYS A CE  1 
ATOM   77   N NZ  . LYS A 1 9   ? 12.491  -10.190 22.419  1.00 50.52 ? 122 LYS A NZ  1 
ATOM   78   N N   . ARG A 1 10  ? 11.757  -8.120  14.981  1.00 39.90 ? 123 ARG A N   1 
ATOM   79   C CA  . ARG A 1 10  ? 10.607  -7.135  14.762  1.00 38.89 ? 123 ARG A CA  1 
ATOM   80   C C   . ARG A 1 10  ? 9.932   -7.231  13.351  1.00 39.18 ? 123 ARG A C   1 
ATOM   81   O O   . ARG A 1 10  ? 8.967   -6.563  13.109  1.00 37.80 ? 123 ARG A O   1 
ATOM   82   C CB  . ARG A 1 10  ? 11.021  -5.691  14.973  1.00 37.56 ? 123 ARG A CB  1 
ATOM   83   C CG  . ARG A 1 10  ? 11.401  -5.454  16.414  1.00 38.89 ? 123 ARG A CG  1 
ATOM   84   C CD  . ARG A 1 10  ? 12.393  -4.228  16.657  1.00 38.08 ? 123 ARG A CD  1 
ATOM   85   N NE  . ARG A 1 10  ? 12.317  -3.948  18.095  1.00 37.97 ? 123 ARG A NE  1 
ATOM   86   C CZ  . ARG A 1 10  ? 12.926  -4.758  18.963  1.00 38.15 ? 123 ARG A CZ  1 
ATOM   87   N NH1 . ARG A 1 10  ? 13.640  -5.794  18.466  1.00 31.29 ? 123 ARG A NH1 1 
ATOM   88   N NH2 . ARG A 1 10  ? 12.841  -4.500  20.262  1.00 33.46 ? 123 ARG A NH2 1 
ATOM   89   N N   . ARG A 1 11  ? 10.456  -8.097  12.480  1.00 38.66 ? 124 ARG A N   1 
ATOM   90   C CA  . ARG A 1 11  ? 10.160  -8.037  11.103  1.00 41.50 ? 124 ARG A CA  1 
ATOM   91   C C   . ARG A 1 11  ? 8.743   -8.666  10.825  1.00 40.31 ? 124 ARG A C   1 
ATOM   92   O O   . ARG A 1 11  ? 8.556   -9.871  10.959  1.00 39.52 ? 124 ARG A O   1 
ATOM   93   C CB  . ARG A 1 11  ? 11.262  -8.672  10.199  1.00 42.04 ? 124 ARG A CB  1 
ATOM   94   C CG  . ARG A 1 11  ? 10.808  -8.685  8.740   1.00 50.65 ? 124 ARG A CG  1 
ATOM   95   C CD  . ARG A 1 11  ? 11.653  -9.526  7.825   1.00 65.22 ? 124 ARG A CD  1 
ATOM   96   N NE  . ARG A 1 11  ? 10.888  -10.325 6.859   1.00 74.14 ? 124 ARG A NE  1 
ATOM   97   C CZ  . ARG A 1 11  ? 11.474  -11.036 5.893   1.00 83.01 ? 124 ARG A CZ  1 
ATOM   98   N NH1 . ARG A 1 11  ? 12.833  -11.023 5.764   1.00 85.14 ? 124 ARG A NH1 1 
ATOM   99   N NH2 . ARG A 1 11  ? 10.713  -11.740 5.050   1.00 81.54 ? 124 ARG A NH2 1 
ATOM   100  N N   . ARG A 1 12  ? 7.832   -7.828  10.302  1.00 38.95 ? 125 ARG A N   1 
ATOM   101  C CA  . ARG A 1 12  ? 6.427   -8.163  10.154  1.00 38.92 ? 125 ARG A CA  1 
ATOM   102  C C   . ARG A 1 12  ? 5.756   -7.071  9.263   1.00 37.19 ? 125 ARG A C   1 
ATOM   103  O O   . ARG A 1 12  ? 6.293   -5.942  9.224   1.00 37.20 ? 125 ARG A O   1 
ATOM   104  C CB  . ARG A 1 12  ? 5.761   -8.469  11.546  1.00 37.79 ? 125 ARG A CB  1 
ATOM   105  C CG  . ARG A 1 12  ? 5.471   -7.322  12.477  1.00 41.52 ? 125 ARG A CG  1 
ATOM   106  C CD  . ARG A 1 12  ? 4.519   -7.601  13.657  1.00 48.77 ? 125 ARG A CD  1 
ATOM   107  N NE  . ARG A 1 12  ? 4.217   -6.303  14.380  1.00 59.50 ? 125 ARG A NE  1 
ATOM   108  C CZ  . ARG A 1 12  ? 5.151   -5.362  14.889  1.00 59.02 ? 125 ARG A CZ  1 
ATOM   109  N NH1 . ARG A 1 12  ? 6.543   -5.404  14.811  1.00 62.21 ? 125 ARG A NH1 1 
ATOM   110  N NH2 . ARG A 1 12  ? 4.670   -4.315  15.474  1.00 52.76 ? 125 ARG A NH2 1 
ATOM   111  N N   . ASN A 1 13  ? 4.688   -7.411  8.534   1.00 35.00 ? 126 ASN A N   1 
ATOM   112  C CA  . ASN A 1 13  ? 3.923   -6.391  7.898   1.00 35.21 ? 126 ASN A CA  1 
ATOM   113  C C   . ASN A 1 13  ? 3.355   -5.409  8.938   1.00 35.60 ? 126 ASN A C   1 
ATOM   114  O O   . ASN A 1 13  ? 2.690   -5.817  9.955   1.00 34.13 ? 126 ASN A O   1 
ATOM   115  C CB  . ASN A 1 13  ? 2.780   -7.000  7.013   1.00 36.28 ? 126 ASN A CB  1 
ATOM   116  C CG  . ASN A 1 13  ? 2.119   -5.941  6.077   1.00 35.13 ? 126 ASN A CG  1 
ATOM   117  O OD1 . ASN A 1 13  ? 2.497   -4.736  6.033   1.00 37.86 ? 126 ASN A OD1 1 
ATOM   118  N ND2 . ASN A 1 13  ? 1.136   -6.369  5.379   1.00 32.47 ? 126 ASN A ND2 1 
ATOM   119  N N   . LEU A 1 14  ? 3.564   -4.109  8.684   1.00 34.82 ? 127 LEU A N   1 
ATOM   120  C CA  . LEU A 1 14  ? 3.165   -3.072  9.665   1.00 35.36 ? 127 LEU A CA  1 
ATOM   121  C C   . LEU A 1 14  ? 1.907   -2.320  9.245   1.00 34.68 ? 127 LEU A C   1 
ATOM   122  O O   . LEU A 1 14  ? 1.333   -1.537  9.983   1.00 34.07 ? 127 LEU A O   1 
ATOM   123  C CB  . LEU A 1 14  ? 4.329   -2.069  9.825   1.00 36.44 ? 127 LEU A CB  1 
ATOM   124  C CG  . LEU A 1 14  ? 5.666   -2.647  10.216  1.00 34.66 ? 127 LEU A CG  1 
ATOM   125  C CD1 . LEU A 1 14  ? 6.618   -1.425  10.378  1.00 34.05 ? 127 LEU A CD1 1 
ATOM   126  C CD2 . LEU A 1 14  ? 5.621   -3.451  11.501  1.00 33.02 ? 127 LEU A CD2 1 
ATOM   127  N N   . LEU A 1 15  ? 1.497   -2.557  8.013   1.00 34.26 ? 128 LEU A N   1 
ATOM   128  C CA  . LEU A 1 15  ? 0.130   -2.280  7.635   1.00 34.38 ? 128 LEU A CA  1 
ATOM   129  C C   . LEU A 1 15  ? -0.913  -3.190  8.273   1.00 35.13 ? 128 LEU A C   1 
ATOM   130  O O   . LEU A 1 15  ? -0.857  -4.392  8.177   1.00 35.63 ? 128 LEU A O   1 
ATOM   131  C CB  . LEU A 1 15  ? 0.003   -2.304  6.083   1.00 33.87 ? 128 LEU A CB  1 
ATOM   132  C CG  . LEU A 1 15  ? 0.754   -1.119  5.438   1.00 32.13 ? 128 LEU A CG  1 
ATOM   133  C CD1 . LEU A 1 15  ? 0.699   -1.177  3.976   1.00 33.96 ? 128 LEU A CD1 1 
ATOM   134  C CD2 . LEU A 1 15  ? 0.203   0.252   5.855   1.00 34.70 ? 128 LEU A CD2 1 
ATOM   135  N N   . ARG A 1 16  ? -1.887  -2.570  8.911   1.00 38.02 ? 129 ARG A N   1 
ATOM   136  C CA  . ARG A 1 16  ? -3.129  -3.253  9.327   1.00 40.80 ? 129 ARG A CA  1 
ATOM   137  C C   . ARG A 1 16  ? -4.056  -3.460  8.105   1.00 40.01 ? 129 ARG A C   1 
ATOM   138  O O   . ARG A 1 16  ? -4.085  -2.694  7.199   1.00 41.05 ? 129 ARG A O   1 
ATOM   139  C CB  . ARG A 1 16  ? -3.907  -2.571  10.544  1.00 41.87 ? 129 ARG A CB  1 
ATOM   140  C CG  . ARG A 1 16  ? -3.300  -1.308  11.330  1.00 52.16 ? 129 ARG A CG  1 
ATOM   141  C CD  . ARG A 1 16  ? -2.458  -1.417  12.675  1.00 64.76 ? 129 ARG A CD  1 
ATOM   142  N NE  . ARG A 1 16  ? -1.717  -2.694  12.996  1.00 74.79 ? 129 ARG A NE  1 
ATOM   143  C CZ  . ARG A 1 16  ? -0.471  -2.796  13.546  1.00 78.81 ? 129 ARG A CZ  1 
ATOM   144  N NH1 . ARG A 1 16  ? 0.277   -1.700  13.779  1.00 78.36 ? 129 ARG A NH1 1 
ATOM   145  N NH2 . ARG A 1 16  ? 0.027   -4.009  13.822  1.00 76.34 ? 129 ARG A NH2 1 
ATOM   146  N N   . ASN A 1 17  ? -4.730  -4.582  8.067   1.00 40.23 ? 130 ASN A N   1 
ATOM   147  C CA  . ASN A 1 17  ? -5.790  -4.887  7.145   1.00 39.69 ? 130 ASN A CA  1 
ATOM   148  C C   . ASN A 1 17  ? -5.455  -4.752  5.652   1.00 40.11 ? 130 ASN A C   1 
ATOM   149  O O   . ASN A 1 17  ? -6.157  -3.974  4.952   1.00 37.58 ? 130 ASN A O   1 
ATOM   150  C CB  . ASN A 1 17  ? -6.989  -3.965  7.481   1.00 39.02 ? 130 ASN A CB  1 
ATOM   151  C CG  . ASN A 1 17  ? -8.301  -4.348  6.653   1.00 38.62 ? 130 ASN A CG  1 
ATOM   152  O OD1 . ASN A 1 17  ? -9.294  -3.570  6.544   1.00 35.71 ? 130 ASN A OD1 1 
ATOM   153  N ND2 . ASN A 1 17  ? -8.284  -5.557  6.096   1.00 42.75 ? 130 ASN A ND2 1 
ATOM   154  N N   . PRO A 1 18  ? -4.387  -5.423  5.188   1.00 41.14 ? 131 PRO A N   1 
ATOM   155  C CA  . PRO A 1 18  ? -3.851  -5.138  3.856   1.00 40.28 ? 131 PRO A CA  1 
ATOM   156  C C   . PRO A 1 18  ? -4.734  -5.571  2.691   1.00 40.41 ? 131 PRO A C   1 
ATOM   157  O O   . PRO A 1 18  ? -4.635  -5.128  1.498   1.00 40.35 ? 131 PRO A O   1 
ATOM   158  C CB  . PRO A 1 18  ? -2.420  -5.770  3.897   1.00 40.92 ? 131 PRO A CB  1 
ATOM   159  C CG  . PRO A 1 18  ? -2.437  -6.912  5.042   1.00 38.63 ? 131 PRO A CG  1 
ATOM   160  C CD  . PRO A 1 18  ? -3.533  -6.407  5.941   1.00 42.70 ? 131 PRO A CD  1 
ATOM   161  N N   . ALA A 1 19  ? -5.666  -6.422  3.065   1.00 41.31 ? 132 ALA A N   1 
ATOM   162  C CA  . ALA A 1 19  ? -6.568  -7.103  2.100   1.00 42.27 ? 132 ALA A CA  1 
ATOM   163  C C   . ALA A 1 19  ? -8.010  -6.796  2.161   1.00 41.52 ? 132 ALA A C   1 
ATOM   164  O O   . ALA A 1 19  ? -8.684  -7.016  1.219   1.00 45.97 ? 132 ALA A O   1 
ATOM   165  C CB  . ALA A 1 19  ? -6.438  -8.639  2.199   1.00 42.17 ? 132 ALA A CB  1 
ATOM   166  N N   . GLY A 1 20  ? -8.525  -6.294  3.214   1.00 41.01 ? 133 GLY A N   1 
ATOM   167  C CA  . GLY A 1 20  ? -9.949  -6.046  3.303   1.00 41.56 ? 133 GLY A CA  1 
ATOM   168  C C   . GLY A 1 20  ? -10.726 -6.883  4.345   1.00 41.41 ? 133 GLY A C   1 
ATOM   169  O O   . GLY A 1 20  ? -11.852 -6.571  4.589   1.00 41.20 ? 133 GLY A O   1 
ATOM   170  N N   . GLU A 1 21  ? -10.123 -7.897  4.962   1.00 42.26 ? 134 GLU A N   1 
ATOM   171  C CA  . GLU A 1 21  ? -10.744 -8.670  6.098   1.00 44.01 ? 134 GLU A CA  1 
ATOM   172  C C   . GLU A 1 21  ? -11.364 -7.779  7.165   1.00 43.47 ? 134 GLU A C   1 
ATOM   173  O O   . GLU A 1 21  ? -12.429 -8.041  7.635   1.00 44.19 ? 134 GLU A O   1 
ATOM   174  C CB  . GLU A 1 21  ? -9.759  -9.686  6.753   1.00 42.89 ? 134 GLU A CB  1 
ATOM   175  C CG  . GLU A 1 21  ? -9.280  -10.773 5.800   1.00 43.69 ? 134 GLU A CG  1 
ATOM   176  C CD  . GLU A 1 21  ? -10.379 -11.642 5.094   1.00 48.79 ? 134 GLU A CD  1 
ATOM   177  O OE1 . GLU A 1 21  ? -11.605 -11.554 5.401   1.00 47.85 ? 134 GLU A OE1 1 
ATOM   178  O OE2 . GLU A 1 21  ? -10.007 -12.458 4.163   1.00 53.32 ? 134 GLU A OE2 1 
ATOM   179  N N   . GLU A 1 22  ? -10.729 -6.690  7.500   1.00 44.79 ? 135 GLU A N   1 
ATOM   180  C CA  . GLU A 1 22  ? -11.268 -5.742  8.521   1.00 46.47 ? 135 GLU A CA  1 
ATOM   181  C C   . GLU A 1 22  ? -12.157 -4.541  7.860   1.00 44.90 ? 135 GLU A C   1 
ATOM   182  O O   . GLU A 1 22  ? -12.354 -3.397  8.440   1.00 44.64 ? 135 GLU A O   1 
ATOM   183  C CB  . GLU A 1 22  ? -10.140 -5.228  9.573   1.00 46.63 ? 135 GLU A CB  1 
ATOM   184  C CG  . GLU A 1 22  ? -9.028  -6.174  10.237  1.00 51.53 ? 135 GLU A CG  1 
ATOM   185  C CD  . GLU A 1 22  ? -7.661  -5.379  10.924  1.00 59.56 ? 135 GLU A CD  1 
ATOM   186  O OE1 . GLU A 1 22  ? -6.527  -6.047  10.998  1.00 56.59 ? 135 GLU A OE1 1 
ATOM   187  O OE2 . GLU A 1 22  ? -7.591  -4.046  11.356  1.00 57.57 ? 135 GLU A OE2 1 
ATOM   188  N N   . ASP A 1 23  ? -12.749 -4.820  6.697   1.00 45.20 ? 136 ASP A N   1 
ATOM   189  C CA  . ASP A 1 23  ? -13.447 -3.780  5.847   1.00 44.98 ? 136 ASP A CA  1 
ATOM   190  C C   . ASP A 1 23  ? -12.486 -2.617  5.527   1.00 42.53 ? 136 ASP A C   1 
ATOM   191  O O   . ASP A 1 23  ? -11.429 -2.878  4.948   1.00 42.39 ? 136 ASP A O   1 
ATOM   192  C CB  . ASP A 1 23  ? -14.761 -3.266  6.492   1.00 46.02 ? 136 ASP A CB  1 
ATOM   193  C CG  . ASP A 1 23  ? -15.860 -4.283  6.436   1.00 50.10 ? 136 ASP A CG  1 
ATOM   194  O OD1 . ASP A 1 23  ? -16.353 -4.529  5.302   1.00 59.09 ? 136 ASP A OD1 1 
ATOM   195  O OD2 . ASP A 1 23  ? -16.287 -4.884  7.447   1.00 54.52 ? 136 ASP A OD2 1 
ATOM   196  N N   . LEU A 1 24  ? -12.824 -1.391  5.906   1.00 40.60 ? 137 LEU A N   1 
ATOM   197  C CA  . LEU A 1 24  ? -11.900 -0.249  5.882   1.00 42.23 ? 137 LEU A CA  1 
ATOM   198  C C   . LEU A 1 24  ? -11.184 0.144   7.248   1.00 42.62 ? 137 LEU A C   1 
ATOM   199  O O   . LEU A 1 24  ? -10.562 1.191   7.345   1.00 38.80 ? 137 LEU A O   1 
ATOM   200  C CB  . LEU A 1 24  ? -12.629 0.991   5.246   1.00 44.17 ? 137 LEU A CB  1 
ATOM   201  C CG  . LEU A 1 24  ? -12.735 0.834   3.675   1.00 44.13 ? 137 LEU A CG  1 
ATOM   202  C CD1 . LEU A 1 24  ? -13.929 1.494   3.088   1.00 47.31 ? 137 LEU A CD1 1 
ATOM   203  C CD2 . LEU A 1 24  ? -11.377 1.377   3.131   1.00 40.42 ? 137 LEU A CD2 1 
ATOM   204  N N   . GLU A 1 25  ? -11.254 -0.704  8.283   1.00 43.83 ? 138 GLU A N   1 
ATOM   205  C CA  . GLU A 1 25  ? -10.541 -0.318  9.531   1.00 45.75 ? 138 GLU A CA  1 
ATOM   206  C C   . GLU A 1 25  ? -9.037  -0.329  9.259   1.00 42.29 ? 138 GLU A C   1 
ATOM   207  O O   . GLU A 1 25  ? -8.558  -1.098  8.355   1.00 41.39 ? 138 GLU A O   1 
ATOM   208  C CB  . GLU A 1 25  ? -10.896 -1.140  10.815  1.00 46.56 ? 138 GLU A CB  1 
ATOM   209  C CG  . GLU A 1 25  ? -12.366 -0.965  11.393  1.00 53.63 ? 138 GLU A CG  1 
ATOM   210  C CD  . GLU A 1 25  ? -12.893 -2.341  11.958  1.00 57.22 ? 138 GLU A CD  1 
ATOM   211  O OE1 . GLU A 1 25  ? -12.061 -3.195  12.461  1.00 56.46 ? 138 GLU A OE1 1 
ATOM   212  O OE2 . GLU A 1 25  ? -14.106 -2.601  11.819  1.00 60.48 ? 138 GLU A OE2 1 
ATOM   213  N N   . GLY A 1 26  ? -8.386  0.570   10.011  1.00 38.46 ? 139 GLY A N   1 
ATOM   214  C CA  . GLY A 1 26  ? -6.974  0.800   9.989   1.00 39.27 ? 139 GLY A CA  1 
ATOM   215  C C   . GLY A 1 26  ? -6.586  1.824   8.898   1.00 38.24 ? 139 GLY A C   1 
ATOM   216  O O   . GLY A 1 26  ? -5.450  2.198   8.883   1.00 38.75 ? 139 GLY A O   1 
ATOM   217  N N   . TRP A 1 27  ? -7.508  2.245   8.037   1.00 35.39 ? 140 TRP A N   1 
ATOM   218  C CA  . TRP A 1 27  ? -7.154  3.057   6.897   1.00 36.27 ? 140 TRP A CA  1 
ATOM   219  C C   . TRP A 1 27  ? -7.679  4.415   7.283   1.00 36.75 ? 140 TRP A C   1 
ATOM   220  O O   . TRP A 1 27  ? -8.705  4.513   7.866   1.00 35.63 ? 140 TRP A O   1 
ATOM   221  C CB  . TRP A 1 27  ? -7.646  2.509   5.533   1.00 33.31 ? 140 TRP A CB  1 
ATOM   222  C CG  . TRP A 1 27  ? -6.946  1.225   5.137   1.00 32.25 ? 140 TRP A CG  1 
ATOM   223  C CD1 . TRP A 1 27  ? -7.312  -0.059  5.488   1.00 35.03 ? 140 TRP A CD1 1 
ATOM   224  C CD2 . TRP A 1 27  ? -5.719  1.077   4.400   1.00 30.47 ? 140 TRP A CD2 1 
ATOM   225  N NE1 . TRP A 1 27  ? -6.408  -0.975  5.004   1.00 33.28 ? 140 TRP A NE1 1 
ATOM   226  C CE2 . TRP A 1 27  ? -5.449  -0.294  4.296   1.00 31.16 ? 140 TRP A CE2 1 
ATOM   227  C CE3 . TRP A 1 27  ? -4.807  1.980   3.811   1.00 27.65 ? 140 TRP A CE3 1 
ATOM   228  C CZ2 . TRP A 1 27  ? -4.324  -0.766  3.640   1.00 31.38 ? 140 TRP A CZ2 1 
ATOM   229  C CZ3 . TRP A 1 27  ? -3.729  1.503   3.191   1.00 27.90 ? 140 TRP A CZ3 1 
ATOM   230  C CH2 . TRP A 1 27  ? -3.478  0.169   3.094   1.00 28.70 ? 140 TRP A CH2 1 
ATOM   231  N N   . SER A 1 28  ? -6.902  5.443   7.047   1.00 38.74 ? 141 SER A N   1 
ATOM   232  C CA  . SER A 1 28  ? -7.345  6.828   7.343   1.00 41.88 ? 141 SER A CA  1 
ATOM   233  C C   . SER A 1 28  ? -7.242  7.710   6.057   1.00 41.97 ? 141 SER A C   1 
ATOM   234  O O   . SER A 1 28  ? -6.768  7.222   4.999   1.00 43.57 ? 141 SER A O   1 
ATOM   235  C CB  . SER A 1 28  ? -6.477  7.342   8.524   1.00 42.46 ? 141 SER A CB  1 
ATOM   236  O OG  . SER A 1 28  ? -5.130  7.195   8.159   1.00 43.35 ? 141 SER A OG  1 
ATOM   237  N N   . ASP A 1 29  ? -7.684  8.953   6.121   1.00 43.03 ? 142 ASP A N   1 
ATOM   238  C CA  . ASP A 1 29  ? -7.821  9.806   4.918   1.00 45.85 ? 142 ASP A CA  1 
ATOM   239  C C   . ASP A 1 29  ? -8.524  9.130   3.688   1.00 46.30 ? 142 ASP A C   1 
ATOM   240  O O   . ASP A 1 29  ? -8.167  9.410   2.534   1.00 47.74 ? 142 ASP A O   1 
ATOM   241  C CB  . ASP A 1 29  ? -6.419  10.356  4.470   1.00 46.46 ? 142 ASP A CB  1 
ATOM   242  C CG  . ASP A 1 29  ? -5.842  11.379  5.467   1.00 51.43 ? 142 ASP A CG  1 
ATOM   243  O OD1 . ASP A 1 29  ? -6.616  12.033  6.242   1.00 55.91 ? 142 ASP A OD1 1 
ATOM   244  O OD2 . ASP A 1 29  ? -4.622  11.644  5.520   1.00 56.54 ? 142 ASP A OD2 1 
ATOM   245  N N   . VAL A 1 30  ? -9.518  8.266   3.954   1.00 46.16 ? 143 VAL A N   1 
ATOM   246  C CA  . VAL A 1 30  ? -10.268 7.500   2.922   1.00 44.72 ? 143 VAL A CA  1 
ATOM   247  C C   . VAL A 1 30  ? -11.067 8.538   2.096   1.00 44.78 ? 143 VAL A C   1 
ATOM   248  O O   . VAL A 1 30  ? -11.706 9.467   2.637   1.00 44.57 ? 143 VAL A O   1 
ATOM   249  C CB  . VAL A 1 30  ? -11.206 6.429   3.544   1.00 44.23 ? 143 VAL A CB  1 
ATOM   250  C CG1 . VAL A 1 30  ? -11.777 5.570   2.531   1.00 42.39 ? 143 VAL A CG1 1 
ATOM   251  C CG2 . VAL A 1 30  ? -10.497 5.530   4.606   1.00 45.98 ? 143 VAL A CG2 1 
ATOM   252  N N   . GLU A 1 31  ? -10.879 8.458   0.790   1.00 44.65 ? 144 GLU A N   1 
ATOM   253  C CA  . GLU A 1 31  ? -11.467 9.377   -0.234  1.00 44.66 ? 144 GLU A CA  1 
ATOM   254  C C   . GLU A 1 31  ? -12.269 8.329   -1.049  1.00 42.07 ? 144 GLU A C   1 
ATOM   255  O O   . GLU A 1 31  ? -11.702 7.364   -1.660  1.00 37.72 ? 144 GLU A O   1 
ATOM   256  C CB  . GLU A 1 31  ? -10.410 9.996   -1.116  1.00 46.56 ? 144 GLU A CB  1 
ATOM   257  C CG  . GLU A 1 31  ? -9.953  11.461  -1.083  1.00 55.21 ? 144 GLU A CG  1 
ATOM   258  C CD  . GLU A 1 31  ? -9.804  11.941  -2.555  1.00 60.37 ? 144 GLU A CD  1 
ATOM   259  O OE1 . GLU A 1 31  ? -8.700  11.783  -3.200  1.00 58.41 ? 144 GLU A OE1 1 
ATOM   260  O OE2 . GLU A 1 31  ? -10.871 12.357  -3.081  1.00 59.46 ? 144 GLU A OE2 1 
ATOM   261  N N   . HIS A 1 32  ? -13.575 8.485   -0.938  1.00 41.20 ? 145 HIS A N   1 
ATOM   262  C CA  . HIS A 1 32  ? -14.594 7.685   -1.608  1.00 41.22 ? 145 HIS A CA  1 
ATOM   263  C C   . HIS A 1 32  ? -15.058 8.465   -2.859  1.00 38.90 ? 145 HIS A C   1 
ATOM   264  O O   . HIS A 1 32  ? -16.116 8.983   -2.864  1.00 38.36 ? 145 HIS A O   1 
ATOM   265  C CB  . HIS A 1 32  ? -15.794 7.351   -0.617  1.00 41.55 ? 145 HIS A CB  1 
ATOM   266  C CG  . HIS A 1 32  ? -15.493 6.249   0.406   1.00 44.82 ? 145 HIS A CG  1 
ATOM   267  N ND1 . HIS A 1 32  ? -15.366 4.906   0.067   1.00 44.95 ? 145 HIS A ND1 1 
ATOM   268  C CD2 . HIS A 1 32  ? -15.324 6.300   1.763   1.00 43.44 ? 145 HIS A CD2 1 
ATOM   269  C CE1 . HIS A 1 32  ? -15.177 4.177   1.157   1.00 44.26 ? 145 HIS A CE1 1 
ATOM   270  N NE2 . HIS A 1 32  ? -15.131 5.003   2.195   1.00 46.31 ? 145 HIS A NE2 1 
ATOM   271  N N   . GLY A 1 33  ? -14.225 8.553   -3.911  1.00 37.73 ? 146 GLY A N   1 
ATOM   272  C CA  . GLY A 1 33  ? -14.666 9.050   -5.180  1.00 36.54 ? 146 GLY A CA  1 
ATOM   273  C C   . GLY A 1 33  ? -15.784 8.196   -5.815  1.00 34.93 ? 146 GLY A C   1 
ATOM   274  O O   . GLY A 1 33  ? -15.704 6.987   -5.790  1.00 34.66 ? 146 GLY A O   1 
ATOM   275  N N   . GLY A 1 34  ? -16.776 8.827   -6.447  1.00 33.13 ? 147 GLY A N   1 
ATOM   276  C CA  . GLY A 1 34  ? -17.818 8.075   -7.127  1.00 31.11 ? 147 GLY A CA  1 
ATOM   277  C C   . GLY A 1 34  ? -18.565 7.219   -6.160  1.00 30.83 ? 147 GLY A C   1 
ATOM   278  O O   . GLY A 1 34  ? -19.078 7.761   -5.225  1.00 33.36 ? 147 GLY A O   1 
ATOM   279  N N   . ASP A 1 35  ? -18.659 5.921   -6.369  1.00 31.60 ? 148 ASP A N   1 
ATOM   280  C CA  . ASP A 1 35  ? -19.374 4.967   -5.414  1.00 30.56 ? 148 ASP A CA  1 
ATOM   281  C C   . ASP A 1 35  ? -18.499 4.372   -4.276  1.00 32.06 ? 148 ASP A C   1 
ATOM   282  O O   . ASP A 1 35  ? -18.929 3.503   -3.565  1.00 33.88 ? 148 ASP A O   1 
ATOM   283  C CB  . ASP A 1 35  ? -20.035 3.835   -6.202  1.00 27.70 ? 148 ASP A CB  1 
ATOM   284  C CG  . ASP A 1 35  ? -21.043 4.365   -7.239  1.00 29.38 ? 148 ASP A CG  1 
ATOM   285  O OD1 . ASP A 1 35  ? -21.964 5.160   -6.859  1.00 31.70 ? 148 ASP A OD1 1 
ATOM   286  O OD2 . ASP A 1 35  ? -20.980 4.087   -8.508  1.00 30.39 ? 148 ASP A OD2 1 
ATOM   287  N N   . GLY A 1 36  ? -17.245 4.867   -4.165  1.00 32.48 ? 149 GLY A N   1 
ATOM   288  C CA  . GLY A 1 36  ? -16.314 4.576   -3.116  1.00 31.66 ? 149 GLY A CA  1 
ATOM   289  C C   . GLY A 1 36  ? -15.621 3.256   -3.274  1.00 30.53 ? 149 GLY A C   1 
ATOM   290  O O   . GLY A 1 36  ? -15.757 2.527   -4.302  1.00 30.71 ? 149 GLY A O   1 
ATOM   291  N N   . TRP A 1 37  ? -14.883 2.964   -2.232  1.00 28.43 ? 150 TRP A N   1 
ATOM   292  C CA  . TRP A 1 37  ? -14.296 1.695   -2.101  1.00 29.89 ? 150 TRP A CA  1 
ATOM   293  C C   . TRP A 1 37  ? -15.323 0.645   -1.846  1.00 29.70 ? 150 TRP A C   1 
ATOM   294  O O   . TRP A 1 37  ? -16.269 0.842   -1.120  1.00 29.07 ? 150 TRP A O   1 
ATOM   295  C CB  . TRP A 1 37  ? -13.168 1.712   -0.954  1.00 31.73 ? 150 TRP A CB  1 
ATOM   296  C CG  . TRP A 1 37  ? -11.856 2.486   -1.252  1.00 27.99 ? 150 TRP A CG  1 
ATOM   297  C CD1 . TRP A 1 37  ? -11.509 3.679   -0.728  1.00 27.26 ? 150 TRP A CD1 1 
ATOM   298  C CD2 . TRP A 1 37  ? -10.747 2.103   -2.119  1.00 27.46 ? 150 TRP A CD2 1 
ATOM   299  N NE1 . TRP A 1 37  ? -10.267 4.088   -1.183  1.00 28.52 ? 150 TRP A NE1 1 
ATOM   300  C CE2 . TRP A 1 37  ? -9.765  3.125   -2.029  1.00 28.00 ? 150 TRP A CE2 1 
ATOM   301  C CE3 . TRP A 1 37  ? -10.489 1.052   -2.941  1.00 20.55 ? 150 TRP A CE3 1 
ATOM   302  C CZ2 . TRP A 1 37  ? -8.630  3.075   -2.710  1.00 25.85 ? 150 TRP A CZ2 1 
ATOM   303  C CZ3 . TRP A 1 37  ? -9.344  1.006   -3.602  1.00 28.02 ? 150 TRP A CZ3 1 
ATOM   304  C CH2 . TRP A 1 37  ? -8.403  1.969   -3.491  1.00 24.99 ? 150 TRP A CH2 1 
ATOM   305  N N   . LYS A 1 38  ? -15.036 -0.557  -2.359  1.00 31.78 ? 151 LYS A N   1 
ATOM   306  C CA  . LYS A 1 38  ? -15.792 -1.731  -1.899  1.00 32.88 ? 151 LYS A CA  1 
ATOM   307  C C   . LYS A 1 38  ? -14.853 -2.943  -1.883  1.00 32.33 ? 151 LYS A C   1 
ATOM   308  O O   . LYS A 1 38  ? -14.095 -3.179  -2.796  1.00 32.38 ? 151 LYS A O   1 
ATOM   309  C CB  . LYS A 1 38  ? -17.093 -1.953  -2.800  1.00 33.75 ? 151 LYS A CB  1 
ATOM   310  C CG  . LYS A 1 38  ? -17.866 -3.181  -2.692  1.00 35.87 ? 151 LYS A CG  1 
ATOM   311  C CD  . LYS A 1 38  ? -19.184 -3.180  -3.543  1.00 43.55 ? 151 LYS A CD  1 
ATOM   312  C CE  . LYS A 1 38  ? -19.405 -4.424  -4.473  1.00 42.70 ? 151 LYS A CE  1 
ATOM   313  N NZ  . LYS A 1 38  ? -19.468 -5.550  -3.665  1.00 41.58 ? 151 LYS A NZ  1 
ATOM   314  N N   . VAL A 1 39  ? -14.951 -3.703  -0.831  1.00 32.83 ? 152 VAL A N   1 
ATOM   315  C CA  . VAL A 1 39  ? -14.225 -4.959  -0.653  1.00 34.47 ? 152 VAL A CA  1 
ATOM   316  C C   . VAL A 1 39  ? -14.981 -6.111  -1.308  1.00 36.22 ? 152 VAL A C   1 
ATOM   317  O O   . VAL A 1 39  ? -16.216 -6.226  -1.213  1.00 35.68 ? 152 VAL A O   1 
ATOM   318  C CB  . VAL A 1 39  ? -14.096 -5.212  0.817   1.00 35.59 ? 152 VAL A CB  1 
ATOM   319  C CG1 . VAL A 1 39  ? -13.505 -6.520  1.074   1.00 35.23 ? 152 VAL A CG1 1 
ATOM   320  C CG2 . VAL A 1 39  ? -13.177 -4.100  1.489   1.00 35.77 ? 152 VAL A CG2 1 
ATOM   321  N N   . GLU A 1 40  ? -14.242 -6.902  -2.072  1.00 36.42 ? 153 GLU A N   1 
ATOM   322  C CA  . GLU A 1 40  ? -14.845 -7.916  -2.861  1.00 37.39 ? 153 GLU A CA  1 
ATOM   323  C C   . GLU A 1 40  ? -13.933 -9.122  -2.707  1.00 38.30 ? 153 GLU A C   1 
ATOM   324  O O   . GLU A 1 40  ? -12.752 -8.941  -2.404  1.00 38.00 ? 153 GLU A O   1 
ATOM   325  C CB  . GLU A 1 40  ? -14.816 -7.472  -4.332  1.00 37.72 ? 153 GLU A CB  1 
ATOM   326  C CG  . GLU A 1 40  ? -15.692 -6.291  -4.569  1.00 37.66 ? 153 GLU A CG  1 
ATOM   327  C CD  . GLU A 1 40  ? -16.011 -6.062  -6.044  1.00 37.02 ? 153 GLU A CD  1 
ATOM   328  O OE1 . GLU A 1 40  ? -15.250 -6.571  -6.912  1.00 33.45 ? 153 GLU A OE1 1 
ATOM   329  O OE2 . GLU A 1 40  ? -17.020 -5.349  -6.272  1.00 37.10 ? 153 GLU A OE2 1 
ATOM   330  N N   . GLU A 1 41  ? -14.441 -10.346 -2.982  1.00 39.30 ? 154 GLU A N   1 
ATOM   331  C CA  . GLU A 1 41  ? -13.656 -11.581 -2.835  1.00 40.46 ? 154 GLU A CA  1 
ATOM   332  C C   . GLU A 1 41  ? -12.877 -11.881 -4.029  1.00 41.76 ? 154 GLU A C   1 
ATOM   333  O O   . GLU A 1 41  ? -13.264 -11.672 -5.140  1.00 36.33 ? 154 GLU A O   1 
ATOM   334  C CB  . GLU A 1 41  ? -14.490 -12.805 -2.566  1.00 41.89 ? 154 GLU A CB  1 
ATOM   335  C CG  . GLU A 1 41  ? -15.431 -12.503 -1.410  1.00 48.73 ? 154 GLU A CG  1 
ATOM   336  C CD  . GLU A 1 41  ? -16.181 -13.711 -0.835  1.00 55.01 ? 154 GLU A CD  1 
ATOM   337  O OE1 . GLU A 1 41  ? -15.918 -14.898 -1.273  1.00 53.87 ? 154 GLU A OE1 1 
ATOM   338  O OE2 . GLU A 1 41  ? -17.019 -13.401 0.064   1.00 52.39 ? 154 GLU A OE2 1 
ATOM   339  N N   . LEU A 1 42  ? -11.732 -12.437 -3.735  1.00 45.98 ? 155 LEU A N   1 
ATOM   340  C CA  . LEU A 1 42  ? -10.859 -12.904 -4.724  1.00 49.62 ? 155 LEU A CA  1 
ATOM   341  C C   . LEU A 1 42  ? -11.064 -13.743 -5.971  1.00 53.71 ? 155 LEU A C   1 
ATOM   342  O O   . LEU A 1 42  ? -10.232 -13.328 -6.740  1.00 60.65 ? 155 LEU A O   1 
ATOM   343  C CB  . LEU A 1 42  ? -9.442  -13.147 -4.196  1.00 48.29 ? 155 LEU A CB  1 
ATOM   344  C CG  . LEU A 1 42  ? -8.233  -12.349 -4.640  1.00 48.47 ? 155 LEU A CG  1 
ATOM   345  C CD1 . LEU A 1 42  ? -8.508  -11.198 -5.614  1.00 43.00 ? 155 LEU A CD1 1 
ATOM   346  C CD2 . LEU A 1 42  ? -7.325  -11.955 -3.451  1.00 45.39 ? 155 LEU A CD2 1 
ATOM   347  N N   . PRO A 1 43  ? -11.800 -14.639 -6.604  1.00 54.65 ? 156 PRO A N   1 
ATOM   348  C CA  . PRO A 1 43  ? -11.529 -13.981 -7.972  1.00 54.40 ? 156 PRO A CA  1 
ATOM   349  C C   . PRO A 1 43  ? -12.534 -12.880 -8.203  1.00 54.89 ? 156 PRO A C   1 
ATOM   350  O O   . PRO A 1 43  ? -13.699 -13.158 -7.985  1.00 56.34 ? 156 PRO A O   1 
ATOM   351  C CB  . PRO A 1 43  ? -11.413 -15.079 -9.040  1.00 54.09 ? 156 PRO A CB  1 
ATOM   352  C CG  . PRO A 1 43  ? -12.207 -16.102 -8.503  1.00 55.14 ? 156 PRO A CG  1 
ATOM   353  C CD  . PRO A 1 43  ? -12.240 -16.037 -6.817  1.00 54.93 ? 156 PRO A CD  1 
ATOM   354  N N   . GLY A 1 44  ? -12.167 -11.658 -8.560  1.00 54.88 ? 157 GLY A N   1 
ATOM   355  C CA  . GLY A 1 44  ? -13.279 -10.755 -8.830  1.00 54.54 ? 157 GLY A CA  1 
ATOM   356  C C   . GLY A 1 44  ? -13.987 -11.070 -10.142 1.00 54.16 ? 157 GLY A C   1 
ATOM   357  O O   . GLY A 1 44  ? -13.559 -11.836 -11.019 1.00 54.86 ? 157 GLY A O   1 
ATOM   358  N N   . ASP A 1 45  ? -15.112 -10.443 -10.271 1.00 54.88 ? 158 ASP A N   1 
ATOM   359  C CA  . ASP A 1 45  ? -15.833 -10.275 -11.539 1.00 54.37 ? 158 ASP A CA  1 
ATOM   360  C C   . ASP A 1 45  ? -14.953 -9.723  -12.692 1.00 52.07 ? 158 ASP A C   1 
ATOM   361  O O   . ASP A 1 45  ? -14.297 -8.736  -12.541 1.00 50.92 ? 158 ASP A O   1 
ATOM   362  C CB  . ASP A 1 45  ? -16.931 -9.309  -11.184 1.00 56.11 ? 158 ASP A CB  1 
ATOM   363  C CG  . ASP A 1 45  ? -18.216 -9.982  -10.974 1.00 60.23 ? 158 ASP A CG  1 
ATOM   364  O OD1 . ASP A 1 45  ? -18.784 -10.267 -12.067 1.00 71.13 ? 158 ASP A OD1 1 
ATOM   365  O OD2 . ASP A 1 45  ? -18.757 -10.197 -9.847  1.00 59.63 ? 158 ASP A OD2 1 
ATOM   366  N N   . ASN A 1 46  ? -14.939 -10.421 -13.835 1.00 51.46 ? 159 ASN A N   1 
ATOM   367  C CA  . ASN A 1 46  ? -13.951 -10.330 -14.894 1.00 48.58 ? 159 ASN A CA  1 
ATOM   368  C C   . ASN A 1 46  ? -12.570 -9.956  -14.293 1.00 49.10 ? 159 ASN A C   1 
ATOM   369  O O   . ASN A 1 46  ? -11.899 -9.084  -14.749 1.00 44.73 ? 159 ASN A O   1 
ATOM   370  C CB  . ASN A 1 46  ? -14.375 -9.261  -15.915 1.00 49.66 ? 159 ASN A CB  1 
ATOM   371  C CG  . ASN A 1 46  ? -15.639 -9.622  -16.741 1.00 47.62 ? 159 ASN A CG  1 
ATOM   372  O OD1 . ASN A 1 46  ? -16.721 -9.567  -16.219 1.00 40.94 ? 159 ASN A OD1 1 
ATOM   373  N ND2 . ASN A 1 46  ? -15.472 -9.907  -18.039 1.00 45.20 ? 159 ASN A ND2 1 
ATOM   374  N N   . GLY A 1 47  ? -12.155 -10.652 -13.239 1.00 51.66 ? 160 GLY A N   1 
ATOM   375  C CA  . GLY A 1 47  ? -10.813 -10.546 -12.638 1.00 53.17 ? 160 GLY A CA  1 
ATOM   376  C C   . GLY A 1 47  ? -10.081 -11.873 -12.681 1.00 54.08 ? 160 GLY A C   1 
ATOM   377  O O   . GLY A 1 47  ? -10.689 -12.971 -12.677 1.00 53.95 ? 160 GLY A O   1 
ATOM   378  N N   . VAL A 1 48  ? -8.747  -11.794 -12.740 1.00 55.93 ? 161 VAL A N   1 
ATOM   379  C CA  . VAL A 1 48  ? -7.943  -13.034 -12.887 1.00 55.93 ? 161 VAL A CA  1 
ATOM   380  C C   . VAL A 1 48  ? -7.544  -13.506 -11.506 1.00 56.10 ? 161 VAL A C   1 
ATOM   381  O O   . VAL A 1 48  ? -7.721  -12.756 -10.508 1.00 52.61 ? 161 VAL A O   1 
ATOM   382  C CB  . VAL A 1 48  ? -6.776  -12.999 -13.923 1.00 55.53 ? 161 VAL A CB  1 
ATOM   383  C CG1 . VAL A 1 48  ? -7.029  -12.038 -15.013 1.00 54.86 ? 161 VAL A CG1 1 
ATOM   384  C CG2 . VAL A 1 48  ? -5.425  -12.792 -13.267 1.00 57.14 ? 161 VAL A CG2 1 
ATOM   385  N N   . GLU A 1 49  ? -7.080  -14.772 -11.473 1.00 57.50 ? 162 GLU A N   1 
ATOM   386  C CA  . GLU A 1 49  ? -6.602  -15.358 -10.218 1.00 59.03 ? 162 GLU A CA  1 
ATOM   387  C C   . GLU A 1 49  ? -5.331  -14.586 -9.621  1.00 56.44 ? 162 GLU A C   1 
ATOM   388  O O   . GLU A 1 49  ? -4.364  -14.173 -10.307 1.00 54.47 ? 162 GLU A O   1 
ATOM   389  C CB  . GLU A 1 49  ? -6.596  -16.968 -10.169 1.00 60.38 ? 162 GLU A CB  1 
ATOM   390  C CG  . GLU A 1 49  ? -7.657  -17.466 -9.037  1.00 66.81 ? 162 GLU A CG  1 
ATOM   391  C CD  . GLU A 1 49  ? -7.438  -16.755 -7.583  1.00 74.36 ? 162 GLU A CD  1 
ATOM   392  O OE1 . GLU A 1 49  ? -8.053  -15.660 -7.144  1.00 53.71 ? 162 GLU A OE1 1 
ATOM   393  O OE2 . GLU A 1 49  ? -6.552  -17.324 -6.804  1.00 82.79 ? 162 GLU A OE2 1 
ATOM   394  N N   . PHE A 1 50  ? -5.454  -14.319 -8.343  1.00 55.88 ? 163 PHE A N   1 
ATOM   395  C CA  . PHE A 1 50  ? -4.316  -14.017 -7.486  1.00 57.22 ? 163 PHE A CA  1 
ATOM   396  C C   . PHE A 1 50  ? -3.520  -15.246 -7.018  1.00 57.72 ? 163 PHE A C   1 
ATOM   397  O O   . PHE A 1 50  ? -3.883  -15.895 -6.021  1.00 56.62 ? 163 PHE A O   1 
ATOM   398  C CB  . PHE A 1 50  ? -4.782  -13.206 -6.254  1.00 56.98 ? 163 PHE A CB  1 
ATOM   399  C CG  . PHE A 1 50  ? -3.673  -12.484 -5.571  1.00 55.59 ? 163 PHE A CG  1 
ATOM   400  C CD1 . PHE A 1 50  ? -3.088  -11.360 -6.182  1.00 54.11 ? 163 PHE A CD1 1 
ATOM   401  C CD2 . PHE A 1 50  ? -3.177  -12.938 -4.350  1.00 53.21 ? 163 PHE A CD2 1 
ATOM   402  C CE1 . PHE A 1 50  ? -2.044  -10.710 -5.612  1.00 51.00 ? 163 PHE A CE1 1 
ATOM   403  C CE2 . PHE A 1 50  ? -2.138  -12.256 -3.725  1.00 54.15 ? 163 PHE A CE2 1 
ATOM   404  C CZ  . PHE A 1 50  ? -1.555  -11.157 -4.373  1.00 55.26 ? 163 PHE A CZ  1 
ATOM   405  N N   . THR A 1 51  ? -2.426  -15.503 -7.733  1.00 59.37 ? 164 THR A N   1 
ATOM   406  C CA  . THR A 1 51  ? -1.603  -16.706 -7.544  1.00 62.30 ? 164 THR A CA  1 
ATOM   407  C C   . THR A 1 51  ? -0.273  -16.385 -6.826  1.00 63.70 ? 164 THR A C   1 
ATOM   408  O O   . THR A 1 51  ? 0.749   -16.189 -7.519  1.00 65.60 ? 164 THR A O   1 
ATOM   409  C CB  . THR A 1 51  ? -1.194  -17.337 -8.947  1.00 62.53 ? 164 THR A CB  1 
ATOM   410  O OG1 . THR A 1 51  ? -0.702  -16.310 -9.819  1.00 59.30 ? 164 THR A OG1 1 
ATOM   411  C CG2 . THR A 1 51  ? -2.368  -18.070 -9.688  1.00 65.07 ? 164 THR A CG2 1 
ATOM   412  N N   . GLN A 1 52  ? -0.225  -16.341 -5.503  1.00 64.64 ? 165 GLN A N   1 
ATOM   413  C CA  . GLN A 1 52  ? 0.859   -15.542 -4.928  1.00 64.27 ? 165 GLN A CA  1 
ATOM   414  C C   . GLN A 1 52  ? 0.895   -15.507 -3.409  1.00 64.20 ? 165 GLN A C   1 
ATOM   415  O O   . GLN A 1 52  ? 1.962   -15.656 -2.802  1.00 65.30 ? 165 GLN A O   1 
ATOM   416  C CB  . GLN A 1 52  ? 0.876   -14.148 -5.614  1.00 64.32 ? 165 GLN A CB  1 
ATOM   417  C CG  . GLN A 1 52  ? 1.757   -13.059 -4.958  1.00 64.89 ? 165 GLN A CG  1 
ATOM   418  C CD  . GLN A 1 52  ? 3.282   -13.249 -5.027  1.00 62.33 ? 165 GLN A CD  1 
ATOM   419  O OE1 . GLN A 1 52  ? 4.009   -12.945 -4.011  1.00 55.12 ? 165 GLN A OE1 1 
ATOM   420  N NE2 . GLN A 1 52  ? 3.784   -13.618 -6.234  1.00 62.38 ? 165 GLN A NE2 1 
ATOM   421  N N   . ASP A 1 53  ? -0.232  -15.290 -2.770  1.00 64.00 ? 166 ASP A N   1 
ATOM   422  C CA  . ASP A 1 53  ? -0.360  -15.629 -1.343  1.00 63.52 ? 166 ASP A CA  1 
ATOM   423  C C   . ASP A 1 53  ? -1.881  -16.063 -1.347  1.00 62.66 ? 166 ASP A C   1 
ATOM   424  O O   . ASP A 1 53  ? -2.846  -15.236 -1.320  1.00 60.95 ? 166 ASP A O   1 
ATOM   425  C CB  . ASP A 1 53  ? 0.178   -14.474 -0.406  1.00 62.85 ? 166 ASP A CB  1 
ATOM   426  C CG  . ASP A 1 53  ? 0.009   -14.760 1.114   1.00 63.62 ? 166 ASP A CG  1 
ATOM   427  O OD1 . ASP A 1 53  ? -0.848  -15.561 1.477   1.00 64.50 ? 166 ASP A OD1 1 
ATOM   428  O OD2 . ASP A 1 53  ? 0.632   -14.198 2.028   1.00 59.73 ? 166 ASP A OD2 1 
ATOM   429  N N   . ASP A 1 54  ? -2.034  -17.388 -1.546  1.00 61.27 ? 167 ASP A N   1 
ATOM   430  C CA  . ASP A 1 54  ? -3.313  -18.167 -1.359  1.00 60.36 ? 167 ASP A CA  1 
ATOM   431  C C   . ASP A 1 54  ? -4.103  -17.839 -0.117  1.00 56.92 ? 167 ASP A C   1 
ATOM   432  O O   . ASP A 1 54  ? -5.305  -18.130 -0.014  1.00 58.67 ? 167 ASP A O   1 
ATOM   433  C CB  . ASP A 1 54  ? -3.041  -19.711 -1.337  1.00 62.03 ? 167 ASP A CB  1 
ATOM   434  C CG  . ASP A 1 54  ? -2.493  -20.239 -2.739  1.00 64.34 ? 167 ASP A CG  1 
ATOM   435  O OD1 . ASP A 1 54  ? -1.353  -20.754 -2.823  1.00 68.02 ? 167 ASP A OD1 1 
ATOM   436  O OD2 . ASP A 1 54  ? -3.123  -20.101 -3.792  1.00 63.59 ? 167 ASP A OD2 1 
ATOM   437  N N   . SER A 1 55  ? -3.436  -17.201 0.801   1.00 53.07 ? 168 SER A N   1 
ATOM   438  C CA  . SER A 1 55  ? -4.000  -16.796 2.059   1.00 50.91 ? 168 SER A CA  1 
ATOM   439  C C   . SER A 1 55  ? -4.715  -15.403 1.993   1.00 51.93 ? 168 SER A C   1 
ATOM   440  O O   . SER A 1 55  ? -5.479  -15.032 2.911   1.00 52.33 ? 168 SER A O   1 
ATOM   441  C CB  . SER A 1 55  ? -2.874  -16.778 3.079   1.00 49.19 ? 168 SER A CB  1 
ATOM   442  O OG  . SER A 1 55  ? -2.772  -15.504 3.479   1.00 42.56 ? 168 SER A OG  1 
ATOM   443  N N   . VAL A 1 56  ? -4.421  -14.633 0.920   1.00 51.15 ? 169 VAL A N   1 
ATOM   444  C CA  . VAL A 1 56  ? -5.141  -13.418 0.588   1.00 50.26 ? 169 VAL A CA  1 
ATOM   445  C C   . VAL A 1 56  ? -6.387  -13.780 -0.159  1.00 48.09 ? 169 VAL A C   1 
ATOM   446  O O   . VAL A 1 56  ? -6.322  -14.492 -1.253  1.00 43.85 ? 169 VAL A O   1 
ATOM   447  C CB  . VAL A 1 56  ? -4.330  -12.425 -0.265  1.00 51.71 ? 169 VAL A CB  1 
ATOM   448  C CG1 . VAL A 1 56  ? -5.202  -11.186 -0.492  1.00 52.21 ? 169 VAL A CG1 1 
ATOM   449  C CG2 . VAL A 1 56  ? -2.936  -12.013 0.518   1.00 50.61 ? 169 VAL A CG2 1 
ATOM   450  N N   . LYS A 1 57  ? -7.486  -13.271 0.462   1.00 45.99 ? 170 LYS A N   1 
ATOM   451  C CA  . LYS A 1 57  ? -8.909  -13.620 0.067   1.00 46.33 ? 170 LYS A CA  1 
ATOM   452  C C   . LYS A 1 57  ? -9.760  -12.528 -0.659  1.00 43.39 ? 170 LYS A C   1 
ATOM   453  O O   . LYS A 1 57  ? -10.699 -12.870 -1.362  1.00 42.93 ? 170 LYS A O   1 
ATOM   454  C CB  . LYS A 1 57  ? -9.745  -14.148 1.261   1.00 46.54 ? 170 LYS A CB  1 
ATOM   455  C CG  . LYS A 1 57  ? -9.446  -15.606 1.710   1.00 50.72 ? 170 LYS A CG  1 
ATOM   456  C CD  . LYS A 1 57  ? -8.843  -16.516 0.548   1.00 57.97 ? 170 LYS A CD  1 
ATOM   457  C CE  . LYS A 1 57  ? -8.487  -18.030 1.060   1.00 63.46 ? 170 LYS A CE  1 
ATOM   458  N NZ  . LYS A 1 57  ? -7.980  -17.926 2.506   1.00 62.21 ? 170 LYS A NZ  1 
ATOM   459  N N   . LYS A 1 58  ? -9.381  -11.273 -0.498  1.00 40.20 ? 171 LYS A N   1 
ATOM   460  C CA  . LYS A 1 58  ? -10.135 -10.086 -0.837  1.00 39.96 ? 171 LYS A CA  1 
ATOM   461  C C   . LYS A 1 58  ? -9.228  -8.948  -1.304  1.00 38.21 ? 171 LYS A C   1 
ATOM   462  O O   . LYS A 1 58  ? -8.004  -9.018  -1.208  1.00 39.45 ? 171 LYS A O   1 
ATOM   463  C CB  . LYS A 1 58  ? -10.928 -9.611  0.402   1.00 41.55 ? 171 LYS A CB  1 
ATOM   464  C CG  . LYS A 1 58  ? -11.802 -10.691 1.069   1.00 37.16 ? 171 LYS A CG  1 
ATOM   465  C CD  . LYS A 1 58  ? -12.702 -10.059 2.146   1.00 37.96 ? 171 LYS A CD  1 
ATOM   466  C CE  . LYS A 1 58  ? -13.843 -11.095 2.647   1.00 42.27 ? 171 LYS A CE  1 
ATOM   467  N NZ  . LYS A 1 58  ? -13.939 -11.137 4.122   1.00 41.40 ? 171 LYS A NZ  1 
ATOM   468  N N   . TYR A 1 59  ? -9.845  -7.936  -1.834  1.00 35.53 ? 172 TYR A N   1 
ATOM   469  C CA  . TYR A 1 59  ? -9.104  -6.813  -2.394  1.00 35.42 ? 172 TYR A CA  1 
ATOM   470  C C   . TYR A 1 59  ? -10.068 -5.620  -2.255  1.00 33.91 ? 172 TYR A C   1 
ATOM   471  O O   . TYR A 1 59  ? -11.222 -5.885  -2.010  1.00 30.20 ? 172 TYR A O   1 
ATOM   472  C CB  . TYR A 1 59  ? -8.649  -7.059  -3.800  1.00 33.58 ? 172 TYR A CB  1 
ATOM   473  C CG  . TYR A 1 59  ? -9.792  -7.256  -4.681  1.00 33.81 ? 172 TYR A CG  1 
ATOM   474  C CD1 . TYR A 1 59  ? -10.540 -6.231  -5.110  1.00 33.61 ? 172 TYR A CD1 1 
ATOM   475  C CD2 . TYR A 1 59  ? -10.110 -8.507  -5.129  1.00 36.15 ? 172 TYR A CD2 1 
ATOM   476  C CE1 . TYR A 1 59  ? -11.593 -6.450  -5.913  1.00 30.62 ? 172 TYR A CE1 1 
ATOM   477  C CE2 . TYR A 1 59  ? -11.169 -8.753  -5.916  1.00 34.22 ? 172 TYR A CE2 1 
ATOM   478  C CZ  . TYR A 1 59  ? -11.964 -7.730  -6.308  1.00 38.09 ? 172 TYR A CZ  1 
ATOM   479  O OH  . TYR A 1 59  ? -13.122 -7.996  -7.100  1.00 29.28 ? 172 TYR A OH  1 
ATOM   480  N N   . PHE A 1 60  ? -9.566  -4.364  -2.361  1.00 32.98 ? 173 PHE A N   1 
ATOM   481  C CA  . PHE A 1 60  ? -10.398 -3.196  -2.410  1.00 31.35 ? 173 PHE A CA  1 
ATOM   482  C C   . PHE A 1 60  ? -10.504 -2.750  -3.844  1.00 30.62 ? 173 PHE A C   1 
ATOM   483  O O   . PHE A 1 60  ? -9.461  -2.555  -4.560  1.00 31.76 ? 173 PHE A O   1 
ATOM   484  C CB  . PHE A 1 60  ? -9.764  -2.070  -1.678  1.00 33.43 ? 173 PHE A CB  1 
ATOM   485  C CG  . PHE A 1 60  ? -9.436  -2.352  -0.284  1.00 33.47 ? 173 PHE A CG  1 
ATOM   486  C CD1 . PHE A 1 60  ? -10.326 -2.018  0.712   1.00 32.19 ? 173 PHE A CD1 1 
ATOM   487  C CD2 . PHE A 1 60  ? -8.273  -3.013  0.049   1.00 34.19 ? 173 PHE A CD2 1 
ATOM   488  C CE1 . PHE A 1 60  ? -10.003 -2.236  2.038   1.00 28.54 ? 173 PHE A CE1 1 
ATOM   489  C CE2 . PHE A 1 60  ? -7.942  -3.253  1.446   1.00 29.09 ? 173 PHE A CE2 1 
ATOM   490  C CZ  . PHE A 1 60  ? -8.788  -2.847  2.372   1.00 29.63 ? 173 PHE A CZ  1 
ATOM   491  N N   . ALA A 1 61  ? -11.762 -2.561  -4.244  1.00 28.11 ? 174 ALA A N   1 
ATOM   492  C CA  . ALA A 1 61  ? -12.181 -2.131  -5.585  1.00 26.93 ? 174 ALA A CA  1 
ATOM   493  C C   . ALA A 1 61  ? -12.500 -0.644  -5.528  1.00 25.68 ? 174 ALA A C   1 
ATOM   494  O O   . ALA A 1 61  ? -13.213 -0.166  -4.591  1.00 25.41 ? 174 ALA A O   1 
ATOM   495  C CB  . ALA A 1 61  ? -13.456 -2.907  -6.004  1.00 28.63 ? 174 ALA A CB  1 
ATOM   496  N N   . SER A 1 62  ? -11.892 0.104   -6.481  1.00 25.73 ? 175 SER A N   1 
ATOM   497  C CA  . SER A 1 62  ? -12.160 1.514   -6.662  1.00 24.44 ? 175 SER A CA  1 
ATOM   498  C C   . SER A 1 62  ? -13.331 1.750   -7.714  1.00 26.73 ? 175 SER A C   1 
ATOM   499  O O   . SER A 1 62  ? -13.650 0.845   -8.421  1.00 28.02 ? 175 SER A O   1 
ATOM   500  C CB  . SER A 1 62  ? -10.954 2.290   -7.029  1.00 24.92 ? 175 SER A CB  1 
ATOM   501  O OG  . SER A 1 62  ? -10.286 1.848   -8.241  1.00 23.32 ? 175 SER A OG  1 
ATOM   502  N N   . SER A 1 63  ? -13.876 2.975   -7.817  1.00 25.66 ? 176 SER A N   1 
ATOM   503  C CA  . SER A 1 63  ? -15.033 3.311   -8.567  1.00 28.31 ? 176 SER A CA  1 
ATOM   504  C C   . SER A 1 63  ? -14.691 4.366   -9.650  1.00 28.90 ? 176 SER A C   1 
ATOM   505  O O   . SER A 1 63  ? -13.644 4.329   -10.258 1.00 28.15 ? 176 SER A O   1 
ATOM   506  C CB  . SER A 1 63  ? -16.116 3.804   -7.628  1.00 30.57 ? 176 SER A CB  1 
ATOM   507  O OG  . SER A 1 63  ? -17.387 4.081   -8.234  1.00 32.68 ? 176 SER A OG  1 
ATOM   508  N N   . PHE A 1 64  ? -15.589 5.279   -9.936  1.00 29.08 ? 177 PHE A N   1 
ATOM   509  C CA  . PHE A 1 64  ? -15.493 6.058   -11.171 1.00 28.31 ? 177 PHE A CA  1 
ATOM   510  C C   . PHE A 1 64  ? -14.815 7.415   -10.974 1.00 27.69 ? 177 PHE A C   1 
ATOM   511  O O   . PHE A 1 64  ? -14.621 8.052   -11.930 1.00 29.30 ? 177 PHE A O   1 
ATOM   512  C CB  . PHE A 1 64  ? -16.868 6.181   -11.884 1.00 28.88 ? 177 PHE A CB  1 
ATOM   513  C CG  . PHE A 1 64  ? -17.955 6.979   -11.081 1.00 27.87 ? 177 PHE A CG  1 
ATOM   514  C CD1 . PHE A 1 64  ? -18.040 8.346   -11.156 1.00 28.96 ? 177 PHE A CD1 1 
ATOM   515  C CD2 . PHE A 1 64  ? -18.916 6.310   -10.368 1.00 29.16 ? 177 PHE A CD2 1 
ATOM   516  C CE1 . PHE A 1 64  ? -19.037 9.100   -10.425 1.00 26.52 ? 177 PHE A CE1 1 
ATOM   517  C CE2 . PHE A 1 64  ? -20.012 7.024   -9.625  1.00 26.71 ? 177 PHE A CE2 1 
ATOM   518  C CZ  . PHE A 1 64  ? -20.046 8.396   -9.677  1.00 30.05 ? 177 PHE A CZ  1 
ATOM   519  N N   . GLU A 1 65  ? -14.333 7.724   -9.804  1.00 25.30 ? 178 GLU A N   1 
ATOM   520  C CA  . GLU A 1 65  ? -13.519 8.877   -9.556  1.00 28.30 ? 178 GLU A CA  1 
ATOM   521  C C   . GLU A 1 65  ? -12.452 8.403   -8.487  1.00 28.01 ? 178 GLU A C   1 
ATOM   522  O O   . GLU A 1 65  ? -12.620 7.322   -7.985  1.00 26.21 ? 178 GLU A O   1 
ATOM   523  C CB  . GLU A 1 65  ? -14.310 10.129  -9.007  1.00 28.31 ? 178 GLU A CB  1 
ATOM   524  C CG  . GLU A 1 65  ? -15.174 10.794  -10.091 1.00 31.04 ? 178 GLU A CG  1 
ATOM   525  C CD  . GLU A 1 65  ? -16.276 11.711  -9.517  1.00 37.67 ? 178 GLU A CD  1 
ATOM   526  O OE1 . GLU A 1 65  ? -16.433 11.777  -8.264  1.00 38.80 ? 178 GLU A OE1 1 
ATOM   527  O OE2 . GLU A 1 65  ? -16.997 12.315  -10.333 1.00 37.80 ? 178 GLU A OE2 1 
ATOM   528  N N   . TRP A 1 66  ? -11.349 9.129   -8.294  1.00 25.74 ? 179 TRP A N   1 
ATOM   529  C CA  . TRP A 1 66  ? -10.305 8.629   -7.464  1.00 26.30 ? 179 TRP A CA  1 
ATOM   530  C C   . TRP A 1 66  ? -10.852 8.106   -6.170  1.00 25.80 ? 179 TRP A C   1 
ATOM   531  O O   . TRP A 1 66  ? -11.599 8.803   -5.509  1.00 29.41 ? 179 TRP A O   1 
ATOM   532  C CB  . TRP A 1 66  ? -9.215  9.736   -7.162  1.00 25.06 ? 179 TRP A CB  1 
ATOM   533  C CG  . TRP A 1 66  ? -8.207  9.849   -8.305  1.00 27.10 ? 179 TRP A CG  1 
ATOM   534  C CD1 . TRP A 1 66  ? -8.064  10.935  -9.183  1.00 28.79 ? 179 TRP A CD1 1 
ATOM   535  C CD2 . TRP A 1 66  ? -7.251  8.833   -8.788  1.00 26.53 ? 179 TRP A CD2 1 
ATOM   536  N NE1 . TRP A 1 66  ? -7.101  10.652  -10.120 1.00 33.44 ? 179 TRP A NE1 1 
ATOM   537  C CE2 . TRP A 1 66  ? -6.532  9.425   -9.878  1.00 25.89 ? 179 TRP A CE2 1 
ATOM   538  C CE3 . TRP A 1 66  ? -6.864  7.546   -8.354  1.00 26.77 ? 179 TRP A CE3 1 
ATOM   539  C CZ2 . TRP A 1 66  ? -5.503  8.772   -10.544 1.00 24.53 ? 179 TRP A CZ2 1 
ATOM   540  C CZ3 . TRP A 1 66  ? -5.817  6.881   -9.023  1.00 26.53 ? 179 TRP A CZ3 1 
ATOM   541  C CH2 . TRP A 1 66  ? -5.189  7.453   -10.131 1.00 28.34 ? 179 TRP A CH2 1 
ATOM   542  N N   . CYS A 1 67  ? -10.487 6.878   -5.798  1.00 26.01 ? 180 CYS A N   1 
ATOM   543  C CA  . CYS A 1 67  ? -10.617 6.374   -4.446  1.00 27.24 ? 180 CYS A CA  1 
ATOM   544  C C   . CYS A 1 67  ? -9.201  6.198   -3.907  1.00 26.70 ? 180 CYS A C   1 
ATOM   545  O O   . CYS A 1 67  ? -8.359  5.674   -4.604  1.00 25.89 ? 180 CYS A O   1 
ATOM   546  C CB  . CYS A 1 67  ? -11.378 5.042   -4.388  1.00 28.21 ? 180 CYS A CB  1 
ATOM   547  S SG  . CYS A 1 67  ? -12.915 5.127   -5.144  1.00 28.17 ? 180 CYS A SG  1 
ATOM   548  N N   . ARG A 1 68  ? -8.945  6.809   -2.753  1.00 29.85 ? 181 ARG A N   1 
ATOM   549  C CA  . ARG A 1 68  ? -7.605  6.883   -2.134  1.00 30.96 ? 181 ARG A CA  1 
ATOM   550  C C   . ARG A 1 68  ? -7.782  6.429   -0.704  1.00 31.43 ? 181 ARG A C   1 
ATOM   551  O O   . ARG A 1 68  ? -8.882  6.551   -0.136  1.00 31.19 ? 181 ARG A O   1 
ATOM   552  C CB  . ARG A 1 68  ? -7.077  8.296   -2.252  1.00 31.75 ? 181 ARG A CB  1 
ATOM   553  C CG  . ARG A 1 68  ? -6.811  8.694   -3.646  1.00 32.01 ? 181 ARG A CG  1 
ATOM   554  C CD  . ARG A 1 68  ? -5.982  10.015  -3.920  1.00 35.05 ? 181 ARG A CD  1 
ATOM   555  N NE  . ARG A 1 68  ? -5.413  10.077  -5.302  1.00 42.26 ? 181 ARG A NE  1 
ATOM   556  C CZ  . ARG A 1 68  ? -5.734  11.052  -6.168  1.00 47.37 ? 181 ARG A CZ  1 
ATOM   557  N NH1 . ARG A 1 68  ? -6.720  12.041  -5.911  1.00 42.96 ? 181 ARG A NH1 1 
ATOM   558  N NH2 . ARG A 1 68  ? -5.082  11.018  -7.322  1.00 44.74 ? 181 ARG A NH2 1 
ATOM   559  N N   . LYS A 1 69  ? -6.780  5.756   -0.166  1.00 31.57 ? 182 LYS A N   1 
ATOM   560  C CA  . LYS A 1 69  ? -6.754  5.542   1.258   1.00 31.21 ? 182 LYS A CA  1 
ATOM   561  C C   . LYS A 1 69  ? -5.326  5.496   1.755   1.00 31.14 ? 182 LYS A C   1 
ATOM   562  O O   . LYS A 1 69  ? -4.462  5.228   0.976   1.00 30.76 ? 182 LYS A O   1 
ATOM   563  C CB  . LYS A 1 69  ? -7.529  4.248   1.590   1.00 30.54 ? 182 LYS A CB  1 
ATOM   564  C CG  . LYS A 1 69  ? -7.111  2.994   0.762   1.00 33.71 ? 182 LYS A CG  1 
ATOM   565  C CD  . LYS A 1 69  ? -7.791  1.734   1.278   1.00 35.07 ? 182 LYS A CD  1 
ATOM   566  C CE  . LYS A 1 69  ? -7.362  0.450   0.589   1.00 39.63 ? 182 LYS A CE  1 
ATOM   567  N NZ  . LYS A 1 69  ? -6.180  -0.090  1.240   1.00 34.08 ? 182 LYS A NZ  1 
ATOM   568  N N   . ALA A 1 70  ? -5.086  5.686   3.070   1.00 32.48 ? 183 ALA A N   1 
ATOM   569  C CA  . ALA A 1 70  ? -3.717  5.783   3.622   1.00 33.25 ? 183 ALA A CA  1 
ATOM   570  C C   . ALA A 1 70  ? -3.591  5.164   4.955   1.00 33.45 ? 183 ALA A C   1 
ATOM   571  O O   . ALA A 1 70  ? -4.521  5.069   5.680   1.00 37.53 ? 183 ALA A O   1 
ATOM   572  C CB  . ALA A 1 70  ? -3.280  7.186   3.749   1.00 32.42 ? 183 ALA A CB  1 
ATOM   573  N N   . GLN A 1 71  ? -2.403  4.896   5.328   1.00 33.83 ? 184 GLN A N   1 
ATOM   574  C CA  . GLN A 1 71  ? -2.054  4.469   6.667   1.00 35.55 ? 184 GLN A CA  1 
ATOM   575  C C   . GLN A 1 71  ? -0.741  5.096   7.038   1.00 34.74 ? 184 GLN A C   1 
ATOM   576  O O   . GLN A 1 71  ? 0.254   5.121   6.242   1.00 33.92 ? 184 GLN A O   1 
ATOM   577  C CB  . GLN A 1 71  ? -1.827  2.973   6.689   1.00 37.27 ? 184 GLN A CB  1 
ATOM   578  C CG  . GLN A 1 71  ? -2.489  2.325   7.835   1.00 40.19 ? 184 GLN A CG  1 
ATOM   579  C CD  . GLN A 1 71  ? -2.525  0.842   7.794   1.00 35.54 ? 184 GLN A CD  1 
ATOM   580  O OE1 . GLN A 1 71  ? -1.920  0.300   8.653   1.00 38.97 ? 184 GLN A OE1 1 
ATOM   581  N NE2 . GLN A 1 71  ? -3.293  0.187   6.859   1.00 27.77 ? 184 GLN A NE2 1 
ATOM   582  N N   . VAL A 1 72  ? -0.708  5.596   8.260   1.00 35.81 ? 185 VAL A N   1 
ATOM   583  C CA  . VAL A 1 72  ? 0.501   6.196   8.839   1.00 36.07 ? 185 VAL A CA  1 
ATOM   584  C C   . VAL A 1 72  ? 1.071   5.202   9.851   1.00 35.07 ? 185 VAL A C   1 
ATOM   585  O O   . VAL A 1 72  ? 0.430   4.858   10.777  1.00 37.94 ? 185 VAL A O   1 
ATOM   586  C CB  . VAL A 1 72  ? 0.194   7.538   9.604   1.00 37.26 ? 185 VAL A CB  1 
ATOM   587  C CG1 . VAL A 1 72  ? 1.530   8.052   10.405  1.00 40.19 ? 185 VAL A CG1 1 
ATOM   588  C CG2 . VAL A 1 72  ? -0.322  8.647   8.612   1.00 37.47 ? 185 VAL A CG2 1 
ATOM   589  N N   . ILE A 1 73  ? 2.284   4.825   9.750   1.00 33.52 ? 186 ILE A N   1 
ATOM   590  C CA  . ILE A 1 73  ? 2.802   3.784   10.644  1.00 33.12 ? 186 ILE A CA  1 
ATOM   591  C C   . ILE A 1 73  ? 3.738   4.559   11.560  1.00 33.41 ? 186 ILE A C   1 
ATOM   592  O O   . ILE A 1 73  ? 4.512   5.379   11.129  1.00 31.95 ? 186 ILE A O   1 
ATOM   593  C CB  . ILE A 1 73  ? 3.593   2.783   9.895   1.00 31.33 ? 186 ILE A CB  1 
ATOM   594  C CG1 . ILE A 1 73  ? 2.655   2.032   8.955   1.00 31.79 ? 186 ILE A CG1 1 
ATOM   595  C CG2 . ILE A 1 73  ? 4.420   1.938   10.846  1.00 36.20 ? 186 ILE A CG2 1 
ATOM   596  C CD1 . ILE A 1 73  ? 3.457   1.285   7.816   1.00 33.94 ? 186 ILE A CD1 1 
ATOM   597  N N   . ASP A 1 74  ? 3.572   4.315   12.843  1.00 34.43 ? 187 ASP A N   1 
ATOM   598  C CA  . ASP A 1 74  ? 4.295   4.988   13.897  1.00 34.95 ? 187 ASP A CA  1 
ATOM   599  C C   . ASP A 1 74  ? 5.504   3.968   14.168  1.00 34.77 ? 187 ASP A C   1 
ATOM   600  O O   . ASP A 1 74  ? 5.292   2.907   14.793  1.00 35.14 ? 187 ASP A O   1 
ATOM   601  C CB  . ASP A 1 74  ? 3.346   5.123   15.131  1.00 33.79 ? 187 ASP A CB  1 
ATOM   602  C CG  . ASP A 1 74  ? 4.015   5.858   16.320  1.00 34.98 ? 187 ASP A CG  1 
ATOM   603  O OD1 . ASP A 1 74  ? 5.315   5.893   16.457  1.00 27.24 ? 187 ASP A OD1 1 
ATOM   604  O OD2 . ASP A 1 74  ? 3.302   6.445   17.133  1.00 29.70 ? 187 ASP A OD2 1 
ATOM   605  N N   . LEU A 1 75  ? 6.710   4.272   13.709  1.00 34.03 ? 188 LEU A N   1 
ATOM   606  C CA  . LEU A 1 75  ? 7.738   3.300   13.808  1.00 35.30 ? 188 LEU A CA  1 
ATOM   607  C C   . LEU A 1 75  ? 8.140   2.957   15.279  1.00 36.08 ? 188 LEU A C   1 
ATOM   608  O O   . LEU A 1 75  ? 8.406   1.732   15.549  1.00 37.51 ? 188 LEU A O   1 
ATOM   609  C CB  . LEU A 1 75  ? 8.921   3.663   12.921  1.00 35.48 ? 188 LEU A CB  1 
ATOM   610  C CG  . LEU A 1 75  ? 8.759   3.701   11.425  1.00 33.86 ? 188 LEU A CG  1 
ATOM   611  C CD1 . LEU A 1 75  ? 9.911   4.484   10.786  1.00 33.25 ? 188 LEU A CD1 1 
ATOM   612  C CD2 . LEU A 1 75  ? 8.618   2.309   10.772  1.00 33.14 ? 188 LEU A CD2 1 
ATOM   613  N N   . GLN A 1 76  ? 8.150   3.955   16.184  1.00 37.11 ? 189 GLN A N   1 
ATOM   614  C CA  . GLN A 1 76  ? 8.477   3.767   17.643  1.00 40.08 ? 189 GLN A CA  1 
ATOM   615  C C   . GLN A 1 76  ? 7.423   2.826   18.262  1.00 37.77 ? 189 GLN A C   1 
ATOM   616  O O   . GLN A 1 76  ? 7.745   1.914   19.073  1.00 36.03 ? 189 GLN A O   1 
ATOM   617  C CB  . GLN A 1 76  ? 8.715   5.072   18.553  1.00 39.95 ? 189 GLN A CB  1 
ATOM   618  C CG  . GLN A 1 76  ? 9.190   6.353   17.637  1.00 53.07 ? 189 GLN A CG  1 
ATOM   619  C CD  . GLN A 1 76  ? 9.462   7.876   18.277  1.00 53.01 ? 189 GLN A CD  1 
ATOM   620  O OE1 . GLN A 1 76  ? 10.472  8.065   18.971  1.00 55.11 ? 189 GLN A OE1 1 
ATOM   621  N NE2 . GLN A 1 76  ? 8.663   8.939   17.772  1.00 50.61 ? 189 GLN A NE2 1 
ATOM   622  N N   . ALA A 1 77  ? 6.162   3.051   17.863  1.00 37.38 ? 190 ALA A N   1 
ATOM   623  C CA  . ALA A 1 77  ? 5.083   2.226   18.451  1.00 35.69 ? 190 ALA A CA  1 
ATOM   624  C C   . ALA A 1 77  ? 5.282   0.818   17.893  1.00 33.76 ? 190 ALA A C   1 
ATOM   625  O O   . ALA A 1 77  ? 4.828   -0.098  18.437  1.00 32.20 ? 190 ALA A O   1 
ATOM   626  C CB  . ALA A 1 77  ? 3.677   2.802   18.204  1.00 34.06 ? 190 ALA A CB  1 
ATOM   627  N N   . GLU A 1 78  ? 5.920   0.633   16.766  1.00 34.72 ? 191 GLU A N   1 
ATOM   628  C CA  . GLU A 1 78  ? 6.064   -0.768  16.229  1.00 35.76 ? 191 GLU A CA  1 
ATOM   629  C C   . GLU A 1 78  ? 7.376   -1.389  16.694  1.00 34.50 ? 191 GLU A C   1 
ATOM   630  O O   . GLU A 1 78  ? 7.756   -2.406  16.156  1.00 35.61 ? 191 GLU A O   1 
ATOM   631  C CB  . GLU A 1 78  ? 6.002   -0.773  14.665  1.00 36.10 ? 191 GLU A CB  1 
ATOM   632  C CG  . GLU A 1 78  ? 4.735   -0.114  14.039  1.00 37.56 ? 191 GLU A CG  1 
ATOM   633  C CD  . GLU A 1 78  ? 3.509   -0.882  14.454  1.00 39.28 ? 191 GLU A CD  1 
ATOM   634  O OE1 . GLU A 1 78  ? 3.644   -2.101  14.674  1.00 40.73 ? 191 GLU A OE1 1 
ATOM   635  O OE2 . GLU A 1 78  ? 2.460   -0.300  14.610  1.00 37.07 ? 191 GLU A OE2 1 
ATOM   636  N N   . GLY A 1 79  ? 8.087   -0.753  17.636  1.00 31.69 ? 192 GLY A N   1 
ATOM   637  C CA  . GLY A 1 79  ? 9.313   -1.343  18.111  1.00 32.31 ? 192 GLY A CA  1 
ATOM   638  C C   . GLY A 1 79  ? 10.675  -0.773  17.629  1.00 31.55 ? 192 GLY A C   1 
ATOM   639  O O   . GLY A 1 79  ? 11.740  -1.230  18.190  1.00 29.89 ? 192 GLY A O   1 
ATOM   640  N N   . TYR A 1 80  ? 10.667  0.215   16.714  1.00 30.52 ? 193 TYR A N   1 
ATOM   641  C CA  . TYR A 1 80  ? 11.919  0.799   16.282  1.00 31.15 ? 193 TYR A CA  1 
ATOM   642  C C   . TYR A 1 80  ? 12.231  2.066   17.054  1.00 30.32 ? 193 TYR A C   1 
ATOM   643  O O   . TYR A 1 80  ? 11.562  3.066   16.905  1.00 29.99 ? 193 TYR A O   1 
ATOM   644  C CB  . TYR A 1 80  ? 11.984  0.980   14.749  1.00 31.64 ? 193 TYR A CB  1 
ATOM   645  C CG  . TYR A 1 80  ? 11.539  -0.191  14.028  1.00 33.20 ? 193 TYR A CG  1 
ATOM   646  C CD1 . TYR A 1 80  ? 12.455  -1.236  13.735  1.00 30.02 ? 193 TYR A CD1 1 
ATOM   647  C CD2 . TYR A 1 80  ? 10.140  -0.368  13.695  1.00 36.05 ? 193 TYR A CD2 1 
ATOM   648  C CE1 . TYR A 1 80  ? 12.030  -2.436  13.099  1.00 28.25 ? 193 TYR A CE1 1 
ATOM   649  C CE2 . TYR A 1 80  ? 9.674   -1.659  13.094  1.00 29.01 ? 193 TYR A CE2 1 
ATOM   650  C CZ  . TYR A 1 80  ? 10.641  -2.642  12.817  1.00 30.38 ? 193 TYR A CZ  1 
ATOM   651  O OH  . TYR A 1 80  ? 10.262  -3.813  12.179  1.00 32.77 ? 193 TYR A OH  1 
ATOM   652  N N   . TRP A 1 81  ? 13.247  2.007   17.909  1.00 31.49 ? 194 TRP A N   1 
ATOM   653  C CA  . TRP A 1 81  ? 13.662  3.191   18.675  1.00 31.13 ? 194 TRP A CA  1 
ATOM   654  C C   . TRP A 1 81  ? 14.408  4.257   17.885  1.00 32.06 ? 194 TRP A C   1 
ATOM   655  O O   . TRP A 1 81  ? 14.956  4.002   16.840  1.00 31.64 ? 194 TRP A O   1 
ATOM   656  C CB  . TRP A 1 81  ? 14.430  2.766   19.967  1.00 33.20 ? 194 TRP A CB  1 
ATOM   657  C CG  . TRP A 1 81  ? 15.704  1.989   19.848  1.00 32.76 ? 194 TRP A CG  1 
ATOM   658  C CD1 . TRP A 1 81  ? 16.916  2.512   19.857  1.00 36.76 ? 194 TRP A CD1 1 
ATOM   659  C CD2 . TRP A 1 81  ? 15.878  0.585   19.699  1.00 28.79 ? 194 TRP A CD2 1 
ATOM   660  N NE1 . TRP A 1 81  ? 17.877  1.547   19.700  1.00 36.72 ? 194 TRP A NE1 1 
ATOM   661  C CE2 . TRP A 1 81  ? 17.249  0.344   19.591  1.00 34.03 ? 194 TRP A CE2 1 
ATOM   662  C CE3 . TRP A 1 81  ? 14.991  -0.509  19.627  1.00 35.81 ? 194 TRP A CE3 1 
ATOM   663  C CZ2 . TRP A 1 81  ? 17.793  -0.924  19.428  1.00 40.03 ? 194 TRP A CZ2 1 
ATOM   664  C CZ3 . TRP A 1 81  ? 15.510  -1.791  19.483  1.00 31.57 ? 194 TRP A CZ3 1 
ATOM   665  C CH2 . TRP A 1 81  ? 16.906  -1.992  19.422  1.00 37.67 ? 194 TRP A CH2 1 
ATOM   666  N N   . GLU A 1 82  ? 14.393  5.482   18.393  1.00 34.52 ? 195 GLU A N   1 
ATOM   667  C CA  . GLU A 1 82  ? 15.034  6.636   17.712  1.00 36.10 ? 195 GLU A CA  1 
ATOM   668  C C   . GLU A 1 82  ? 16.409  6.470   17.183  1.00 36.43 ? 195 GLU A C   1 
ATOM   669  O O   . GLU A 1 82  ? 16.615  6.721   15.976  1.00 35.64 ? 195 GLU A O   1 
ATOM   670  C CB  . GLU A 1 82  ? 14.738  7.958   18.331  1.00 37.40 ? 195 GLU A CB  1 
ATOM   671  C CG  . GLU A 1 82  ? 15.563  8.719   19.325  1.00 45.78 ? 195 GLU A CG  1 
ATOM   672  C CD  . GLU A 1 82  ? 14.645  9.835   19.969  1.00 53.51 ? 195 GLU A CD  1 
ATOM   673  O OE1 . GLU A 1 82  ? 15.196  10.556  20.824  1.00 56.37 ? 195 GLU A OE1 1 
ATOM   674  O OE2 . GLU A 1 82  ? 13.364  9.904   19.658  1.00 55.82 ? 195 GLU A OE2 1 
ATOM   675  N N   . GLU A 1 83  ? 17.315  5.915   17.996  1.00 34.22 ? 196 GLU A N   1 
ATOM   676  C CA  . GLU A 1 83  ? 18.703  5.859   17.629  1.00 32.92 ? 196 GLU A CA  1 
ATOM   677  C C   . GLU A 1 83  ? 18.845  4.813   16.638  1.00 32.07 ? 196 GLU A C   1 
ATOM   678  O O   . GLU A 1 83  ? 19.740  4.833   15.839  1.00 31.39 ? 196 GLU A O   1 
ATOM   679  C CB  . GLU A 1 83  ? 19.679  5.607   18.849  1.00 31.56 ? 196 GLU A CB  1 
ATOM   680  C CG  . GLU A 1 83  ? 19.558  6.773   19.819  1.00 30.70 ? 196 GLU A CG  1 
ATOM   681  C CD  . GLU A 1 83  ? 18.477  6.525   20.913  1.00 32.81 ? 196 GLU A CD  1 
ATOM   682  O OE1 . GLU A 1 83  ? 17.569  5.622   20.805  1.00 33.22 ? 196 GLU A OE1 1 
ATOM   683  O OE2 . GLU A 1 83  ? 18.478  7.221   21.908  1.00 30.94 ? 196 GLU A OE2 1 
ATOM   684  N N   . LEU A 1 84  ? 18.099  3.773   16.767  1.00 33.37 ? 197 LEU A N   1 
ATOM   685  C CA  . LEU A 1 84  ? 18.207  2.721   15.747  1.00 35.40 ? 197 LEU A CA  1 
ATOM   686  C C   . LEU A 1 84  ? 17.720  3.344   14.343  1.00 36.22 ? 197 LEU A C   1 
ATOM   687  O O   . LEU A 1 84  ? 18.309  3.107   13.269  1.00 35.05 ? 197 LEU A O   1 
ATOM   688  C CB  . LEU A 1 84  ? 17.348  1.546   16.213  1.00 35.57 ? 197 LEU A CB  1 
ATOM   689  C CG  . LEU A 1 84  ? 16.532  0.657   15.314  1.00 40.13 ? 197 LEU A CG  1 
ATOM   690  C CD1 . LEU A 1 84  ? 17.189  0.627   14.030  1.00 48.09 ? 197 LEU A CD1 1 
ATOM   691  C CD2 . LEU A 1 84  ? 16.309  -0.797  15.818  1.00 35.79 ? 197 LEU A CD2 1 
ATOM   692  N N   . LEU A 1 85  ? 16.683  4.177   14.351  1.00 35.43 ? 198 LEU A N   1 
ATOM   693  C CA  . LEU A 1 85  ? 16.222  4.710   13.036  1.00 36.19 ? 198 LEU A CA  1 
ATOM   694  C C   . LEU A 1 85  ? 17.184  5.789   12.413  1.00 37.51 ? 198 LEU A C   1 
ATOM   695  O O   . LEU A 1 85  ? 17.372  5.783   11.162  1.00 38.33 ? 198 LEU A O   1 
ATOM   696  C CB  . LEU A 1 85  ? 14.852  5.256   13.148  1.00 33.43 ? 198 LEU A CB  1 
ATOM   697  C CG  . LEU A 1 85  ? 13.744  4.309   13.429  1.00 32.90 ? 198 LEU A CG  1 
ATOM   698  C CD1 . LEU A 1 85  ? 12.575  5.093   14.103  1.00 34.10 ? 198 LEU A CD1 1 
ATOM   699  C CD2 . LEU A 1 85  ? 13.393  3.416   12.209  1.00 31.47 ? 198 LEU A CD2 1 
ATOM   700  N N   . ASP A 1 86  ? 17.752  6.669   13.293  1.00 36.77 ? 199 ASP A N   1 
ATOM   701  C CA  . ASP A 1 86  ? 18.746  7.711   12.973  1.00 37.14 ? 199 ASP A CA  1 
ATOM   702  C C   . ASP A 1 86  ? 20.083  7.138   12.625  1.00 37.40 ? 199 ASP A C   1 
ATOM   703  O O   . ASP A 1 86  ? 20.700  7.528   11.585  1.00 37.01 ? 199 ASP A O   1 
ATOM   704  C CB  . ASP A 1 86  ? 18.922  8.789   14.052  1.00 38.05 ? 199 ASP A CB  1 
ATOM   705  C CG  . ASP A 1 86  ? 17.640  9.543   14.403  1.00 37.49 ? 199 ASP A CG  1 
ATOM   706  O OD1 . ASP A 1 86  ? 16.566  9.481   13.721  1.00 40.67 ? 199 ASP A OD1 1 
ATOM   707  O OD2 . ASP A 1 86  ? 17.640  10.218  15.389  1.00 40.76 ? 199 ASP A OD2 1 
ATOM   708  N N   . THR A 1 87  ? 20.444  6.048   13.295  1.00 38.08 ? 200 THR A N   1 
ATOM   709  C CA  . THR A 1 87  ? 21.772  5.519   13.084  1.00 38.96 ? 200 THR A CA  1 
ATOM   710  C C   . THR A 1 87  ? 21.859  4.444   12.074  1.00 38.12 ? 200 THR A C   1 
ATOM   711  O O   . THR A 1 87  ? 22.485  4.719   11.095  1.00 37.46 ? 200 THR A O   1 
ATOM   712  C CB  . THR A 1 87  ? 22.579  5.268   14.461  1.00 39.11 ? 200 THR A CB  1 
ATOM   713  O OG1 . THR A 1 87  ? 22.964  6.601   14.874  1.00 40.20 ? 200 THR A OG1 1 
ATOM   714  C CG2 . THR A 1 87  ? 23.913  4.602   14.187  1.00 44.17 ? 200 THR A CG2 1 
ATOM   715  N N   . THR A 1 88  ? 21.308  3.227   12.319  1.00 36.44 ? 201 THR A N   1 
ATOM   716  C CA  . THR A 1 88  ? 21.239  2.179   11.334  1.00 35.36 ? 201 THR A CA  1 
ATOM   717  C C   . THR A 1 88  ? 20.414  2.601   10.019  1.00 34.73 ? 201 THR A C   1 
ATOM   718  O O   . THR A 1 88  ? 20.696  2.113   8.889   1.00 35.05 ? 201 THR A O   1 
ATOM   719  C CB  . THR A 1 88  ? 20.594  0.933   11.968  1.00 35.11 ? 201 THR A CB  1 
ATOM   720  O OG1 . THR A 1 88  ? 21.354  0.553   13.135  1.00 35.54 ? 201 THR A OG1 1 
ATOM   721  C CG2 . THR A 1 88  ? 20.628  -0.255  10.907  1.00 33.57 ? 201 THR A CG2 1 
ATOM   722  N N   . GLN A 1 89  ? 19.379  3.400   10.160  1.00 32.67 ? 202 GLN A N   1 
ATOM   723  C CA  . GLN A 1 89  ? 18.574  3.661   8.922   1.00 34.59 ? 202 GLN A CA  1 
ATOM   724  C C   . GLN A 1 89  ? 18.222  2.375   8.148   1.00 34.17 ? 202 GLN A C   1 
ATOM   725  O O   . GLN A 1 89  ? 18.518  2.268   6.972   1.00 31.89 ? 202 GLN A O   1 
ATOM   726  C CB  . GLN A 1 89  ? 19.303  4.651   7.988   1.00 31.65 ? 202 GLN A CB  1 
ATOM   727  C CG  . GLN A 1 89  ? 19.393  6.020   8.634   1.00 35.29 ? 202 GLN A CG  1 
ATOM   728  C CD  . GLN A 1 89  ? 20.396  7.032   7.896   1.00 36.33 ? 202 GLN A CD  1 
ATOM   729  O OE1 . GLN A 1 89  ? 20.521  7.063   6.664   1.00 33.34 ? 202 GLN A OE1 1 
ATOM   730  N NE2 . GLN A 1 89  ? 21.034  7.822   8.681   1.00 30.64 ? 202 GLN A NE2 1 
ATOM   731  N N   . PRO A 1 90  ? 17.571  1.409   8.819   1.00 34.99 ? 203 PRO A N   1 
ATOM   732  C CA  . PRO A 1 90  ? 17.378  0.101   8.201   1.00 33.22 ? 203 PRO A CA  1 
ATOM   733  C C   . PRO A 1 90  ? 16.394  0.291   7.051   1.00 33.27 ? 203 PRO A C   1 
ATOM   734  O O   . PRO A 1 90  ? 15.506  1.197   6.975   1.00 32.23 ? 203 PRO A O   1 
ATOM   735  C CB  . PRO A 1 90  ? 16.728  -0.695  9.342   1.00 30.96 ? 203 PRO A CB  1 
ATOM   736  C CG  . PRO A 1 90  ? 15.808  0.375   10.013  1.00 32.31 ? 203 PRO A CG  1 
ATOM   737  C CD  . PRO A 1 90  ? 16.861  1.496   10.121  1.00 34.62 ? 203 PRO A CD  1 
ATOM   738  N N   . ALA A 1 91  ? 16.529  -0.676  6.203   1.00 33.56 ? 204 ALA A N   1 
ATOM   739  C CA  . ALA A 1 91  ? 15.775  -0.764  4.966   1.00 34.99 ? 204 ALA A CA  1 
ATOM   740  C C   . ALA A 1 91  ? 14.315  -0.708  5.198   1.00 33.28 ? 204 ALA A C   1 
ATOM   741  O O   . ALA A 1 91  ? 13.822  -1.425  6.042   1.00 33.47 ? 204 ALA A O   1 
ATOM   742  C CB  . ALA A 1 91  ? 16.153  -2.118  4.160   1.00 35.04 ? 204 ALA A CB  1 
ATOM   743  N N   . ILE A 1 92  ? 13.606  0.153   4.500   1.00 32.11 ? 205 ILE A N   1 
ATOM   744  C CA  . ILE A 1 92  ? 12.131  0.169   4.743   1.00 32.02 ? 205 ILE A CA  1 
ATOM   745  C C   . ILE A 1 92  ? 11.604  -0.174  3.402   1.00 31.67 ? 205 ILE A C   1 
ATOM   746  O O   . ILE A 1 92  ? 11.861  0.541   2.455   1.00 29.55 ? 205 ILE A O   1 
ATOM   747  C CB  . ILE A 1 92  ? 11.574  1.472   5.336   1.00 31.32 ? 205 ILE A CB  1 
ATOM   748  C CG1 . ILE A 1 92  ? 12.094  1.751   6.739   1.00 29.75 ? 205 ILE A CG1 1 
ATOM   749  C CG2 . ILE A 1 92  ? 10.082  1.612   5.250   1.00 30.24 ? 205 ILE A CG2 1 
ATOM   750  C CD1 . ILE A 1 92  ? 11.924  3.139   7.012   1.00 26.41 ? 205 ILE A CD1 1 
ATOM   751  N N   . VAL A 1 93  ? 10.874  -1.300  3.370   1.00 32.20 ? 206 VAL A N   1 
ATOM   752  C CA  . VAL A 1 93  ? 10.412  -1.913  2.178   1.00 33.55 ? 206 VAL A CA  1 
ATOM   753  C C   . VAL A 1 93  ? 8.865   -1.803  2.047   1.00 33.74 ? 206 VAL A C   1 
ATOM   754  O O   . VAL A 1 93  ? 8.120   -2.123  2.920   1.00 32.48 ? 206 VAL A O   1 
ATOM   755  C CB  . VAL A 1 93  ? 10.794  -3.416  2.126   1.00 35.03 ? 206 VAL A CB  1 
ATOM   756  C CG1 . VAL A 1 93  ? 10.234  -4.121  0.877   1.00 34.61 ? 206 VAL A CG1 1 
ATOM   757  C CG2 . VAL A 1 93  ? 12.352  -3.639  2.266   1.00 33.73 ? 206 VAL A CG2 1 
ATOM   758  N N   . VAL A 1 94  ? 8.415   -1.418  0.885   1.00 32.17 ? 207 VAL A N   1 
ATOM   759  C CA  . VAL A 1 94  ? 7.060   -1.022  0.718   1.00 32.82 ? 207 VAL A CA  1 
ATOM   760  C C   . VAL A 1 94  ? 6.601   -1.740  -0.568  1.00 33.06 ? 207 VAL A C   1 
ATOM   761  O O   . VAL A 1 94  ? 7.235   -1.584  -1.637  1.00 31.41 ? 207 VAL A O   1 
ATOM   762  C CB  . VAL A 1 94  ? 7.262   0.519   0.672   1.00 34.70 ? 207 VAL A CB  1 
ATOM   763  C CG1 . VAL A 1 94  ? 6.507   1.124   -0.207  1.00 35.24 ? 207 VAL A CG1 1 
ATOM   764  C CG2 . VAL A 1 94  ? 7.125   1.143   2.045   1.00 37.62 ? 207 VAL A CG2 1 
ATOM   765  N N   . LYS A 1 95  ? 5.546   -2.545  -0.500  1.00 33.69 ? 208 LYS A N   1 
ATOM   766  C CA  . LYS A 1 95  ? 4.965   -3.249  -1.659  1.00 33.72 ? 208 LYS A CA  1 
ATOM   767  C C   . LYS A 1 95  ? 3.461   -3.034  -1.747  1.00 33.53 ? 208 LYS A C   1 
ATOM   768  O O   . LYS A 1 95  ? 2.748   -2.703  -0.752  1.00 35.31 ? 208 LYS A O   1 
ATOM   769  C CB  . LYS A 1 95  ? 5.306   -4.794  -1.679  1.00 34.51 ? 208 LYS A CB  1 
ATOM   770  C CG  . LYS A 1 95  ? 6.756   -5.180  -1.204  1.00 36.24 ? 208 LYS A CG  1 
ATOM   771  C CD  . LYS A 1 95  ? 6.954   -6.711  -1.228  1.00 41.38 ? 208 LYS A CD  1 
ATOM   772  C CE  . LYS A 1 95  ? 8.386   -7.318  -1.167  1.00 41.58 ? 208 LYS A CE  1 
ATOM   773  N NZ  . LYS A 1 95  ? 8.871   -7.234  -2.592  1.00 48.70 ? 208 LYS A NZ  1 
ATOM   774  N N   . ASP A 1 96  ? 2.952   -3.219  -2.969  1.00 32.49 ? 209 ASP A N   1 
ATOM   775  C CA  . ASP A 1 96  ? 1.487   -3.183  -3.224  1.00 31.05 ? 209 ASP A CA  1 
ATOM   776  C C   . ASP A 1 96  ? 1.183   -4.072  -4.384  1.00 29.76 ? 209 ASP A C   1 
ATOM   777  O O   . ASP A 1 96  ? 1.970   -4.205  -5.303  1.00 28.45 ? 209 ASP A O   1 
ATOM   778  C CB  . ASP A 1 96  ? 0.985   -1.735  -3.513  1.00 29.08 ? 209 ASP A CB  1 
ATOM   779  C CG  . ASP A 1 96  ? -0.463  -1.515  -3.184  1.00 29.04 ? 209 ASP A CG  1 
ATOM   780  O OD1 . ASP A 1 96  ? -1.082  -2.301  -2.395  1.00 31.62 ? 209 ASP A OD1 1 
ATOM   781  O OD2 . ASP A 1 96  ? -1.078  -0.507  -3.650  1.00 28.49 ? 209 ASP A OD2 1 
ATOM   782  N N   . TRP A 1 97  ? 0.008   -4.687  -4.364  1.00 31.76 ? 210 TRP A N   1 
ATOM   783  C CA  . TRP A 1 97  ? -0.477  -5.391  -5.540  1.00 32.36 ? 210 TRP A CA  1 
ATOM   784  C C   . TRP A 1 97  ? -1.740  -4.674  -6.058  1.00 32.02 ? 210 TRP A C   1 
ATOM   785  O O   . TRP A 1 97  ? -2.678  -4.316  -5.230  1.00 31.98 ? 210 TRP A O   1 
ATOM   786  C CB  . TRP A 1 97  ? -0.724  -6.895  -5.284  1.00 32.05 ? 210 TRP A CB  1 
ATOM   787  C CG  . TRP A 1 97  ? 0.524   -7.659  -5.030  1.00 35.37 ? 210 TRP A CG  1 
ATOM   788  C CD1 . TRP A 1 97  ? 1.211   -7.764  -3.795  1.00 38.66 ? 210 TRP A CD1 1 
ATOM   789  C CD2 . TRP A 1 97  ? 1.263   -8.455  -5.957  1.00 34.49 ? 210 TRP A CD2 1 
ATOM   790  N NE1 . TRP A 1 97  ? 2.233   -8.663  -3.927  1.00 36.28 ? 210 TRP A NE1 1 
ATOM   791  C CE2 . TRP A 1 97  ? 2.382   -8.997  -5.249  1.00 40.42 ? 210 TRP A CE2 1 
ATOM   792  C CE3 . TRP A 1 97  ? 1.126   -8.749  -7.299  1.00 41.58 ? 210 TRP A CE3 1 
ATOM   793  C CZ2 . TRP A 1 97  ? 3.410   -9.798  -5.879  1.00 40.51 ? 210 TRP A CZ2 1 
ATOM   794  C CZ3 . TRP A 1 97  ? 2.139   -9.632  -7.957  1.00 47.70 ? 210 TRP A CZ3 1 
ATOM   795  C CH2 . TRP A 1 97  ? 3.268   -10.092 -7.228  1.00 45.69 ? 210 TRP A CH2 1 
ATOM   796  N N   . TYR A 1 98  ? -1.768  -4.489  -7.393  1.00 31.58 ? 211 TYR A N   1 
ATOM   797  C CA  . TYR A 1 98  ? -2.947  -3.914  -8.050  1.00 32.35 ? 211 TYR A CA  1 
ATOM   798  C C   . TYR A 1 98  ? -3.296  -4.610  -9.312  1.00 34.00 ? 211 TYR A C   1 
ATOM   799  O O   . TYR A 1 98  ? -2.451  -5.305  -9.934  1.00 33.81 ? 211 TYR A O   1 
ATOM   800  C CB  . TYR A 1 98  ? -2.702  -2.439  -8.295  1.00 32.67 ? 211 TYR A CB  1 
ATOM   801  C CG  . TYR A 1 98  ? -1.633  -2.120  -9.325  1.00 32.82 ? 211 TYR A CG  1 
ATOM   802  C CD1 . TYR A 1 98  ? -1.970  -1.973  -10.624 1.00 31.71 ? 211 TYR A CD1 1 
ATOM   803  C CD2 . TYR A 1 98  ? -0.261  -1.956  -9.001  1.00 34.96 ? 211 TYR A CD2 1 
ATOM   804  C CE1 . TYR A 1 98  ? -1.000  -1.631  -11.652 1.00 32.73 ? 211 TYR A CE1 1 
ATOM   805  C CE2 . TYR A 1 98  ? 0.749   -1.628  -10.062 1.00 33.74 ? 211 TYR A CE2 1 
ATOM   806  C CZ  . TYR A 1 98  ? 0.334   -1.499  -11.348 1.00 31.09 ? 211 TYR A CZ  1 
ATOM   807  O OH  . TYR A 1 98  ? 1.190   -1.227  -12.370 1.00 34.75 ? 211 TYR A OH  1 
ATOM   808  N N   . SER A 1 99  ? -4.587  -4.508  -9.680  1.00 34.55 ? 212 SER A N   1 
ATOM   809  C CA  . SER A 1 99  ? -5.047  -5.018  -10.956 1.00 32.85 ? 212 SER A CA  1 
ATOM   810  C C   . SER A 1 99  ? -6.248  -4.317  -11.366 1.00 33.05 ? 212 SER A C   1 
ATOM   811  O O   . SER A 1 99  ? -6.763  -3.482  -10.601 1.00 34.35 ? 212 SER A O   1 
ATOM   812  C CB  . SER A 1 99  ? -5.363  -6.469  -10.861 1.00 30.71 ? 212 SER A CB  1 
ATOM   813  O OG  . SER A 1 99  ? -6.432  -6.669  -9.954  1.00 31.61 ? 212 SER A OG  1 
ATOM   814  N N   . GLY A 1 100 ? -6.708  -4.700  -12.539 1.00 31.45 ? 213 GLY A N   1 
ATOM   815  C CA  . GLY A 1 100 ? -7.876  -4.128  -13.140 1.00 34.89 ? 213 GLY A CA  1 
ATOM   816  C C   . GLY A 1 100 ? -8.757  -5.208  -13.672 1.00 35.02 ? 213 GLY A C   1 
ATOM   817  O O   . GLY A 1 100 ? -8.300  -6.355  -13.798 1.00 36.40 ? 213 GLY A O   1 
ATOM   818  N N   . ARG A 1 101 ? -10.009 -4.875  -13.987 1.00 35.28 ? 214 ARG A N   1 
ATOM   819  C CA  . ARG A 1 101 ? -10.915 -5.814  -14.673 1.00 35.23 ? 214 ARG A CA  1 
ATOM   820  C C   . ARG A 1 101 ? -10.540 -5.865  -16.155 1.00 35.23 ? 214 ARG A C   1 
ATOM   821  O O   . ARG A 1 101 ? -9.817  -4.964  -16.638 1.00 35.84 ? 214 ARG A O   1 
ATOM   822  C CB  . ARG A 1 101 ? -12.374 -5.395  -14.538 1.00 35.57 ? 214 ARG A CB  1 
ATOM   823  C CG  . ARG A 1 101 ? -12.893 -5.563  -13.143 1.00 40.60 ? 214 ARG A CG  1 
ATOM   824  C CD  . ARG A 1 101 ? -14.151 -4.796  -12.847 1.00 40.12 ? 214 ARG A CD  1 
ATOM   825  N NE  . ARG A 1 101 ? -15.166 -5.381  -13.694 1.00 39.63 ? 214 ARG A NE  1 
ATOM   826  C CZ  . ARG A 1 101 ? -16.272 -5.920  -13.248 1.00 32.81 ? 214 ARG A CZ  1 
ATOM   827  N NH1 . ARG A 1 101 ? -16.545 -5.853  -12.017 1.00 35.09 ? 214 ARG A NH1 1 
ATOM   828  N NH2 . ARG A 1 101 ? -17.200 -6.364  -14.056 1.00 33.71 ? 214 ARG A NH2 1 
ATOM   829  N N   . THR A 1 102 ? -11.034 -6.934  -16.833 1.00 35.42 ? 215 THR A N   1 
ATOM   830  C CA  . THR A 1 102 ? -10.924 -7.221  -18.294 1.00 34.75 ? 215 THR A CA  1 
ATOM   831  C C   . THR A 1 102 ? -11.966 -6.542  -19.196 1.00 32.86 ? 215 THR A C   1 
ATOM   832  O O   . THR A 1 102 ? -11.760 -6.546  -20.350 1.00 29.81 ? 215 THR A O   1 
ATOM   833  C CB  . THR A 1 102 ? -10.928 -8.832  -18.585 1.00 35.48 ? 215 THR A CB  1 
ATOM   834  O OG1 . THR A 1 102 ? -12.074 -9.496  -17.981 1.00 37.84 ? 215 THR A OG1 1 
ATOM   835  C CG2 . THR A 1 102 ? -9.808  -9.454  -17.844 1.00 36.92 ? 215 THR A CG2 1 
ATOM   836  N N   . ASP A 1 103 ? -13.088 -5.997  -18.671 1.00 33.66 ? 216 ASP A N   1 
ATOM   837  C CA  . ASP A 1 103 ? -14.177 -5.378  -19.510 1.00 34.14 ? 216 ASP A CA  1 
ATOM   838  C C   . ASP A 1 103 ? -14.068 -3.851  -19.384 1.00 34.25 ? 216 ASP A C   1 
ATOM   839  O O   . ASP A 1 103 ? -14.893 -3.053  -19.900 1.00 36.63 ? 216 ASP A O   1 
ATOM   840  C CB  . ASP A 1 103 ? -15.624 -5.884  -19.066 1.00 32.84 ? 216 ASP A CB  1 
ATOM   841  C CG  . ASP A 1 103 ? -15.866 -5.838  -17.538 1.00 35.21 ? 216 ASP A CG  1 
ATOM   842  O OD1 . ASP A 1 103 ? -14.995 -5.479  -16.661 1.00 31.05 ? 216 ASP A OD1 1 
ATOM   843  O OD2 . ASP A 1 103 ? -16.973 -6.176  -17.052 1.00 38.33 ? 216 ASP A OD2 1 
ATOM   844  N N   . ALA A 1 104 ? -13.007 -3.414  -18.741 1.00 34.86 ? 217 ALA A N   1 
ATOM   845  C CA  . ALA A 1 104 ? -12.801 -1.973  -18.527 1.00 34.79 ? 217 ALA A CA  1 
ATOM   846  C C   . ALA A 1 104 ? -11.471 -1.684  -17.887 1.00 34.63 ? 217 ALA A C   1 
ATOM   847  O O   . ALA A 1 104 ? -10.965 -2.496  -17.068 1.00 37.60 ? 217 ALA A O   1 
ATOM   848  C CB  . ALA A 1 104 ? -13.941 -1.388  -17.606 1.00 35.48 ? 217 ALA A CB  1 
ATOM   849  N N   . GLY A 1 105 ? -10.938 -0.523  -18.290 1.00 33.70 ? 218 GLY A N   1 
ATOM   850  C CA  . GLY A 1 105 ? -9.623  -0.003  -17.977 1.00 32.14 ? 218 GLY A CA  1 
ATOM   851  C C   . GLY A 1 105 ? -9.662  0.725   -16.676 1.00 32.43 ? 218 GLY A C   1 
ATOM   852  O O   . GLY A 1 105 ? -10.784 1.058   -16.160 1.00 29.37 ? 218 GLY A O   1 
ATOM   853  N N   . SER A 1 106 ? -8.468  1.008   -16.139 1.00 30.60 ? 219 SER A N   1 
ATOM   854  C CA  . SER A 1 106 ? -8.420  1.623   -14.843 1.00 30.14 ? 219 SER A CA  1 
ATOM   855  C C   . SER A 1 106 ? -7.072  2.221   -14.668 1.00 28.67 ? 219 SER A C   1 
ATOM   856  O O   . SER A 1 106 ? -6.184  1.911   -15.406 1.00 31.35 ? 219 SER A O   1 
ATOM   857  C CB  . SER A 1 106 ? -8.803  0.590   -13.743 1.00 30.49 ? 219 SER A CB  1 
ATOM   858  O OG  . SER A 1 106 ? -8.044  -0.601  -13.734 1.00 30.28 ? 219 SER A OG  1 
ATOM   859  N N   . LEU A 1 107 ? -6.954  3.123   -13.735 1.00 27.51 ? 220 LEU A N   1 
ATOM   860  C CA  . LEU A 1 107 ? -5.753  3.743   -13.314 1.00 28.61 ? 220 LEU A CA  1 
ATOM   861  C C   . LEU A 1 107 ? -5.518  3.469   -11.846 1.00 28.83 ? 220 LEU A C   1 
ATOM   862  O O   . LEU A 1 107 ? -6.447  3.463   -11.009 1.00 29.37 ? 220 LEU A O   1 
ATOM   863  C CB  . LEU A 1 107 ? -5.906  5.251   -13.450 1.00 29.44 ? 220 LEU A CB  1 
ATOM   864  C CG  . LEU A 1 107 ? -6.319  5.703   -14.845 1.00 30.42 ? 220 LEU A CG  1 
ATOM   865  C CD1 . LEU A 1 107 ? -6.757  7.149   -14.865 1.00 29.99 ? 220 LEU A CD1 1 
ATOM   866  C CD2 . LEU A 1 107 ? -5.130  5.411   -15.843 1.00 28.17 ? 220 LEU A CD2 1 
ATOM   867  N N   . TYR A 1 108 ? -4.253  3.482   -11.533 1.00 29.17 ? 221 TYR A N   1 
ATOM   868  C CA  . TYR A 1 108 ? -3.702  3.204   -10.178 1.00 29.47 ? 221 TYR A CA  1 
ATOM   869  C C   . TYR A 1 108 ? -2.671  4.259   -9.803  1.00 30.73 ? 221 TYR A C   1 
ATOM   870  O O   . TYR A 1 108 ? -1.909  4.794   -10.641 1.00 33.37 ? 221 TYR A O   1 
ATOM   871  C CB  . TYR A 1 108 ? -2.983  1.892   -10.204 1.00 27.16 ? 221 TYR A CB  1 
ATOM   872  C CG  . TYR A 1 108 ? -2.190  1.550   -8.971  1.00 30.46 ? 221 TYR A CG  1 
ATOM   873  C CD1 . TYR A 1 108 ? -2.782  0.972   -7.836  1.00 28.81 ? 221 TYR A CD1 1 
ATOM   874  C CD2 . TYR A 1 108 ? -0.806  1.811   -8.901  1.00 29.14 ? 221 TYR A CD2 1 
ATOM   875  C CE1 . TYR A 1 108 ? -2.020  0.690   -6.665  1.00 28.45 ? 221 TYR A CE1 1 
ATOM   876  C CE2 . TYR A 1 108 ? -0.059  1.450   -7.800  1.00 27.65 ? 221 TYR A CE2 1 
ATOM   877  C CZ  . TYR A 1 108 ? -0.650  0.875   -6.676  1.00 29.46 ? 221 TYR A CZ  1 
ATOM   878  O OH  . TYR A 1 108 ? 0.180   0.571   -5.581  1.00 26.26 ? 221 TYR A OH  1 
ATOM   879  N N   . GLU A 1 109 ? -2.626  4.623   -8.544  1.00 32.59 ? 222 GLU A N   1 
ATOM   880  C CA  . GLU A 1 109 ? -1.518  5.461   -8.037  1.00 32.14 ? 222 GLU A CA  1 
ATOM   881  C C   . GLU A 1 109 ? -1.077  5.093   -6.591  1.00 31.80 ? 222 GLU A C   1 
ATOM   882  O O   . GLU A 1 109 ? -1.885  4.820   -5.734  1.00 30.17 ? 222 GLU A O   1 
ATOM   883  C CB  . GLU A 1 109 ? -1.959  6.911   -8.079  1.00 32.23 ? 222 GLU A CB  1 
ATOM   884  C CG  . GLU A 1 109 ? -0.894  7.913   -7.644  1.00 37.87 ? 222 GLU A CG  1 
ATOM   885  C CD  . GLU A 1 109 ? -1.192  9.425   -7.894  1.00 41.32 ? 222 GLU A CD  1 
ATOM   886  O OE1 . GLU A 1 109 ? -2.347  9.751   -8.271  1.00 48.73 ? 222 GLU A OE1 1 
ATOM   887  O OE2 . GLU A 1 109 ? -0.233  10.287  -7.685  1.00 35.85 ? 222 GLU A OE2 1 
ATOM   888  N N   . LEU A 1 110 ? 0.234   5.095   -6.340  1.00 31.64 ? 223 LEU A N   1 
ATOM   889  C CA  . LEU A 1 110 ? 0.779   5.021   -5.002  1.00 31.62 ? 223 LEU A CA  1 
ATOM   890  C C   . LEU A 1 110 ? 1.853   6.058   -4.697  1.00 32.08 ? 223 LEU A C   1 
ATOM   891  O O   . LEU A 1 110 ? 2.800   6.232   -5.488  1.00 30.27 ? 223 LEU A O   1 
ATOM   892  C CB  . LEU A 1 110 ? 1.457   3.689   -4.877  1.00 32.22 ? 223 LEU A CB  1 
ATOM   893  C CG  . LEU A 1 110 ? 2.078   3.399   -3.488  1.00 35.15 ? 223 LEU A CG  1 
ATOM   894  C CD1 . LEU A 1 110 ? 1.696   2.099   -2.864  1.00 39.90 ? 223 LEU A CD1 1 
ATOM   895  C CD2 . LEU A 1 110 ? 3.519   3.363   -3.651  1.00 37.20 ? 223 LEU A CD2 1 
ATOM   896  N N   . THR A 1 111 ? 1.724   6.723   -3.533  1.00 32.75 ? 224 THR A N   1 
ATOM   897  C CA  . THR A 1 111 ? 2.776   7.572   -2.867  1.00 32.19 ? 224 THR A CA  1 
ATOM   898  C C   . THR A 1 111 ? 3.160   7.111   -1.457  1.00 32.38 ? 224 THR A C   1 
ATOM   899  O O   . THR A 1 111 ? 2.288   6.981   -0.684  1.00 34.37 ? 224 THR A O   1 
ATOM   900  C CB  . THR A 1 111 ? 2.178   8.992   -2.800  1.00 31.72 ? 224 THR A CB  1 
ATOM   901  O OG1 . THR A 1 111 ? 1.802   9.293   -4.138  1.00 28.61 ? 224 THR A OG1 1 
ATOM   902  C CG2 . THR A 1 111 ? 3.191   10.026  -2.443  1.00 34.18 ? 224 THR A CG2 1 
ATOM   903  N N   . VAL A 1 112 ? 4.428   6.974   -1.090  1.00 31.41 ? 225 VAL A N   1 
ATOM   904  C CA  . VAL A 1 112 ? 4.820   6.602   0.269   1.00 31.16 ? 225 VAL A CA  1 
ATOM   905  C C   . VAL A 1 112 ? 5.894   7.587   0.710   1.00 31.60 ? 225 VAL A C   1 
ATOM   906  O O   . VAL A 1 112 ? 6.850   7.831   -0.025  1.00 30.58 ? 225 VAL A O   1 
ATOM   907  C CB  . VAL A 1 112 ? 5.462   5.134   0.359   1.00 32.59 ? 225 VAL A CB  1 
ATOM   908  C CG1 . VAL A 1 112 ? 5.744   4.732   1.711   1.00 31.82 ? 225 VAL A CG1 1 
ATOM   909  C CG2 . VAL A 1 112 ? 4.514   4.159   -0.130  1.00 36.28 ? 225 VAL A CG2 1 
ATOM   910  N N   . ARG A 1 113 ? 5.745   8.119   1.928   1.00 30.11 ? 226 ARG A N   1 
ATOM   911  C CA  . ARG A 1 113 ? 6.694   9.050   2.484   1.00 28.61 ? 226 ARG A CA  1 
ATOM   912  C C   . ARG A 1 113 ? 7.237   8.553   3.786   1.00 25.94 ? 226 ARG A C   1 
ATOM   913  O O   . ARG A 1 113 ? 6.576   7.941   4.483   1.00 24.21 ? 226 ARG A O   1 
ATOM   914  C CB  . ARG A 1 113 ? 5.961   10.410  2.628   1.00 27.47 ? 226 ARG A CB  1 
ATOM   915  C CG  . ARG A 1 113 ? 5.651   11.008  1.286   1.00 27.16 ? 226 ARG A CG  1 
ATOM   916  C CD  . ARG A 1 113 ? 4.444   12.102  1.314   1.00 22.73 ? 226 ARG A CD  1 
ATOM   917  N NE  . ARG A 1 113 ? 4.637   13.171  0.383   1.00 30.52 ? 226 ARG A NE  1 
ATOM   918  C CZ  . ARG A 1 113 ? 4.195   14.441  0.536   1.00 38.50 ? 226 ARG A CZ  1 
ATOM   919  N NH1 . ARG A 1 113 ? 3.551   14.847  1.667   1.00 36.39 ? 226 ARG A NH1 1 
ATOM   920  N NH2 . ARG A 1 113 ? 4.420   15.308  -0.468  1.00 27.28 ? 226 ARG A NH2 1 
ATOM   921  N N   . LEU A 1 114 ? 8.463   8.891   4.054   1.00 27.21 ? 227 LEU A N   1 
ATOM   922  C CA  . LEU A 1 114 ? 9.107   8.742   5.333   1.00 27.82 ? 227 LEU A CA  1 
ATOM   923  C C   . LEU A 1 114 ? 9.101   10.090  5.947   1.00 29.42 ? 227 LEU A C   1 
ATOM   924  O O   . LEU A 1 114 ? 9.559   11.070  5.377   1.00 32.22 ? 227 LEU A O   1 
ATOM   925  C CB  . LEU A 1 114 ? 10.500  8.329   5.140   1.00 28.24 ? 227 LEU A CB  1 
ATOM   926  C CG  . LEU A 1 114 ? 10.697  7.054   4.332   1.00 28.22 ? 227 LEU A CG  1 
ATOM   927  C CD1 . LEU A 1 114 ? 12.190  6.744   4.423   1.00 24.45 ? 227 LEU A CD1 1 
ATOM   928  C CD2 . LEU A 1 114 ? 9.947   5.809   4.852   1.00 32.99 ? 227 LEU A CD2 1 
ATOM   929  N N   . LEU A 1 115 ? 8.478   10.179  7.091   1.00 29.77 ? 228 LEU A N   1 
ATOM   930  C CA  . LEU A 1 115 ? 8.230   11.415  7.711   1.00 30.12 ? 228 LEU A CA  1 
ATOM   931  C C   . LEU A 1 115 ? 8.954   11.502  9.016   1.00 30.89 ? 228 LEU A C   1 
ATOM   932  O O   . LEU A 1 115 ? 9.267   10.496  9.590   1.00 30.63 ? 228 LEU A O   1 
ATOM   933  C CB  . LEU A 1 115 ? 6.743   11.565  8.028   1.00 29.95 ? 228 LEU A CB  1 
ATOM   934  C CG  . LEU A 1 115 ? 5.735   11.620  6.850   1.00 32.40 ? 228 LEU A CG  1 
ATOM   935  C CD1 . LEU A 1 115 ? 4.398   11.798  7.423   1.00 31.39 ? 228 LEU A CD1 1 
ATOM   936  C CD2 . LEU A 1 115 ? 5.911   12.702  5.819   1.00 29.84 ? 228 LEU A CD2 1 
ATOM   937  N N   . SER A 1 116 ? 9.153   12.729  9.494   1.00 30.73 ? 229 SER A N   1 
ATOM   938  C CA  . SER A 1 116 ? 9.820   12.976  10.733  1.00 32.89 ? 229 SER A CA  1 
ATOM   939  C C   . SER A 1 116 ? 8.696   12.987  11.887  1.00 34.00 ? 229 SER A C   1 
ATOM   940  O O   . SER A 1 116 ? 7.578   12.718  11.591  1.00 35.90 ? 229 SER A O   1 
ATOM   941  C CB  . SER A 1 116 ? 10.482  14.357  10.683  1.00 31.21 ? 229 SER A CB  1 
ATOM   942  O OG  . SER A 1 116 ? 9.467   15.372  10.853  1.00 27.84 ? 229 SER A OG  1 
ATOM   943  N N   . GLU A 1 117 ? 9.086   13.304  13.125  1.00 35.72 ? 230 GLU A N   1 
ATOM   944  C CA  . GLU A 1 117 ? 8.250   13.399  14.337  1.00 38.14 ? 230 GLU A CA  1 
ATOM   945  C C   . GLU A 1 117 ? 7.166   14.421  14.028  1.00 37.65 ? 230 GLU A C   1 
ATOM   946  O O   . GLU A 1 117 ? 6.013   14.297  14.571  1.00 34.60 ? 230 GLU A O   1 
ATOM   947  C CB  . GLU A 1 117 ? 9.039   13.825  15.700  1.00 38.90 ? 230 GLU A CB  1 
ATOM   948  C CG  . GLU A 1 117 ? 10.564  14.462  15.638  1.00 52.04 ? 230 GLU A CG  1 
ATOM   949  C CD  . GLU A 1 117 ? 11.265  15.282  16.963  1.00 60.73 ? 230 GLU A CD  1 
ATOM   950  O OE1 . GLU A 1 117 ? 10.784  15.227  18.177  1.00 66.89 ? 230 GLU A OE1 1 
ATOM   951  O OE2 . GLU A 1 117 ? 12.352  16.026  16.795  1.00 59.00 ? 230 GLU A OE2 1 
ATOM   952  N N   . ASN A 1 118 ? 7.519   15.428  13.171  1.00 35.42 ? 231 ASN A N   1 
ATOM   953  C CA  . ASN A 1 118 ? 6.614   16.593  12.926  1.00 35.33 ? 231 ASN A CA  1 
ATOM   954  C C   . ASN A 1 118 ? 6.125   16.713  11.477  1.00 34.42 ? 231 ASN A C   1 
ATOM   955  O O   . ASN A 1 118 ? 5.882   17.801  11.016  1.00 30.79 ? 231 ASN A O   1 
ATOM   956  C CB  . ASN A 1 118 ? 7.200   17.946  13.484  1.00 33.97 ? 231 ASN A CB  1 
ATOM   957  C CG  . ASN A 1 118 ? 7.579   17.849  15.042  1.00 42.49 ? 231 ASN A CG  1 
ATOM   958  O OD1 . ASN A 1 118 ? 8.748   17.965  15.431  1.00 47.89 ? 231 ASN A OD1 1 
ATOM   959  N ND2 . ASN A 1 118 ? 6.548   17.596  15.916  1.00 46.80 ? 231 ASN A ND2 1 
ATOM   960  N N   . GLU A 1 119 ? 6.057   15.585  10.764  1.00 35.98 ? 232 GLU A N   1 
ATOM   961  C CA  . GLU A 1 119 ? 5.345   15.492  9.505   1.00 37.18 ? 232 GLU A CA  1 
ATOM   962  C C   . GLU A 1 119 ? 6.229   16.129  8.382   1.00 35.95 ? 232 GLU A C   1 
ATOM   963  O O   . GLU A 1 119 ? 5.712   16.466  7.312   1.00 35.30 ? 232 GLU A O   1 
ATOM   964  C CB  . GLU A 1 119 ? 4.006   16.225  9.680   1.00 37.35 ? 232 GLU A CB  1 
ATOM   965  C CG  . GLU A 1 119 ? 2.843   15.463  10.316  1.00 47.76 ? 232 GLU A CG  1 
ATOM   966  C CD  . GLU A 1 119 ? 1.557   16.370  10.375  1.00 56.42 ? 232 GLU A CD  1 
ATOM   967  O OE1 . GLU A 1 119 ? 0.929   16.704  9.359   1.00 57.82 ? 232 GLU A OE1 1 
ATOM   968  O OE2 . GLU A 1 119 ? 1.232   16.867  11.443  1.00 65.83 ? 232 GLU A OE2 1 
ATOM   969  N N   . ASP A 1 120 ? 7.518   16.362  8.654   1.00 33.69 ? 233 ASP A N   1 
ATOM   970  C CA  . ASP A 1 120 ? 8.427   16.834  7.587   1.00 34.81 ? 233 ASP A CA  1 
ATOM   971  C C   . ASP A 1 120 ? 8.687   15.660  6.670   1.00 32.67 ? 233 ASP A C   1 
ATOM   972  O O   . ASP A 1 120 ? 8.936   14.591  7.166   1.00 31.78 ? 233 ASP A O   1 
ATOM   973  C CB  . ASP A 1 120 ? 9.807   17.314  8.171   1.00 35.19 ? 233 ASP A CB  1 
ATOM   974  C CG  . ASP A 1 120 ? 9.590   18.358  9.315   1.00 37.65 ? 233 ASP A CG  1 
ATOM   975  O OD1 . ASP A 1 120 ? 9.025   19.392  8.903   1.00 39.14 ? 233 ASP A OD1 1 
ATOM   976  O OD2 . ASP A 1 120 ? 9.766   18.133  10.580  1.00 29.71 ? 233 ASP A OD2 1 
ATOM   977  N N   . VAL A 1 121 ? 8.576   15.850  5.385   1.00 30.79 ? 234 VAL A N   1 
ATOM   978  C CA  . VAL A 1 121 ? 8.843   14.777  4.386   1.00 30.52 ? 234 VAL A CA  1 
ATOM   979  C C   . VAL A 1 121 ? 10.341  14.579  4.165   1.00 30.72 ? 234 VAL A C   1 
ATOM   980  O O   . VAL A 1 121 ? 11.055  15.514  3.637   1.00 31.61 ? 234 VAL A O   1 
ATOM   981  C CB  . VAL A 1 121 ? 8.147   15.120  3.101   1.00 30.42 ? 234 VAL A CB  1 
ATOM   982  C CG1 . VAL A 1 121 ? 8.168   13.952  2.149   1.00 30.70 ? 234 VAL A CG1 1 
ATOM   983  C CG2 . VAL A 1 121 ? 6.621   15.620  3.407   1.00 27.65 ? 234 VAL A CG2 1 
ATOM   984  N N   . LEU A 1 122 ? 10.849  13.425  4.636   1.00 30.37 ? 235 LEU A N   1 
ATOM   985  C CA  . LEU A 1 122 ? 12.299  13.122  4.478   1.00 29.83 ? 235 LEU A CA  1 
ATOM   986  C C   . LEU A 1 122 ? 12.588  12.371  3.188   1.00 30.59 ? 235 LEU A C   1 
ATOM   987  O O   . LEU A 1 122 ? 13.700  12.441  2.643   1.00 31.99 ? 235 LEU A O   1 
ATOM   988  C CB  . LEU A 1 122 ? 12.864  12.413  5.718   1.00 26.81 ? 235 LEU A CB  1 
ATOM   989  C CG  . LEU A 1 122 ? 12.460  13.189  7.013   1.00 28.33 ? 235 LEU A CG  1 
ATOM   990  C CD1 . LEU A 1 122 ? 12.997  12.652  8.298   1.00 27.67 ? 235 LEU A CD1 1 
ATOM   991  C CD2 . LEU A 1 122 ? 13.195  14.625  6.906   1.00 35.96 ? 235 LEU A CD2 1 
ATOM   992  N N   . ALA A 1 123 ? 11.642  11.505  2.784   1.00 31.03 ? 236 ALA A N   1 
ATOM   993  C CA  . ALA A 1 123 ? 11.910  10.637  1.637   1.00 29.94 ? 236 ALA A CA  1 
ATOM   994  C C   . ALA A 1 123 ? 10.540  10.428  0.952   1.00 30.41 ? 236 ALA A C   1 
ATOM   995  O O   . ALA A 1 123 ? 9.491   10.469  1.556   1.00 30.72 ? 236 ALA A O   1 
ATOM   996  C CB  . ALA A 1 123 ? 12.555  9.337   2.081   1.00 28.08 ? 236 ALA A CB  1 
ATOM   997  N N   . GLU A 1 124 ? 10.572  10.121  -0.303  1.00 31.22 ? 237 GLU A N   1 
ATOM   998  C CA  . GLU A 1 124 ? 9.322   9.838   -1.004  1.00 31.08 ? 237 GLU A CA  1 
ATOM   999  C C   . GLU A 1 124 ? 9.514   8.904   -2.186  1.00 31.07 ? 237 GLU A C   1 
ATOM   1000 O O   . GLU A 1 124 ? 10.394  9.128   -2.960  1.00 29.21 ? 237 GLU A O   1 
ATOM   1001 C CB  . GLU A 1 124 ? 8.731   11.120  -1.530  1.00 29.53 ? 237 GLU A CB  1 
ATOM   1002 C CG  . GLU A 1 124 ? 7.342   11.040  -2.195  1.00 27.60 ? 237 GLU A CG  1 
ATOM   1003 C CD  . GLU A 1 124 ? 6.851   12.352  -2.826  1.00 28.16 ? 237 GLU A CD  1 
ATOM   1004 O OE1 . GLU A 1 124 ? 6.037   13.020  -2.151  1.00 34.41 ? 237 GLU A OE1 1 
ATOM   1005 O OE2 . GLU A 1 124 ? 7.279   12.748  -3.945  1.00 28.43 ? 237 GLU A OE2 1 
ATOM   1006 N N   . PHE A 1 125 ? 8.624   7.920   -2.282  1.00 30.93 ? 238 PHE A N   1 
ATOM   1007 C CA  . PHE A 1 125 ? 8.440   7.141   -3.475  1.00 32.45 ? 238 PHE A CA  1 
ATOM   1008 C C   . PHE A 1 125 ? 7.064   7.350   -4.105  1.00 32.26 ? 238 PHE A C   1 
ATOM   1009 O O   . PHE A 1 125 ? 6.115   7.118   -3.495  1.00 32.54 ? 238 PHE A O   1 
ATOM   1010 C CB  . PHE A 1 125 ? 8.606   5.687   -3.157  1.00 32.97 ? 238 PHE A CB  1 
ATOM   1011 C CG  . PHE A 1 125 ? 8.500   4.803   -4.361  1.00 36.47 ? 238 PHE A CG  1 
ATOM   1012 C CD1 . PHE A 1 125 ? 9.519   4.780   -5.348  1.00 39.87 ? 238 PHE A CD1 1 
ATOM   1013 C CD2 . PHE A 1 125 ? 7.390   3.954   -4.551  1.00 35.46 ? 238 PHE A CD2 1 
ATOM   1014 C CE1 . PHE A 1 125 ? 9.351   3.966   -6.542  1.00 37.10 ? 238 PHE A CE1 1 
ATOM   1015 C CE2 . PHE A 1 125 ? 7.291   3.189   -5.694  1.00 33.89 ? 238 PHE A CE2 1 
ATOM   1016 C CZ  . PHE A 1 125 ? 8.296   3.190   -6.659  1.00 27.91 ? 238 PHE A CZ  1 
ATOM   1017 N N   . ALA A 1 126 ? 6.982   7.816   -5.345  1.00 33.20 ? 239 ALA A N   1 
ATOM   1018 C CA  . ALA A 1 126 ? 5.719   8.135   -6.096  1.00 32.46 ? 239 ALA A CA  1 
ATOM   1019 C C   . ALA A 1 126 ? 5.759   7.443   -7.461  1.00 33.52 ? 239 ALA A C   1 
ATOM   1020 O O   . ALA A 1 126 ? 6.753   7.551   -8.155  1.00 33.11 ? 239 ALA A O   1 
ATOM   1021 C CB  . ALA A 1 126 ? 5.570   9.667   -6.313  1.00 30.16 ? 239 ALA A CB  1 
ATOM   1022 N N   . THR A 1 127 ? 4.680   6.725   -7.833  1.00 34.64 ? 240 THR A N   1 
ATOM   1023 C CA  . THR A 1 127 ? 4.522   6.114   -9.151  1.00 32.50 ? 240 THR A CA  1 
ATOM   1024 C C   . THR A 1 127 ? 3.927   7.091   -10.201 1.00 30.97 ? 240 THR A C   1 
ATOM   1025 O O   . THR A 1 127 ? 4.138   6.832   -11.322 1.00 30.82 ? 240 THR A O   1 
ATOM   1026 C CB  . THR A 1 127 ? 3.543   4.921   -9.125  1.00 32.89 ? 240 THR A CB  1 
ATOM   1027 O OG1 . THR A 1 127 ? 2.293   5.323   -8.519  1.00 28.91 ? 240 THR A OG1 1 
ATOM   1028 C CG2 . THR A 1 127 ? 4.018   3.818   -8.350  1.00 33.01 ? 240 THR A CG2 1 
ATOM   1029 N N   . GLY A 1 128 ? 3.218   8.148   -9.815  1.00 29.90 ? 241 GLY A N   1 
ATOM   1030 C CA  . GLY A 1 128 ? 2.378   8.946   -10.699 1.00 28.94 ? 241 GLY A CA  1 
ATOM   1031 C C   . GLY A 1 128 ? 1.178   8.089   -11.149 1.00 31.23 ? 241 GLY A C   1 
ATOM   1032 O O   . GLY A 1 128 ? 0.992   6.992   -10.621 1.00 30.17 ? 241 GLY A O   1 
ATOM   1033 N N   . GLN A 1 129 ? 0.384   8.566   -12.123 1.00 32.69 ? 242 GLN A N   1 
ATOM   1034 C CA  . GLN A 1 129 ? -0.868  7.948   -12.575 1.00 36.13 ? 242 GLN A CA  1 
ATOM   1035 C C   . GLN A 1 129 ? -0.362  6.774   -13.358 1.00 37.08 ? 242 GLN A C   1 
ATOM   1036 O O   . GLN A 1 129 ? 0.345   6.935   -14.322 1.00 35.14 ? 242 GLN A O   1 
ATOM   1037 C CB  . GLN A 1 129 ? -1.721  8.835   -13.552 1.00 35.99 ? 242 GLN A CB  1 
ATOM   1038 C CG  . GLN A 1 129 ? -3.132  9.683   -12.967 1.00 47.48 ? 242 GLN A CG  1 
ATOM   1039 C CD  . GLN A 1 129 ? -2.976  11.165  -12.082 1.00 56.55 ? 242 GLN A CD  1 
ATOM   1040 O OE1 . GLN A 1 129 ? -3.163  12.255  -12.662 1.00 50.43 ? 242 GLN A OE1 1 
ATOM   1041 N NE2 . GLN A 1 129 ? -2.728  11.099  -10.677 1.00 62.33 ? 242 GLN A NE2 1 
ATOM   1042 N N   . VAL A 1 130 ? -0.745  5.567   -12.966 1.00 39.10 ? 243 VAL A N   1 
ATOM   1043 C CA  . VAL A 1 130 ? -0.396  4.405   -13.774 1.00 38.84 ? 243 VAL A CA  1 
ATOM   1044 C C   . VAL A 1 130 ? -1.571  3.677   -14.463 1.00 37.99 ? 243 VAL A C   1 
ATOM   1045 O O   . VAL A 1 130 ? -2.682  3.527   -13.924 1.00 36.86 ? 243 VAL A O   1 
ATOM   1046 C CB  . VAL A 1 130 ? 0.734   3.459   -13.153 1.00 40.79 ? 243 VAL A CB  1 
ATOM   1047 C CG1 . VAL A 1 130 ? 1.274   3.933   -11.857 1.00 41.16 ? 243 VAL A CG1 1 
ATOM   1048 C CG2 . VAL A 1 130 ? 0.405   2.021   -13.144 1.00 38.21 ? 243 VAL A CG2 1 
ATOM   1049 N N   . ALA A 1 131 ? -1.285  3.322   -15.732 1.00 35.87 ? 244 ALA A N   1 
ATOM   1050 C CA  . ALA A 1 131 ? -2.214  2.551   -16.550 1.00 34.35 ? 244 ALA A CA  1 
ATOM   1051 C C   . ALA A 1 131 ? -2.174  1.117   -16.061 1.00 33.56 ? 244 ALA A C   1 
ATOM   1052 O O   . ALA A 1 131 ? -1.168  0.536   -15.946 1.00 36.04 ? 244 ALA A O   1 
ATOM   1053 C CB  . ALA A 1 131 ? -1.855  2.667   -18.038 1.00 33.76 ? 244 ALA A CB  1 
ATOM   1054 N N   . VAL A 1 132 ? -3.277  0.566   -15.668 1.00 33.59 ? 245 VAL A N   1 
ATOM   1055 C CA  . VAL A 1 132 ? -3.306  -0.776  -15.100 1.00 33.88 ? 245 VAL A CA  1 
ATOM   1056 C C   . VAL A 1 132 ? -3.416  -1.722  -16.337 1.00 35.11 ? 245 VAL A C   1 
ATOM   1057 O O   . VAL A 1 132 ? -4.160  -1.407  -17.330 1.00 33.60 ? 245 VAL A O   1 
ATOM   1058 C CB  . VAL A 1 132 ? -4.623  -0.920  -14.258 1.00 32.51 ? 245 VAL A CB  1 
ATOM   1059 C CG1 . VAL A 1 132 ? -4.795  -2.268  -13.805 1.00 32.30 ? 245 VAL A CG1 1 
ATOM   1060 C CG2 . VAL A 1 132 ? -4.676  0.010   -13.155 1.00 30.58 ? 245 VAL A CG2 1 
ATOM   1061 N N   . PRO A 1 133 ? -2.770  -2.880  -16.310 1.00 38.17 ? 246 PRO A N   1 
ATOM   1062 C CA  . PRO A 1 133 ? -2.820  -3.758  -17.518 1.00 39.44 ? 246 PRO A CA  1 
ATOM   1063 C C   . PRO A 1 133 ? -4.225  -4.170  -17.825 1.00 40.22 ? 246 PRO A C   1 
ATOM   1064 O O   . PRO A 1 133 ? -4.947  -4.660  -16.947 1.00 39.84 ? 246 PRO A O   1 
ATOM   1065 C CB  . PRO A 1 133 ? -1.945  -4.942  -17.111 1.00 38.02 ? 246 PRO A CB  1 
ATOM   1066 C CG  . PRO A 1 133 ? -0.897  -4.249  -16.173 1.00 37.78 ? 246 PRO A CG  1 
ATOM   1067 C CD  . PRO A 1 133 ? -1.908  -3.489  -15.252 1.00 38.15 ? 246 PRO A CD  1 
ATOM   1068 N N   . GLU A 1 134 ? -4.584  -3.906  -19.058 1.00 41.57 ? 247 GLU A N   1 
ATOM   1069 C CA  . GLU A 1 134 ? -5.902  -4.210  -19.608 1.00 44.98 ? 247 GLU A CA  1 
ATOM   1070 C C   . GLU A 1 134 ? -6.375  -5.706  -19.561 1.00 43.85 ? 247 GLU A C   1 
ATOM   1071 O O   . GLU A 1 134 ? -7.571  -6.009  -19.558 1.00 40.67 ? 247 GLU A O   1 
ATOM   1072 C CB  . GLU A 1 134 ? -5.957  -3.751  -21.079 1.00 45.59 ? 247 GLU A CB  1 
ATOM   1073 C CG  . GLU A 1 134 ? -6.894  -2.541  -21.233 1.00 54.68 ? 247 GLU A CG  1 
ATOM   1074 C CD  . GLU A 1 134 ? -6.557  -1.453  -22.290 1.00 57.49 ? 247 GLU A CD  1 
ATOM   1075 O OE1 . GLU A 1 134 ? -6.075  -1.673  -23.433 1.00 61.31 ? 247 GLU A OE1 1 
ATOM   1076 O OE2 . GLU A 1 134 ? -6.874  -0.317  -21.936 1.00 64.89 ? 247 GLU A OE2 1 
ATOM   1077 N N   . ASP A 1 135 ? -5.395  -6.578  -19.630 1.00 43.37 ? 248 ASP A N   1 
ATOM   1078 C CA  . ASP A 1 135 ? -5.603  -8.009  -19.636 1.00 44.78 ? 248 ASP A CA  1 
ATOM   1079 C C   . ASP A 1 135 ? -5.907  -8.512  -18.242 1.00 43.81 ? 248 ASP A C   1 
ATOM   1080 O O   . ASP A 1 135 ? -6.094  -9.693  -18.037 1.00 45.39 ? 248 ASP A O   1 
ATOM   1081 C CB  . ASP A 1 135 ? -4.422  -8.845  -20.282 1.00 44.37 ? 248 ASP A CB  1 
ATOM   1082 C CG  . ASP A 1 135 ? -3.097  -8.842  -19.488 1.00 46.01 ? 248 ASP A CG  1 
ATOM   1083 O OD1 . ASP A 1 135 ? -2.939  -8.353  -18.367 1.00 36.72 ? 248 ASP A OD1 1 
ATOM   1084 O OD2 . ASP A 1 135 ? -2.099  -9.358  -19.975 1.00 50.29 ? 248 ASP A OD2 1 
ATOM   1085 N N   . GLY A 1 136 ? -5.983  -7.636  -17.271 1.00 42.34 ? 249 GLY A N   1 
ATOM   1086 C CA  . GLY A 1 136 ? -6.430  -8.098  -15.948 1.00 41.23 ? 249 GLY A CA  1 
ATOM   1087 C C   . GLY A 1 136 ? -5.333  -8.733  -15.030 1.00 39.45 ? 249 GLY A C   1 
ATOM   1088 O O   . GLY A 1 136 ? -5.595  -9.018  -13.846 1.00 39.60 ? 249 GLY A O   1 
ATOM   1089 N N   . SER A 1 137 ? -4.111  -8.858  -15.501 1.00 36.53 ? 250 SER A N   1 
ATOM   1090 C CA  . SER A 1 137 ? -3.027  -9.404  -14.644 1.00 37.24 ? 250 SER A CA  1 
ATOM   1091 C C   . SER A 1 137 ? -2.626  -8.459  -13.475 1.00 37.45 ? 250 SER A C   1 
ATOM   1092 O O   . SER A 1 137 ? -2.638  -7.168  -13.573 1.00 36.03 ? 250 SER A O   1 
ATOM   1093 C CB  . SER A 1 137 ? -1.744  -9.856  -15.468 1.00 36.69 ? 250 SER A CB  1 
ATOM   1094 O OG  . SER A 1 137 ? -1.309  -8.787  -16.230 1.00 34.07 ? 250 SER A OG  1 
ATOM   1095 N N   . TRP A 1 138 ? -2.263  -9.139  -12.412 1.00 36.14 ? 251 TRP A N   1 
ATOM   1096 C CA  . TRP A 1 138 ? -1.790  -8.548  -11.186 1.00 36.25 ? 251 TRP A CA  1 
ATOM   1097 C C   . TRP A 1 138 ? -0.379  -8.031  -11.271 1.00 36.07 ? 251 TRP A C   1 
ATOM   1098 O O   . TRP A 1 138 ? 0.456   -8.664  -11.809 1.00 37.92 ? 251 TRP A O   1 
ATOM   1099 C CB  . TRP A 1 138 ? -1.939  -9.572  -10.087 1.00 35.17 ? 251 TRP A CB  1 
ATOM   1100 C CG  . TRP A 1 138 ? -3.347  -9.771  -9.618  1.00 33.03 ? 251 TRP A CG  1 
ATOM   1101 C CD1 . TRP A 1 138 ? -4.140  -10.785 -9.976  1.00 33.19 ? 251 TRP A CD1 1 
ATOM   1102 C CD2 . TRP A 1 138 ? -4.112  -8.987  -8.652  1.00 32.44 ? 251 TRP A CD2 1 
ATOM   1103 N NE1 . TRP A 1 138 ? -5.348  -10.702 -9.316  1.00 34.96 ? 251 TRP A NE1 1 
ATOM   1104 C CE2 . TRP A 1 138 ? -5.328  -9.625  -8.462  1.00 35.73 ? 251 TRP A CE2 1 
ATOM   1105 C CE3 . TRP A 1 138 ? -3.886  -7.834  -7.947  1.00 36.57 ? 251 TRP A CE3 1 
ATOM   1106 C CZ2 . TRP A 1 138 ? -6.315  -9.119  -7.652  1.00 35.48 ? 251 TRP A CZ2 1 
ATOM   1107 C CZ3 . TRP A 1 138 ? -4.865  -7.343  -7.073  1.00 35.81 ? 251 TRP A CZ3 1 
ATOM   1108 C CH2 . TRP A 1 138 ? -6.057  -7.977  -6.940  1.00 39.80 ? 251 TRP A CH2 1 
ATOM   1109 N N   . MET A 1 139 ? -0.154  -6.812  -10.797 1.00 37.55 ? 252 MET A N   1 
ATOM   1110 C CA  . MET A 1 139 ? 1.127   -6.136  -10.842 1.00 36.29 ? 252 MET A CA  1 
ATOM   1111 C C   . MET A 1 139 ? 1.621   -5.783  -9.424  1.00 36.61 ? 252 MET A C   1 
ATOM   1112 O O   . MET A 1 139 ? 0.803   -5.433  -8.556  1.00 36.79 ? 252 MET A O   1 
ATOM   1113 C CB  . MET A 1 139 ? 0.975   -4.897  -11.607 1.00 36.87 ? 252 MET A CB  1 
ATOM   1114 C CG  . MET A 1 139 ? 0.623   -5.031  -13.072 1.00 41.31 ? 252 MET A CG  1 
ATOM   1115 S SD  . MET A 1 139 ? 1.956   -5.745  -14.083 1.00 42.81 ? 252 MET A SD  1 
ATOM   1116 C CE  . MET A 1 139 ? 3.326   -4.517  -14.397 1.00 46.36 ? 252 MET A CE  1 
ATOM   1117 N N   . GLU A 1 140 ? 2.915   -5.954  -9.197  1.00 36.29 ? 253 GLU A N   1 
ATOM   1118 C CA  . GLU A 1 140 ? 3.610   -5.668  -7.939  1.00 38.02 ? 253 GLU A CA  1 
ATOM   1119 C C   . GLU A 1 140 ? 4.356   -4.369  -8.094  1.00 37.00 ? 253 GLU A C   1 
ATOM   1120 O O   . GLU A 1 140 ? 5.230   -4.180  -8.938  1.00 37.25 ? 253 GLU A O   1 
ATOM   1121 C CB  . GLU A 1 140 ? 4.679   -6.735  -7.511  1.00 39.44 ? 253 GLU A CB  1 
ATOM   1122 C CG  . GLU A 1 140 ? 5.041   -6.682  -5.982  1.00 42.64 ? 253 GLU A CG  1 
ATOM   1123 C CD  . GLU A 1 140 ? 6.122   -7.659  -5.526  1.00 46.07 ? 253 GLU A CD  1 
ATOM   1124 O OE1 . GLU A 1 140 ? 6.922   -8.062  -6.398  1.00 45.69 ? 253 GLU A OE1 1 
ATOM   1125 O OE2 . GLU A 1 140 ? 6.177   -8.034  -4.290  1.00 52.17 ? 253 GLU A OE2 1 
ATOM   1126 N N   . ILE A 1 141 ? 3.998   -3.449  -7.247  1.00 35.08 ? 254 ILE A N   1 
ATOM   1127 C CA  . ILE A 1 141 ? 4.899   -2.387  -6.985  1.00 35.70 ? 254 ILE A CA  1 
ATOM   1128 C C   . ILE A 1 141 ? 5.784   -2.756  -5.757  1.00 34.55 ? 254 ILE A C   1 
ATOM   1129 O O   . ILE A 1 141 ? 5.272   -3.227  -4.713  1.00 33.89 ? 254 ILE A O   1 
ATOM   1130 C CB  . ILE A 1 141 ? 4.138   -1.080  -6.640  1.00 35.48 ? 254 ILE A CB  1 
ATOM   1131 C CG1 . ILE A 1 141 ? 3.259   -0.624  -7.790  1.00 39.98 ? 254 ILE A CG1 1 
ATOM   1132 C CG2 . ILE A 1 141 ? 5.095   0.031   -6.331  1.00 38.03 ? 254 ILE A CG2 1 
ATOM   1133 C CD1 . ILE A 1 141 ? 4.038   -0.082  -9.043  1.00 43.05 ? 254 ILE A CD1 1 
ATOM   1134 N N   . SER A 1 142 ? 7.052   -2.419  -5.865  1.00 34.63 ? 255 SER A N   1 
ATOM   1135 C CA  . SER A 1 142 ? 8.114   -2.575  -4.815  1.00 36.25 ? 255 SER A CA  1 
ATOM   1136 C C   . SER A 1 142 ? 9.092   -1.413  -4.792  1.00 34.22 ? 255 SER A C   1 
ATOM   1137 O O   . SER A 1 142 ? 9.600   -0.971  -5.851  1.00 33.08 ? 255 SER A O   1 
ATOM   1138 C CB  . SER A 1 142 ? 9.003   -3.860  -5.075  1.00 37.61 ? 255 SER A CB  1 
ATOM   1139 O OG  . SER A 1 142 ? 9.171   -4.401  -3.765  1.00 43.54 ? 255 SER A OG  1 
ATOM   1140 N N   . HIS A 1 143 ? 9.372   -0.933  -3.591  1.00 33.43 ? 256 HIS A N   1 
ATOM   1141 C CA  . HIS A 1 143 ? 10.448  0.043   -3.362  1.00 32.64 ? 256 HIS A CA  1 
ATOM   1142 C C   . HIS A 1 143 ? 11.093  -0.192  -1.995  1.00 32.56 ? 256 HIS A C   1 
ATOM   1143 O O   . HIS A 1 143 ? 10.423  -0.525  -1.014  1.00 31.11 ? 256 HIS A O   1 
ATOM   1144 C CB  . HIS A 1 143 ? 9.956   1.490   -3.405  1.00 32.13 ? 256 HIS A CB  1 
ATOM   1145 C CG  . HIS A 1 143 ? 11.052  2.518   -3.323  1.00 31.11 ? 256 HIS A CG  1 
ATOM   1146 N ND1 . HIS A 1 143 ? 11.926  2.773   -4.377  1.00 35.14 ? 256 HIS A ND1 1 
ATOM   1147 C CD2 . HIS A 1 143 ? 11.337  3.438   -2.370  1.00 25.53 ? 256 HIS A CD2 1 
ATOM   1148 C CE1 . HIS A 1 143 ? 12.755  3.747   -4.034  1.00 29.41 ? 256 HIS A CE1 1 
ATOM   1149 N NE2 . HIS A 1 143 ? 12.388  4.196   -2.841  1.00 28.44 ? 256 HIS A NE2 1 
ATOM   1150 N N   . THR A 1 144 ? 12.383  0.018   -1.997  1.00 32.48 ? 257 THR A N   1 
ATOM   1151 C CA  . THR A 1 144 ? 13.211  -0.019  -0.816  1.00 34.06 ? 257 THR A CA  1 
ATOM   1152 C C   . THR A 1 144 ? 13.840  1.317   -0.589  1.00 32.24 ? 257 THR A C   1 
ATOM   1153 O O   . THR A 1 144 ? 14.539  1.819   -1.493  1.00 36.12 ? 257 THR A O   1 
ATOM   1154 C CB  . THR A 1 144 ? 14.294  -1.170  -0.989  1.00 34.70 ? 257 THR A CB  1 
ATOM   1155 O OG1 . THR A 1 144 ? 13.534  -2.388  -1.207  1.00 33.50 ? 257 THR A OG1 1 
ATOM   1156 C CG2 . THR A 1 144 ? 15.131  -1.400  0.363   1.00 31.97 ? 257 THR A CG2 1 
ATOM   1157 N N   . PHE A 1 145 ? 13.599  1.886   0.577   1.00 30.24 ? 258 PHE A N   1 
ATOM   1158 C CA  . PHE A 1 145 ? 14.172  3.167   0.982   1.00 31.08 ? 258 PHE A CA  1 
ATOM   1159 C C   . PHE A 1 145 ? 15.421  2.853   1.875   1.00 33.44 ? 258 PHE A C   1 
ATOM   1160 O O   . PHE A 1 145 ? 15.336  2.119   2.915   1.00 32.37 ? 258 PHE A O   1 
ATOM   1161 C CB  . PHE A 1 145 ? 13.262  3.915   1.932   1.00 30.38 ? 258 PHE A CB  1 
ATOM   1162 C CG  . PHE A 1 145 ? 12.054  4.446   1.313   1.00 30.75 ? 258 PHE A CG  1 
ATOM   1163 C CD1 . PHE A 1 145 ? 12.059  5.631   0.671   1.00 27.61 ? 258 PHE A CD1 1 
ATOM   1164 C CD2 . PHE A 1 145 ? 10.857  3.746   1.409   1.00 34.44 ? 258 PHE A CD2 1 
ATOM   1165 C CE1 . PHE A 1 145 ? 10.920  6.154   0.235   1.00 35.81 ? 258 PHE A CE1 1 
ATOM   1166 C CE2 . PHE A 1 145 ? 9.696   4.274   0.939   1.00 29.98 ? 258 PHE A CE2 1 
ATOM   1167 C CZ  . PHE A 1 145 ? 9.710   5.433   0.319   1.00 29.31 ? 258 PHE A CZ  1 
ATOM   1168 N N   . ILE A 1 146 ? 16.559  3.342   1.445   1.00 34.50 ? 259 ILE A N   1 
ATOM   1169 C CA  . ILE A 1 146 ? 17.762  3.190   2.253   1.00 36.24 ? 259 ILE A CA  1 
ATOM   1170 C C   . ILE A 1 146 ? 18.450  4.506   2.239   1.00 37.07 ? 259 ILE A C   1 
ATOM   1171 O O   . ILE A 1 146 ? 18.059  5.387   1.529   1.00 37.63 ? 259 ILE A O   1 
ATOM   1172 C CB  . ILE A 1 146 ? 18.716  2.070   1.768   1.00 35.47 ? 259 ILE A CB  1 
ATOM   1173 C CG1 . ILE A 1 146 ? 18.935  2.092   0.244   1.00 40.64 ? 259 ILE A CG1 1 
ATOM   1174 C CG2 . ILE A 1 146 ? 18.356  0.603   2.312   1.00 35.43 ? 259 ILE A CG2 1 
ATOM   1175 C CD1 . ILE A 1 146 ? 20.355  1.225   -0.159  1.00 40.94 ? 259 ILE A CD1 1 
ATOM   1176 N N   . ASP A 1 147 ? 19.530  4.631   3.014   1.00 39.81 ? 260 ASP A N   1 
ATOM   1177 C CA  . ASP A 1 147 ? 20.284  5.885   3.006   1.00 40.79 ? 260 ASP A CA  1 
ATOM   1178 C C   . ASP A 1 147 ? 19.364  7.134   3.006   1.00 39.17 ? 260 ASP A C   1 
ATOM   1179 O O   . ASP A 1 147 ? 19.632  8.081   2.280   1.00 42.03 ? 260 ASP A O   1 
ATOM   1180 C CB  . ASP A 1 147 ? 21.268  5.969   1.808   1.00 40.87 ? 260 ASP A CB  1 
ATOM   1181 C CG  . ASP A 1 147 ? 22.175  4.764   1.720   1.00 47.83 ? 260 ASP A CG  1 
ATOM   1182 O OD1 . ASP A 1 147 ? 22.570  4.179   2.779   1.00 52.12 ? 260 ASP A OD1 1 
ATOM   1183 O OD2 . ASP A 1 147 ? 22.524  4.305   0.607   1.00 52.88 ? 260 ASP A OD2 1 
ATOM   1184 N N   . TYR A 1 148 ? 18.358  7.159   3.870   1.00 36.60 ? 261 TYR A N   1 
ATOM   1185 C CA  . TYR A 1 148 ? 17.396  8.273   3.871   1.00 33.71 ? 261 TYR A CA  1 
ATOM   1186 C C   . TYR A 1 148 ? 17.683  9.407   4.894   1.00 33.52 ? 261 TYR A C   1 
ATOM   1187 O O   . TYR A 1 148 ? 16.904  10.398  5.047   1.00 29.07 ? 261 TYR A O   1 
ATOM   1188 C CB  . TYR A 1 148 ? 15.988  7.705   4.059   1.00 33.71 ? 261 TYR A CB  1 
ATOM   1189 C CG  . TYR A 1 148 ? 15.828  6.564   5.045   1.00 32.89 ? 261 TYR A CG  1 
ATOM   1190 C CD1 . TYR A 1 148 ? 15.710  6.839   6.402   1.00 29.76 ? 261 TYR A CD1 1 
ATOM   1191 C CD2 . TYR A 1 148 ? 15.738  5.251   4.637   1.00 33.30 ? 261 TYR A CD2 1 
ATOM   1192 C CE1 . TYR A 1 148 ? 15.598  5.815   7.323   1.00 32.13 ? 261 TYR A CE1 1 
ATOM   1193 C CE2 . TYR A 1 148 ? 15.647  4.192   5.613   1.00 34.99 ? 261 TYR A CE2 1 
ATOM   1194 C CZ  . TYR A 1 148 ? 15.518  4.504   6.948   1.00 34.18 ? 261 TYR A CZ  1 
ATOM   1195 O OH  . TYR A 1 148 ? 15.339  3.541   7.968   1.00 30.43 ? 261 TYR A OH  1 
ATOM   1196 N N   . GLY A 1 149 ? 18.835  9.222   5.597   1.00 31.97 ? 262 GLY A N   1 
ATOM   1197 C CA  . GLY A 1 149 ? 19.201  10.096  6.641   1.00 32.22 ? 262 GLY A CA  1 
ATOM   1198 C C   . GLY A 1 149 ? 18.425  9.935   7.941   1.00 32.85 ? 262 GLY A C   1 
ATOM   1199 O O   . GLY A 1 149 ? 17.535  9.194   8.057   1.00 31.67 ? 262 GLY A O   1 
ATOM   1200 N N   . PRO A 1 150 ? 18.862  10.653  8.962   1.00 35.48 ? 263 PRO A N   1 
ATOM   1201 C CA  . PRO A 1 150 ? 18.180  10.668  10.254  1.00 34.85 ? 263 PRO A CA  1 
ATOM   1202 C C   . PRO A 1 150 ? 16.840  11.406  10.295  1.00 33.37 ? 263 PRO A C   1 
ATOM   1203 O O   . PRO A 1 150 ? 16.577  12.228  9.497   1.00 31.71 ? 263 PRO A O   1 
ATOM   1204 C CB  . PRO A 1 150 ? 19.216  11.435  11.227  1.00 35.37 ? 263 PRO A CB  1 
ATOM   1205 C CG  . PRO A 1 150 ? 20.043  12.279  10.308  1.00 35.66 ? 263 PRO A CG  1 
ATOM   1206 C CD  . PRO A 1 150 ? 20.124  11.469  8.972   1.00 35.36 ? 263 PRO A CD  1 
ATOM   1207 N N   . GLY A 1 151 ? 16.097  11.137  11.358  1.00 32.55 ? 264 GLY A N   1 
ATOM   1208 C CA  . GLY A 1 151 ? 14.848  11.763  11.647  1.00 34.93 ? 264 GLY A CA  1 
ATOM   1209 C C   . GLY A 1 151 ? 13.600  10.941  11.302  1.00 34.15 ? 264 GLY A C   1 
ATOM   1210 O O   . GLY A 1 151 ? 12.543  11.437  11.587  1.00 34.73 ? 264 GLY A O   1 
ATOM   1211 N N   . VAL A 1 152 ? 13.728  9.770   10.669  1.00 32.22 ? 265 VAL A N   1 
ATOM   1212 C CA  . VAL A 1 152 ? 12.505  9.104   10.195  1.00 32.78 ? 265 VAL A CA  1 
ATOM   1213 C C   . VAL A 1 152 ? 11.785  8.521   11.399  1.00 31.64 ? 265 VAL A C   1 
ATOM   1214 O O   . VAL A 1 152 ? 12.334  7.793   12.207  1.00 32.18 ? 265 VAL A O   1 
ATOM   1215 C CB  . VAL A 1 152 ? 12.783  8.044   9.168   1.00 32.20 ? 265 VAL A CB  1 
ATOM   1216 C CG1 . VAL A 1 152 ? 11.484  7.326   8.918   1.00 33.88 ? 265 VAL A CG1 1 
ATOM   1217 C CG2 . VAL A 1 152 ? 13.352  8.742   7.936   1.00 32.91 ? 265 VAL A CG2 1 
ATOM   1218 N N   . ARG A 1 153 ? 10.541  8.860   11.506  1.00 31.27 ? 266 ARG A N   1 
ATOM   1219 C CA  . ARG A 1 153 ? 9.690   8.412   12.622  1.00 31.21 ? 266 ARG A CA  1 
ATOM   1220 C C   . ARG A 1 153 ? 8.352   7.745   12.227  1.00 30.17 ? 266 ARG A C   1 
ATOM   1221 O O   . ARG A 1 153 ? 7.909   6.834   12.885  1.00 33.52 ? 266 ARG A O   1 
ATOM   1222 C CB  . ARG A 1 153 ? 9.460   9.637   13.471  1.00 31.30 ? 266 ARG A CB  1 
ATOM   1223 C CG  . ARG A 1 153 ? 10.729  10.148  14.168  1.00 34.04 ? 266 ARG A CG  1 
ATOM   1224 C CD  . ARG A 1 153 ? 11.317  9.168   15.345  1.00 34.60 ? 266 ARG A CD  1 
ATOM   1225 N NE  . ARG A 1 153 ? 12.500  9.894   15.928  1.00 37.95 ? 266 ARG A NE  1 
ATOM   1226 C CZ  . ARG A 1 153 ? 13.736  9.834   15.439  1.00 36.12 ? 266 ARG A CZ  1 
ATOM   1227 N NH1 . ARG A 1 153 ? 14.047  8.960   14.464  1.00 32.56 ? 266 ARG A NH1 1 
ATOM   1228 N NH2 . ARG A 1 153 ? 14.649  10.618  15.931  1.00 32.60 ? 266 ARG A NH2 1 
ATOM   1229 N N   . PHE A 1 154 ? 7.765   8.166   11.103  1.00 30.38 ? 267 PHE A N   1 
ATOM   1230 C CA  . PHE A 1 154 ? 6.618   7.554   10.504  1.00 28.67 ? 267 PHE A CA  1 
ATOM   1231 C C   . PHE A 1 154 ? 6.840   7.156   9.039   1.00 28.52 ? 267 PHE A C   1 
ATOM   1232 O O   . PHE A 1 154 ? 7.609   7.720   8.338   1.00 25.95 ? 267 PHE A O   1 
ATOM   1233 C CB  . PHE A 1 154 ? 5.449   8.492   10.601  1.00 29.08 ? 267 PHE A CB  1 
ATOM   1234 C CG  . PHE A 1 154 ? 5.120   8.934   12.013  1.00 33.31 ? 267 PHE A CG  1 
ATOM   1235 C CD1 . PHE A 1 154 ? 4.065   8.355   12.712  1.00 29.24 ? 267 PHE A CD1 1 
ATOM   1236 C CD2 . PHE A 1 154 ? 5.876   9.936   12.651  1.00 31.81 ? 267 PHE A CD2 1 
ATOM   1237 C CE1 . PHE A 1 154 ? 3.761   8.756   14.003  1.00 34.46 ? 267 PHE A CE1 1 
ATOM   1238 C CE2 . PHE A 1 154 ? 5.568   10.310  13.982  1.00 35.65 ? 267 PHE A CE2 1 
ATOM   1239 C CZ  . PHE A 1 154 ? 4.522   9.730   14.652  1.00 33.28 ? 267 PHE A CZ  1 
ATOM   1240 N N   . VAL A 1 155 ? 6.080   6.153   8.609   1.00 29.00 ? 268 VAL A N   1 
ATOM   1241 C CA  . VAL A 1 155 ? 5.869   5.895   7.222   1.00 28.69 ? 268 VAL A CA  1 
ATOM   1242 C C   . VAL A 1 155 ? 4.409   6.190   6.879   1.00 28.31 ? 268 VAL A C   1 
ATOM   1243 O O   . VAL A 1 155 ? 3.463   5.575   7.481   1.00 30.00 ? 268 VAL A O   1 
ATOM   1244 C CB  . VAL A 1 155 ? 6.121   4.460   6.899   1.00 27.76 ? 268 VAL A CB  1 
ATOM   1245 C CG1 . VAL A 1 155 ? 5.933   4.362   5.514   1.00 31.52 ? 268 VAL A CG1 1 
ATOM   1246 C CG2 . VAL A 1 155 ? 7.483   4.044   7.270   1.00 28.26 ? 268 VAL A CG2 1 
ATOM   1247 N N   . ARG A 1 156 ? 4.182   7.014   5.877   1.00 26.15 ? 269 ARG A N   1 
ATOM   1248 C CA  . ARG A 1 156 ? 2.823   7.276   5.404   1.00 26.64 ? 269 ARG A CA  1 
ATOM   1249 C C   . ARG A 1 156 ? 2.637   6.529   4.071   1.00 28.51 ? 269 ARG A C   1 
ATOM   1250 O O   . ARG A 1 156 ? 3.326   6.864   3.068   1.00 29.74 ? 269 ARG A O   1 
ATOM   1251 C CB  . ARG A 1 156 ? 2.641   8.708   5.082   1.00 26.24 ? 269 ARG A CB  1 
ATOM   1252 C CG  . ARG A 1 156 ? 1.208   9.042   4.533   1.00 33.88 ? 269 ARG A CG  1 
ATOM   1253 C CD  . ARG A 1 156 ? 0.853   10.558  4.470   1.00 39.25 ? 269 ARG A CD  1 
ATOM   1254 N NE  . ARG A 1 156 ? -0.282  10.784  3.644   1.00 42.98 ? 269 ARG A NE  1 
ATOM   1255 C CZ  . ARG A 1 156 ? -1.502  10.872  4.146   1.00 46.50 ? 269 ARG A CZ  1 
ATOM   1256 N NH1 . ARG A 1 156 ? -1.619  10.768  5.452   1.00 41.43 ? 269 ARG A NH1 1 
ATOM   1257 N NH2 . ARG A 1 156 ? -2.600  10.960  3.348   1.00 50.14 ? 269 ARG A NH2 1 
ATOM   1258 N N   . PHE A 1 157 ? 1.696   5.598   4.034   1.00 27.84 ? 270 PHE A N   1 
ATOM   1259 C CA  . PHE A 1 157 ? 1.488   4.785   2.853   1.00 29.46 ? 270 PHE A CA  1 
ATOM   1260 C C   . PHE A 1 157 ? 0.169   5.186   2.222   1.00 29.00 ? 270 PHE A C   1 
ATOM   1261 O O   . PHE A 1 157 ? -0.845  5.143   2.881   1.00 29.03 ? 270 PHE A O   1 
ATOM   1262 C CB  . PHE A 1 157 ? 1.467   3.268   3.241   1.00 29.59 ? 270 PHE A CB  1 
ATOM   1263 C CG  . PHE A 1 157 ? 1.140   2.300   2.089   1.00 23.62 ? 270 PHE A CG  1 
ATOM   1264 C CD1 . PHE A 1 157 ? 2.103   1.417   1.579   1.00 27.98 ? 270 PHE A CD1 1 
ATOM   1265 C CD2 . PHE A 1 157 ? -0.153  2.161   1.653   1.00 31.97 ? 270 PHE A CD2 1 
ATOM   1266 C CE1 . PHE A 1 157 ? 1.770   0.451   0.621   1.00 25.97 ? 270 PHE A CE1 1 
ATOM   1267 C CE2 . PHE A 1 157 ? -0.539  1.209   0.685   1.00 29.75 ? 270 PHE A CE2 1 
ATOM   1268 C CZ  . PHE A 1 157 ? 0.431   0.403   0.111   1.00 27.71 ? 270 PHE A CZ  1 
ATOM   1269 N N   . GLU A 1 158 ? 0.164   5.545   0.983   1.00 27.34 ? 271 GLU A N   1 
ATOM   1270 C CA  . GLU A 1 158 ? -1.088  5.883   0.322   1.00 30.46 ? 271 GLU A CA  1 
ATOM   1271 C C   . GLU A 1 158 ? -1.240  5.456   -1.135  1.00 31.32 ? 271 GLU A C   1 
ATOM   1272 O O   . GLU A 1 158 ? -0.305  5.537   -1.926  1.00 32.13 ? 271 GLU A O   1 
ATOM   1273 C CB  . GLU A 1 158 ? -1.210  7.330   0.334   1.00 32.04 ? 271 GLU A CB  1 
ATOM   1274 C CG  . GLU A 1 158 ? -2.249  7.969   -0.603  1.00 41.42 ? 271 GLU A CG  1 
ATOM   1275 C CD  . GLU A 1 158 ? -2.406  9.527   -0.413  1.00 48.83 ? 271 GLU A CD  1 
ATOM   1276 O OE1 . GLU A 1 158 ? -3.484  9.962   -0.829  1.00 55.02 ? 271 GLU A OE1 1 
ATOM   1277 O OE2 . GLU A 1 158 ? -1.499  10.257  0.150   1.00 56.54 ? 271 GLU A OE2 1 
ATOM   1278 N N   . HIS A 1 159 ? -2.426  4.927   -1.486  1.00 32.79 ? 272 HIS A N   1 
ATOM   1279 C CA  . HIS A 1 159 ? -2.710  4.345   -2.827  1.00 31.44 ? 272 HIS A CA  1 
ATOM   1280 C C   . HIS A 1 159 ? -4.166  4.637   -3.266  1.00 30.68 ? 272 HIS A C   1 
ATOM   1281 O O   . HIS A 1 159 ? -4.980  5.187   -2.518  1.00 29.87 ? 272 HIS A O   1 
ATOM   1282 C CB  . HIS A 1 159 ? -2.264  2.863   -2.887  1.00 32.18 ? 272 HIS A CB  1 
ATOM   1283 C CG  . HIS A 1 159 ? -2.980  1.923   -1.924  1.00 32.00 ? 272 HIS A CG  1 
ATOM   1284 N ND1 . HIS A 1 159 ? -2.888  0.541   -2.034  1.00 25.73 ? 272 HIS A ND1 1 
ATOM   1285 C CD2 . HIS A 1 159 ? -3.923  2.160   -0.989  1.00 31.57 ? 272 HIS A CD2 1 
ATOM   1286 C CE1 . HIS A 1 159 ? -3.707  -0.005  -1.170  1.00 27.29 ? 272 HIS A CE1 1 
ATOM   1287 N NE2 . HIS A 1 159 ? -4.338  0.948   -0.508  1.00 28.17 ? 272 HIS A NE2 1 
ATOM   1288 N N   . GLY A 1 160 ? -4.437  4.401   -4.524  1.00 29.28 ? 273 GLY A N   1 
ATOM   1289 C CA  . GLY A 1 160 ? -5.691  4.786   -5.066  1.00 30.61 ? 273 GLY A CA  1 
ATOM   1290 C C   . GLY A 1 160 ? -5.882  4.201   -6.405  1.00 30.96 ? 273 GLY A C   1 
ATOM   1291 O O   . GLY A 1 160 ? -4.935  3.674   -7.027  1.00 31.43 ? 273 GLY A O   1 
ATOM   1292 N N   . GLY A 1 161 ? -7.103  4.354   -6.871  1.00 29.30 ? 274 GLY A N   1 
ATOM   1293 C CA  . GLY A 1 161 ? -7.462  3.798   -8.146  1.00 28.94 ? 274 GLY A CA  1 
ATOM   1294 C C   . GLY A 1 161 ? -8.695  4.411   -8.611  1.00 28.45 ? 274 GLY A C   1 
ATOM   1295 O O   . GLY A 1 161 ? -9.440  4.932   -7.836  1.00 26.75 ? 274 GLY A O   1 
ATOM   1296 N N   . GLN A 1 162 ? -8.867  4.453   -9.909  1.00 29.36 ? 275 GLN A N   1 
ATOM   1297 C CA  . GLN A 1 162 ? -10.203 4.715   -10.397 1.00 28.32 ? 275 GLN A CA  1 
ATOM   1298 C C   . GLN A 1 162 ? -10.396 4.008   -11.726 1.00 28.10 ? 275 GLN A C   1 
ATOM   1299 O O   . GLN A 1 162 ? -9.473  3.442   -12.246 1.00 29.80 ? 275 GLN A O   1 
ATOM   1300 C CB  . GLN A 1 162 ? -10.423 6.188   -10.568 1.00 27.43 ? 275 GLN A CB  1 
ATOM   1301 C CG  . GLN A 1 162 ? -9.541  6.788   -11.649 1.00 27.63 ? 275 GLN A CG  1 
ATOM   1302 C CD  . GLN A 1 162 ? -9.992  8.184   -12.033 1.00 27.70 ? 275 GLN A CD  1 
ATOM   1303 O OE1 . GLN A 1 162 ? -11.169 8.362   -12.401 1.00 28.22 ? 275 GLN A OE1 1 
ATOM   1304 N NE2 . GLN A 1 162 ? -9.109  9.138   -12.018 1.00 25.56 ? 275 GLN A NE2 1 
ATOM   1305 N N   . ASP A 1 163 ? -11.583 4.069   -12.315 1.00 26.88 ? 276 ASP A N   1 
ATOM   1306 C CA  . ASP A 1 163 ? -11.722 3.446   -13.573 1.00 28.98 ? 276 ASP A CA  1 
ATOM   1307 C C   . ASP A 1 163 ? -11.318 4.349   -14.771 1.00 30.45 ? 276 ASP A C   1 
ATOM   1308 O O   . ASP A 1 163 ? -10.939 5.582   -14.696 1.00 28.69 ? 276 ASP A O   1 
ATOM   1309 C CB  . ASP A 1 163 ? -13.120 2.811   -13.734 1.00 28.65 ? 276 ASP A CB  1 
ATOM   1310 C CG  . ASP A 1 163 ? -14.207 3.819   -13.914 1.00 33.73 ? 276 ASP A CG  1 
ATOM   1311 O OD1 . ASP A 1 163 ? -14.013 5.007   -14.382 1.00 27.86 ? 276 ASP A OD1 1 
ATOM   1312 O OD2 . ASP A 1 163 ? -15.324 3.472   -13.519 1.00 38.66 ? 276 ASP A OD2 1 
ATOM   1313 N N   . SER A 1 164 ? -11.376 3.758   -15.923 1.00 31.20 ? 277 SER A N   1 
ATOM   1314 C CA  . SER A 1 164 ? -11.163 4.597   -17.081 1.00 32.94 ? 277 SER A CA  1 
ATOM   1315 C C   . SER A 1 164 ? -12.304 4.724   -18.032 1.00 33.30 ? 277 SER A C   1 
ATOM   1316 O O   . SER A 1 164 ? -12.213 5.450   -19.084 1.00 35.64 ? 277 SER A O   1 
ATOM   1317 C CB  . SER A 1 164 ? -9.806  4.254   -17.715 1.00 35.36 ? 277 SER A CB  1 
ATOM   1318 O OG  . SER A 1 164 ? -9.758  3.064   -18.292 1.00 40.30 ? 277 SER A OG  1 
ATOM   1319 N N   . VAL A 1 165 ? -13.485 4.230   -17.590 1.00 31.43 ? 278 VAL A N   1 
ATOM   1320 C CA  . VAL A 1 165 ? -14.658 4.301   -18.439 1.00 30.69 ? 278 VAL A CA  1 
ATOM   1321 C C   . VAL A 1 165 ? -15.760 5.247   -17.826 1.00 28.82 ? 278 VAL A C   1 
ATOM   1322 O O   . VAL A 1 165 ? -16.706 5.471   -18.442 1.00 26.49 ? 278 VAL A O   1 
ATOM   1323 C CB  . VAL A 1 165 ? -15.293 2.953   -18.676 1.00 30.87 ? 278 VAL A CB  1 
ATOM   1324 C CG1 . VAL A 1 165 ? -14.536 2.206   -19.878 1.00 34.27 ? 278 VAL A CG1 1 
ATOM   1325 C CG2 . VAL A 1 165 ? -15.300 2.187   -17.355 1.00 32.63 ? 278 VAL A CG2 1 
ATOM   1326 N N   . TYR A 1 166 ? -15.589 5.742   -16.605 1.00 29.16 ? 279 TYR A N   1 
ATOM   1327 C CA  . TYR A 1 166 ? -16.579 6.553   -15.871 1.00 28.54 ? 279 TYR A CA  1 
ATOM   1328 C C   . TYR A 1 166 ? -17.961 5.807   -15.767 1.00 29.86 ? 279 TYR A C   1 
ATOM   1329 O O   . TYR A 1 166 ? -19.006 6.265   -16.301 1.00 29.69 ? 279 TYR A O   1 
ATOM   1330 C CB  . TYR A 1 166 ? -16.728 7.927   -16.511 1.00 29.12 ? 279 TYR A CB  1 
ATOM   1331 C CG  . TYR A 1 166 ? -17.270 8.932   -15.589 1.00 25.38 ? 279 TYR A CG  1 
ATOM   1332 C CD1 . TYR A 1 166 ? -16.455 9.568   -14.739 1.00 27.23 ? 279 TYR A CD1 1 
ATOM   1333 C CD2 . TYR A 1 166 ? -18.623 9.281   -15.574 1.00 29.47 ? 279 TYR A CD2 1 
ATOM   1334 C CE1 . TYR A 1 166 ? -16.965 10.468  -13.790 1.00 30.53 ? 279 TYR A CE1 1 
ATOM   1335 C CE2 . TYR A 1 166 ? -19.154 10.381  -14.631 1.00 31.94 ? 279 TYR A CE2 1 
ATOM   1336 C CZ  . TYR A 1 166 ? -18.277 10.892  -13.739 1.00 30.41 ? 279 TYR A CZ  1 
ATOM   1337 O OH  . TYR A 1 166 ? -18.539 11.867  -12.792 1.00 31.96 ? 279 TYR A OH  1 
ATOM   1338 N N   . TRP A 1 167 ? -17.905 4.642   -15.097 1.00 31.70 ? 280 TRP A N   1 
ATOM   1339 C CA  . TRP A 1 167 ? -19.019 3.671   -14.946 1.00 33.08 ? 280 TRP A CA  1 
ATOM   1340 C C   . TRP A 1 167 ? -19.603 3.580   -13.484 1.00 33.43 ? 280 TRP A C   1 
ATOM   1341 O O   . TRP A 1 167 ? -18.815 3.513   -12.486 1.00 34.19 ? 280 TRP A O   1 
ATOM   1342 C CB  . TRP A 1 167 ? -18.559 2.300   -15.472 1.00 33.03 ? 280 TRP A CB  1 
ATOM   1343 C CG  . TRP A 1 167 ? -18.650 2.133   -16.959 1.00 30.62 ? 280 TRP A CG  1 
ATOM   1344 C CD1 . TRP A 1 167 ? -18.954 3.136   -17.915 1.00 35.51 ? 280 TRP A CD1 1 
ATOM   1345 C CD2 . TRP A 1 167 ? -18.471 0.908   -17.715 1.00 30.43 ? 280 TRP A CD2 1 
ATOM   1346 N NE1 . TRP A 1 167 ? -18.974 2.585   -19.176 1.00 33.99 ? 280 TRP A NE1 1 
ATOM   1347 C CE2 . TRP A 1 167 ? -18.664 1.228   -19.101 1.00 34.74 ? 280 TRP A CE2 1 
ATOM   1348 C CE3 . TRP A 1 167 ? -18.071 -0.386  -17.393 1.00 30.57 ? 280 TRP A CE3 1 
ATOM   1349 C CZ2 . TRP A 1 167 ? -18.540 0.242   -20.152 1.00 32.22 ? 280 TRP A CZ2 1 
ATOM   1350 C CZ3 . TRP A 1 167 ? -17.950 -1.388  -18.482 1.00 35.46 ? 280 TRP A CZ3 1 
ATOM   1351 C CH2 . TRP A 1 167 ? -18.261 -1.043  -19.803 1.00 34.93 ? 280 TRP A CH2 1 
ATOM   1352 N N   . LYS A 1 168 ? -20.938 3.739   -13.325 1.00 33.30 ? 281 LYS A N   1 
ATOM   1353 C CA  . LYS A 1 168 ? -21.588 3.505   -11.990 1.00 32.08 ? 281 LYS A CA  1 
ATOM   1354 C C   . LYS A 1 168 ? -21.039 2.173   -11.541 1.00 31.60 ? 281 LYS A C   1 
ATOM   1355 O O   . LYS A 1 168 ? -20.850 1.259   -12.337 1.00 30.58 ? 281 LYS A O   1 
ATOM   1356 C CB  . LYS A 1 168 ? -23.157 3.755   -11.933 1.00 32.22 ? 281 LYS A CB  1 
ATOM   1357 C CG  . LYS A 1 168 ? -23.610 5.361   -11.172 1.00 32.10 ? 281 LYS A CG  1 
ATOM   1358 C CD  . LYS A 1 168 ? -24.425 5.394   -9.699  1.00 33.94 ? 281 LYS A CD  1 
ATOM   1359 C CE  . LYS A 1 168 ? -24.259 6.714   -8.607  1.00 38.88 ? 281 LYS A CE  1 
ATOM   1360 N NZ  . LYS A 1 168 ? -23.968 8.457   -9.046  1.00 29.68 ? 281 LYS A NZ  1 
ATOM   1361 N N   . GLY A 1 169 ? -20.610 2.062   -10.286 1.00 33.02 ? 282 GLY A N   1 
ATOM   1362 C CA  . GLY A 1 169 ? -20.052 0.769   -9.855  1.00 32.02 ? 282 GLY A CA  1 
ATOM   1363 C C   . GLY A 1 169 ? -18.567 0.656   -9.512  1.00 30.23 ? 282 GLY A C   1 
ATOM   1364 O O   . GLY A 1 169 ? -17.921 1.638   -9.055  1.00 31.21 ? 282 GLY A O   1 
ATOM   1365 N N   . TRP A 1 170 ? -18.052 -0.558  -9.585  1.00 27.76 ? 283 TRP A N   1 
ATOM   1366 C CA  . TRP A 1 170 ? -16.687 -0.775  -9.106  1.00 28.80 ? 283 TRP A CA  1 
ATOM   1367 C C   . TRP A 1 170 ? -15.722 -1.296  -10.265 1.00 29.17 ? 283 TRP A C   1 
ATOM   1368 O O   . TRP A 1 170 ? -15.310 -2.413  -10.274 1.00 30.60 ? 283 TRP A O   1 
ATOM   1369 C CB  . TRP A 1 170 ? -16.734 -1.638  -7.803  1.00 28.01 ? 283 TRP A CB  1 
ATOM   1370 C CG  . TRP A 1 170 ? -17.345 -0.803  -6.718  1.00 25.84 ? 283 TRP A CG  1 
ATOM   1371 C CD1 . TRP A 1 170 ? -16.720 0.169   -5.983  1.00 24.70 ? 283 TRP A CD1 1 
ATOM   1372 C CD2 . TRP A 1 170 ? -18.765 -0.747  -6.360  1.00 25.78 ? 283 TRP A CD2 1 
ATOM   1373 N NE1 . TRP A 1 170 ? -17.637 0.772   -5.150  1.00 26.94 ? 283 TRP A NE1 1 
ATOM   1374 C CE2 . TRP A 1 170 ? -18.908 0.246   -5.395  1.00 29.66 ? 283 TRP A CE2 1 
ATOM   1375 C CE3 . TRP A 1 170 ? -19.895 -1.539  -6.681  1.00 31.00 ? 283 TRP A CE3 1 
ATOM   1376 C CZ2 . TRP A 1 170 ? -20.184 0.449   -4.666  1.00 28.99 ? 283 TRP A CZ2 1 
ATOM   1377 C CZ3 . TRP A 1 170 ? -21.125 -1.298  -6.040  1.00 33.52 ? 283 TRP A CZ3 1 
ATOM   1378 C CH2 . TRP A 1 170 ? -21.237 -0.323  -4.990  1.00 27.76 ? 283 TRP A CH2 1 
ATOM   1379 N N   . PHE A 1 171 ? -15.310 -0.416  -11.174 1.00 28.42 ? 284 PHE A N   1 
ATOM   1380 C CA  . PHE A 1 171 ? -14.596 -0.794  -12.356 1.00 28.67 ? 284 PHE A CA  1 
ATOM   1381 C C   . PHE A 1 171 ? -13.124 -0.339  -12.350 1.00 29.08 ? 284 PHE A C   1 
ATOM   1382 O O   . PHE A 1 171 ? -12.409 -0.627  -13.301 1.00 28.02 ? 284 PHE A O   1 
ATOM   1383 C CB  . PHE A 1 171 ? -15.392 -0.317  -13.595 1.00 29.60 ? 284 PHE A CB  1 
ATOM   1384 C CG  . PHE A 1 171 ? -16.730 -1.124  -13.874 1.00 28.65 ? 284 PHE A CG  1 
ATOM   1385 C CD1 . PHE A 1 171 ? -16.702 -2.320  -14.524 1.00 26.83 ? 284 PHE A CD1 1 
ATOM   1386 C CD2 . PHE A 1 171 ? -17.933 -0.638  -13.530 1.00 32.10 ? 284 PHE A CD2 1 
ATOM   1387 C CE1 . PHE A 1 171 ? -17.822 -3.037  -14.831 1.00 32.33 ? 284 PHE A CE1 1 
ATOM   1388 C CE2 . PHE A 1 171 ? -19.102 -1.373  -13.744 1.00 35.91 ? 284 PHE A CE2 1 
ATOM   1389 C CZ  . PHE A 1 171 ? -19.014 -2.608  -14.457 1.00 33.21 ? 284 PHE A CZ  1 
ATOM   1390 N N   . GLY A 1 172 ? -12.683 0.228   -11.198 1.00 29.39 ? 285 GLY A N   1 
ATOM   1391 C CA  . GLY A 1 172 ? -11.414 0.869   -11.072 1.00 27.97 ? 285 GLY A CA  1 
ATOM   1392 C C   . GLY A 1 172 ? -10.426 -0.203  -10.630 1.00 27.71 ? 285 GLY A C   1 
ATOM   1393 O O   . GLY A 1 172 ? -10.775 -1.421  -10.566 1.00 26.36 ? 285 GLY A O   1 
ATOM   1394 N N   . ALA A 1 173 ? -9.184  0.277   -10.402 1.00 26.63 ? 286 ALA A N   1 
ATOM   1395 C CA  . ALA A 1 173 ? -8.079  -0.583  -10.018 1.00 27.33 ? 286 ALA A CA  1 
ATOM   1396 C C   . ALA A 1 173 ? -8.492  -1.174  -8.732  1.00 26.86 ? 286 ALA A C   1 
ATOM   1397 O O   . ALA A 1 173 ? -9.184  -0.500  -7.863  1.00 22.36 ? 286 ALA A O   1 
ATOM   1398 C CB  . ALA A 1 173 ? -6.817  0.247   -9.793  1.00 28.94 ? 286 ALA A CB  1 
ATOM   1399 N N   . ARG A 1 174 ? -8.076  -2.431  -8.633  1.00 27.11 ? 287 ARG A N   1 
ATOM   1400 C CA  . ARG A 1 174 ? -8.181  -3.180  -7.386  1.00 28.95 ? 287 ARG A CA  1 
ATOM   1401 C C   . ARG A 1 174 ? -6.881  -3.297  -6.694  1.00 28.94 ? 287 ARG A C   1 
ATOM   1402 O O   . ARG A 1 174 ? -5.838  -3.454  -7.295  1.00 29.40 ? 287 ARG A O   1 
ATOM   1403 C CB  . ARG A 1 174 ? -8.651  -4.553  -7.699  1.00 30.62 ? 287 ARG A CB  1 
ATOM   1404 C CG  . ARG A 1 174 ? -9.928  -4.555  -8.446  1.00 28.26 ? 287 ARG A CG  1 
ATOM   1405 C CD  . ARG A 1 174 ? -10.104 -5.753  -9.388  1.00 26.58 ? 287 ARG A CD  1 
ATOM   1406 N NE  . ARG A 1 174 ? -11.535 -5.816  -9.497  1.00 35.16 ? 287 ARG A NE  1 
ATOM   1407 C CZ  . ARG A 1 174 ? -12.169 -6.862  -10.002 1.00 43.04 ? 287 ARG A CZ  1 
ATOM   1408 N NH1 . ARG A 1 174 ? -11.455 -7.944  -10.437 1.00 37.16 ? 287 ARG A NH1 1 
ATOM   1409 N NH2 . ARG A 1 174 ? -13.517 -6.803  -10.082 1.00 39.82 ? 287 ARG A NH2 1 
ATOM   1410 N N   . VAL A 1 175 ? -6.920  -3.134  -5.413  1.00 30.51 ? 288 VAL A N   1 
ATOM   1411 C CA  . VAL A 1 175 ? -5.691  -3.177  -4.614  1.00 29.79 ? 288 VAL A CA  1 
ATOM   1412 C C   . VAL A 1 175 ? -5.791  -4.126  -3.460  1.00 31.31 ? 288 VAL A C   1 
ATOM   1413 O O   . VAL A 1 175 ? -6.843  -4.140  -2.652  1.00 31.37 ? 288 VAL A O   1 
ATOM   1414 C CB  . VAL A 1 175 ? -5.250  -1.790  -4.039  1.00 29.55 ? 288 VAL A CB  1 
ATOM   1415 C CG1 . VAL A 1 175 ? -4.941  -0.870  -5.201  1.00 33.02 ? 288 VAL A CG1 1 
ATOM   1416 C CG2 . VAL A 1 175 ? -6.207  -1.149  -3.062  1.00 25.56 ? 288 VAL A CG2 1 
ATOM   1417 N N   . THR A 1 176 ? -4.704  -4.907  -3.355  1.00 30.31 ? 289 THR A N   1 
ATOM   1418 C CA  . THR A 1 176 ? -4.553  -5.745  -2.206  1.00 31.27 ? 289 THR A CA  1 
ATOM   1419 C C   . THR A 1 176 ? -3.145  -6.106  -1.835  1.00 30.38 ? 289 THR A C   1 
ATOM   1420 O O   . THR A 1 176 ? -2.228  -5.862  -2.565  1.00 28.16 ? 289 THR A O   1 
ATOM   1421 C CB  . THR A 1 176 ? -5.435  -6.995  -2.386  1.00 31.78 ? 289 THR A CB  1 
ATOM   1422 O OG1 . THR A 1 176 ? -5.614  -7.643  -1.143  1.00 34.14 ? 289 THR A OG1 1 
ATOM   1423 C CG2 . THR A 1 176 ? -4.753  -7.957  -3.219  1.00 34.49 ? 289 THR A CG2 1 
ATOM   1424 N N   . ASN A 1 177 ? -3.021  -6.744  -0.675  1.00 31.78 ? 290 ASN A N   1 
ATOM   1425 C CA  . ASN A 1 177 ? -1.759  -7.397  -0.248  1.00 31.77 ? 290 ASN A CA  1 
ATOM   1426 C C   . ASN A 1 177 ? -0.623  -6.390  -0.065  1.00 30.75 ? 290 ASN A C   1 
ATOM   1427 O O   . ASN A 1 177 ? 0.469   -6.667  -0.301  1.00 31.02 ? 290 ASN A O   1 
ATOM   1428 C CB  . ASN A 1 177 ? -1.377  -8.527  -1.252  1.00 32.20 ? 290 ASN A CB  1 
ATOM   1429 C CG  . ASN A 1 177 ? -0.272  -9.429  -0.703  1.00 32.27 ? 290 ASN A CG  1 
ATOM   1430 O OD1 . ASN A 1 177 ? -0.290  -9.800  0.457   1.00 36.31 ? 290 ASN A OD1 1 
ATOM   1431 N ND2 . ASN A 1 177 ? 0.654   -9.769  -1.527  1.00 27.36 ? 290 ASN A ND2 1 
ATOM   1432 N N   . SER A 1 178 ? -0.978  -5.238  0.400   1.00 30.36 ? 291 SER A N   1 
ATOM   1433 C CA  . SER A 1 178 ? -0.156  -4.194  0.676   1.00 31.90 ? 291 SER A CA  1 
ATOM   1434 C C   . SER A 1 178 ? 0.807   -4.477  1.844   1.00 33.14 ? 291 SER A C   1 
ATOM   1435 O O   . SER A 1 178 ? 0.382   -5.005  2.908   1.00 37.96 ? 291 SER A O   1 
ATOM   1436 C CB  . SER A 1 178 ? -1.114  -2.961  0.937   1.00 32.05 ? 291 SER A CB  1 
ATOM   1437 O OG  . SER A 1 178 ? -2.083  -2.726  -0.158  1.00 35.59 ? 291 SER A OG  1 
ATOM   1438 N N   . SER A 1 179 ? 2.076   -4.033  1.773   1.00 32.19 ? 292 SER A N   1 
ATOM   1439 C CA  . SER A 1 179 ? 2.923   -4.205  2.995   1.00 30.59 ? 292 SER A CA  1 
ATOM   1440 C C   . SER A 1 179 ? 3.993   -3.157  3.107   1.00 31.19 ? 292 SER A C   1 
ATOM   1441 O O   . SER A 1 179 ? 4.365   -2.539  2.086   1.00 29.58 ? 292 SER A O   1 
ATOM   1442 C CB  . SER A 1 179 ? 3.583   -5.576  2.959   1.00 29.84 ? 292 SER A CB  1 
ATOM   1443 O OG  . SER A 1 179 ? 4.281   -5.843  1.700   1.00 28.96 ? 292 SER A OG  1 
ATOM   1444 N N   . VAL A 1 180 ? 4.460   -2.958  4.330   1.00 29.71 ? 293 VAL A N   1 
ATOM   1445 C CA  . VAL A 1 180 ? 5.597   -2.110  4.664   1.00 30.08 ? 293 VAL A CA  1 
ATOM   1446 C C   . VAL A 1 180 ? 6.301   -2.908  5.717   1.00 31.76 ? 293 VAL A C   1 
ATOM   1447 O O   . VAL A 1 180 ? 5.723   -3.386  6.676   1.00 28.28 ? 293 VAL A O   1 
ATOM   1448 C CB  . VAL A 1 180 ? 5.213   -0.809  5.423   1.00 28.97 ? 293 VAL A CB  1 
ATOM   1449 C CG1 . VAL A 1 180 ? 6.422   -0.073  5.926   1.00 31.37 ? 293 VAL A CG1 1 
ATOM   1450 C CG2 . VAL A 1 180 ? 4.419   0.125   4.566   1.00 28.84 ? 293 VAL A CG2 1 
ATOM   1451 N N   . TRP A 1 181 ? 7.572   -3.127  5.537   1.00 33.90 ? 294 TRP A N   1 
ATOM   1452 C CA  . TRP A 1 181 ? 8.291   -3.670  6.693   1.00 36.82 ? 294 TRP A CA  1 
ATOM   1453 C C   . TRP A 1 181 ? 9.674   -3.133  6.776   1.00 33.13 ? 294 TRP A C   1 
ATOM   1454 O O   . TRP A 1 181 ? 10.198  -2.481  5.844   1.00 29.29 ? 294 TRP A O   1 
ATOM   1455 C CB  . TRP A 1 181 ? 8.272   -5.213  6.753   1.00 37.53 ? 294 TRP A CB  1 
ATOM   1456 C CG  . TRP A 1 181 ? 8.612   -5.908  5.494   1.00 45.89 ? 294 TRP A CG  1 
ATOM   1457 C CD1 . TRP A 1 181 ? 9.907   -6.039  4.933   1.00 55.21 ? 294 TRP A CD1 1 
ATOM   1458 C CD2 . TRP A 1 181 ? 7.737   -6.681  4.636   1.00 51.99 ? 294 TRP A CD2 1 
ATOM   1459 N NE1 . TRP A 1 181 ? 9.869   -6.860  3.816   1.00 56.61 ? 294 TRP A NE1 1 
ATOM   1460 C CE2 . TRP A 1 181 ? 8.558   -7.271  3.609   1.00 61.34 ? 294 TRP A CE2 1 
ATOM   1461 C CE3 . TRP A 1 181 ? 6.377   -7.023  4.673   1.00 56.43 ? 294 TRP A CE3 1 
ATOM   1462 C CZ2 . TRP A 1 181 ? 7.992   -8.107  2.570   1.00 63.08 ? 294 TRP A CZ2 1 
ATOM   1463 C CZ3 . TRP A 1 181 ? 5.821   -7.835  3.670   1.00 57.51 ? 294 TRP A CZ3 1 
ATOM   1464 C CH2 . TRP A 1 181 ? 6.609   -8.345  2.625   1.00 63.42 ? 294 TRP A CH2 1 
ATOM   1465 N N   . VAL A 1 182 ? 10.160  -3.277  7.991   1.00 31.70 ? 295 VAL A N   1 
ATOM   1466 C CA  . VAL A 1 182 ? 11.505  -2.913  8.243   1.00 32.67 ? 295 VAL A CA  1 
ATOM   1467 C C   . VAL A 1 182 ? 12.392  -4.141  8.023   1.00 33.70 ? 295 VAL A C   1 
ATOM   1468 O O   . VAL A 1 182 ? 12.341  -5.168  8.713   1.00 32.54 ? 295 VAL A O   1 
ATOM   1469 C CB  . VAL A 1 182 ? 11.745  -2.262  9.550   1.00 31.78 ? 295 VAL A CB  1 
ATOM   1470 C CG1 . VAL A 1 182 ? 13.296  -1.903  9.559   1.00 33.43 ? 295 VAL A CG1 1 
ATOM   1471 C CG2 . VAL A 1 182 ? 10.843  -1.042  9.739   1.00 30.59 ? 295 VAL A CG2 1 
ATOM   1472 N N   . GLU A 1 183 ? 13.287  -4.051  7.123   1.00 35.74 ? 296 GLU A N   1 
ATOM   1473 C CA  . GLU A 1 183 ? 14.021  -5.272  6.925   1.00 41.76 ? 296 GLU A CA  1 
ATOM   1474 C C   . GLU A 1 183 ? 15.517  -5.301  7.347   1.00 42.08 ? 296 GLU A C   1 
ATOM   1475 O O   . GLU A 1 183 ? 16.279  -4.339  7.170   1.00 41.35 ? 296 GLU A O   1 
ATOM   1476 C CB  . GLU A 1 183 ? 13.764  -5.674  5.511   1.00 44.56 ? 296 GLU A CB  1 
ATOM   1477 C CG  . GLU A 1 183 ? 14.942  -6.115  4.698   1.00 52.99 ? 296 GLU A CG  1 
ATOM   1478 C CD  . GLU A 1 183 ? 14.500  -7.252  3.798   1.00 64.87 ? 296 GLU A CD  1 
ATOM   1479 O OE1 . GLU A 1 183 ? 13.629  -8.193  4.218   1.00 64.15 ? 296 GLU A OE1 1 
ATOM   1480 O OE2 . GLU A 1 183 ? 15.028  -7.112  2.651   1.00 73.85 ? 296 GLU A OE2 1 
ATOM   1481 N N   . PRO A 1 184 ? 15.894  -6.423  7.972   1.00 44.57 ? 297 PRO A N   1 
ATOM   1482 C CA  . PRO A 1 184 ? 17.281  -6.599  8.516   1.00 45.44 ? 297 PRO A CA  1 
ATOM   1483 C C   . PRO A 1 184 ? 18.376  -6.777  7.431   1.00 45.30 ? 297 PRO A C   1 
ATOM   1484 O O   . PRO A 1 184 ? 18.049  -7.373  6.365   1.00 48.05 ? 297 PRO A O   1 
ATOM   1485 C CB  . PRO A 1 184 ? 17.129  -7.805  9.436   1.00 46.01 ? 297 PRO A CB  1 
ATOM   1486 C CG  . PRO A 1 184 ? 15.928  -8.601  8.954   1.00 45.55 ? 297 PRO A CG  1 
ATOM   1487 C CD  . PRO A 1 184 ? 15.022  -7.572  8.275   1.00 44.54 ? 297 PRO A CD  1 
ATOM   1488 O OXT . PRO A 1 184 ? 19.469  -6.235  7.652   1.00 42.77 ? 297 PRO A OXT 1 
HETATM 1489 C C1  . NDG B 2 .   ? -23.028 7.499   -17.208 1.00 29.19 ? 1   NDG B C1  1 
HETATM 1490 C C2  . NDG B 2 .   ? -22.625 6.361   -16.247 1.00 31.69 ? 1   NDG B C2  1 
HETATM 1491 C C3  . NDG B 2 .   ? -22.228 5.041   -16.805 1.00 33.45 ? 1   NDG B C3  1 
HETATM 1492 C C4  . NDG B 2 .   ? -22.975 4.645   -18.088 1.00 35.95 ? 1   NDG B C4  1 
HETATM 1493 C C5  . NDG B 2 .   ? -23.337 5.896   -18.828 1.00 32.33 ? 1   NDG B C5  1 
HETATM 1494 C C6  . NDG B 2 .   ? -23.788 5.651   -20.208 1.00 38.21 ? 1   NDG B C6  1 
HETATM 1495 C C7  . NDG B 2 .   ? -22.134 7.328   -13.997 1.00 25.92 ? 1   NDG B C7  1 
HETATM 1496 C C8  . NDG B 2 .   ? -20.884 7.729   -13.186 1.00 29.69 ? 1   NDG B C8  1 
HETATM 1497 O O5  . NDG B 2 .   ? -23.814 7.056   -18.240 1.00 30.21 ? 1   NDG B O5  1 
HETATM 1498 O O3  . NDG B 2 .   ? -22.215 4.076   -15.821 1.00 31.11 ? 1   NDG B O3  1 
HETATM 1499 O O4  . NDG B 2 .   ? -22.332 3.607   -18.865 1.00 35.06 ? 1   NDG B O4  1 
HETATM 1500 O O6  . NDG B 2 .   ? -24.884 6.139   -20.643 1.00 35.90 ? 1   NDG B O6  1 
HETATM 1501 O O7  . NDG B 2 .   ? -23.229 7.630   -13.614 1.00 31.34 ? 1   NDG B O7  1 
HETATM 1502 N N2  . NDG B 2 .   ? -21.771 6.726   -15.131 1.00 31.27 ? 1   NDG B N2  1 
HETATM 1503 O O1  . NDG B 2 .   ? -21.721 7.813   -17.962 1.00 24.65 ? 1   NDG B O1  1 
HETATM 1504 C C1  . NAG B 2 .   ? -22.832 2.291   -18.597 1.00 30.38 ? 2   NAG B C1  1 
HETATM 1505 C C2  . NAG B 2 .   ? -22.789 1.279   -19.715 1.00 29.57 ? 2   NAG B C2  1 
HETATM 1506 C C3  . NAG B 2 .   ? -23.022 -0.185  -19.416 1.00 31.82 ? 2   NAG B C3  1 
HETATM 1507 C C4  . NAG B 2 .   ? -22.442 -0.688  -18.097 1.00 31.44 ? 2   NAG B C4  1 
HETATM 1508 C C5  . NAG B 2 .   ? -22.415 0.453   -17.076 1.00 33.94 ? 2   NAG B C5  1 
HETATM 1509 C C6  . NAG B 2 .   ? -21.549 0.211   -15.824 1.00 36.50 ? 2   NAG B C6  1 
HETATM 1510 C C7  . NAG B 2 .   ? -22.897 2.454   -21.948 1.00 32.32 ? 2   NAG B C7  1 
HETATM 1511 C C8  . NAG B 2 .   ? -23.755 2.830   -23.077 1.00 33.44 ? 2   NAG B C8  1 
HETATM 1512 N N2  . NAG B 2 .   ? -23.438 1.744   -20.901 1.00 32.95 ? 2   NAG B N2  1 
HETATM 1513 O O3  . NAG B 2 .   ? -22.704 -1.044  -20.479 1.00 30.79 ? 2   NAG B O3  1 
HETATM 1514 O O4  . NAG B 2 .   ? -22.927 -1.961  -17.568 1.00 36.43 ? 2   NAG B O4  1 
HETATM 1515 O O5  . NAG B 2 .   ? -22.257 1.845   -17.418 1.00 32.12 ? 2   NAG B O5  1 
HETATM 1516 O O6  . NAG B 2 .   ? -21.886 1.235   -14.863 1.00 29.90 ? 2   NAG B O6  1 
HETATM 1517 O O7  . NAG B 2 .   ? -21.808 2.741   -22.173 1.00 30.14 ? 2   NAG B O7  1 
HETATM 1518 O O   . HOH C 3 .   ? 2.605   13.580  4.206   1.00 18.97 ? 1   HOH A O   1 
HETATM 1519 O O   . HOH C 3 .   ? 12.115  -5.153  11.209  1.00 25.16 ? 2   HOH A O   1 
HETATM 1520 O O   . HOH C 3 .   ? 10.341  -3.260  21.787  1.00 15.97 ? 3   HOH A O   1 
HETATM 1521 O O   . HOH C 3 .   ? 15.809  8.202   10.089  1.00 26.61 ? 4   HOH A O   1 
HETATM 1522 O O   . HOH C 3 .   ? -4.660  -2.600  0.433   1.00 27.15 ? 5   HOH A O   1 
HETATM 1523 O O   . HOH C 3 .   ? -6.685  -1.099  -17.293 1.00 24.98 ? 6   HOH A O   1 
HETATM 1524 O O   . HOH C 3 .   ? 14.554  5.852   -2.126  1.00 25.94 ? 7   HOH A O   1 
HETATM 1525 O O   . HOH C 3 .   ? -4.760  -5.745  -14.437 1.00 29.05 ? 8   HOH A O   1 
HETATM 1526 O O   . HOH C 3 .   ? -16.176 2.370   -11.436 1.00 31.81 ? 9   HOH A O   1 
HETATM 1527 O O   . HOH C 3 .   ? 7.900   11.941  17.155  1.00 26.79 ? 10  HOH A O   1 
HETATM 1528 O O   . HOH C 3 .   ? -7.528  -3.360  -16.463 1.00 30.38 ? 11  HOH A O   1 
HETATM 1529 O O   . HOH C 3 .   ? -20.093 4.607   -20.756 1.00 24.20 ? 12  HOH A O   1 
HETATM 1530 O O   . HOH C 3 .   ? 8.809   -4.716  10.045  1.00 31.89 ? 13  HOH A O   1 
HETATM 1531 O O   . HOH C 3 .   ? 2.571   9.297   1.333   1.00 31.59 ? 14  HOH A O   1 
HETATM 1532 O O   . HOH C 3 .   ? -18.168 14.127  -13.818 1.00 27.28 ? 15  HOH A O   1 
HETATM 1533 O O   . HOH C 3 .   ? 16.384  3.997   -1.425  1.00 27.12 ? 16  HOH A O   1 
HETATM 1534 O O   . HOH C 3 .   ? -26.400 1.186   -20.800 1.00 20.86 ? 17  HOH A O   1 
HETATM 1535 O O   . HOH C 3 .   ? -10.413 -2.196  -14.518 1.00 24.30 ? 18  HOH A O   1 
HETATM 1536 O O   . HOH C 3 .   ? -17.457 -10.118 -3.443  1.00 34.09 ? 19  HOH A O   1 
HETATM 1537 O O   . HOH C 3 .   ? -8.898  -8.464  -10.418 1.00 36.22 ? 20  HOH A O   1 
HETATM 1538 O O   . HOH C 3 .   ? 2.228   9.025   -7.053  1.00 27.81 ? 21  HOH A O   1 
HETATM 1539 O O   . HOH C 3 .   ? 9.711   20.415  11.907  1.00 31.76 ? 22  HOH A O   1 
HETATM 1540 O O   . HOH C 3 .   ? 14.435  16.076  12.518  1.00 34.73 ? 23  HOH A O   1 
HETATM 1541 O O   . HOH C 3 .   ? 12.234  13.628  13.231  1.00 42.96 ? 24  HOH A O   1 
HETATM 1542 O O   . HOH C 3 .   ? 7.836   4.304   21.026  1.00 37.98 ? 25  HOH A O   1 
HETATM 1543 O O   . HOH C 3 .   ? -6.936  -8.062  5.494   1.00 30.56 ? 26  HOH A O   1 
HETATM 1544 O O   . HOH C 3 .   ? -7.782  -11.524 2.532   1.00 43.98 ? 27  HOH A O   1 
HETATM 1545 O O   . HOH C 3 .   ? -12.792 7.724   -14.004 1.00 26.80 ? 28  HOH A O   1 
HETATM 1546 O O   . HOH C 3 .   ? 12.010  -3.268  -3.532  1.00 28.11 ? 29  HOH A O   1 
HETATM 1547 O O   . HOH C 3 .   ? -8.008  -8.843  -12.684 1.00 35.88 ? 30  HOH A O   1 
HETATM 1548 O O   . HOH C 3 .   ? -1.775  -12.088 -13.057 1.00 36.72 ? 31  HOH A O   1 
HETATM 1549 O O   . HOH C 3 .   ? -9.331  -3.875  -19.344 1.00 38.17 ? 32  HOH A O   1 
HETATM 1550 O O   . HOH C 3 .   ? -2.724  -6.046  -20.669 1.00 40.84 ? 33  HOH A O   1 
HETATM 1551 O O   . HOH C 3 .   ? 10.625  3.823   21.179  1.00 54.92 ? 34  HOH A O   1 
HETATM 1552 O O   . HOH C 3 .   ? 3.510   -10.146 8.617   1.00 27.02 ? 35  HOH A O   1 
HETATM 1553 O O   . HOH C 3 .   ? -3.350  5.854   9.834   1.00 26.87 ? 36  HOH A O   1 
HETATM 1554 O O   . HOH C 3 .   ? 9.434   8.870   -6.625  1.00 22.74 ? 37  HOH A O   1 
HETATM 1555 O O   . HOH C 3 .   ? -12.629 -3.212  -9.971  1.00 33.06 ? 38  HOH A O   1 
HETATM 1556 O O   . HOH C 3 .   ? 26.270  -8.042  19.449  1.00 42.55 ? 39  HOH A O   1 
HETATM 1557 O O   . HOH C 3 .   ? -9.190  9.587   8.936   1.00 35.40 ? 40  HOH A O   1 
HETATM 1558 O O   . HOH C 3 .   ? 1.528   3.838   -17.063 1.00 30.79 ? 41  HOH A O   1 
HETATM 1559 O O   . HOH C 3 .   ? -16.931 -2.787  1.234   1.00 34.19 ? 42  HOH A O   1 
HETATM 1560 O O   . HOH C 3 .   ? 22.780  -9.040  14.768  1.00 47.01 ? 43  HOH A O   1 
HETATM 1561 O O   . HOH C 3 .   ? 26.162  -9.701  12.800  1.00 30.33 ? 44  HOH A O   1 
HETATM 1562 O O   . HOH C 3 .   ? -8.016  -3.901  -23.690 1.00 53.86 ? 45  HOH A O   1 
# 
